data_6VY0
#
_entry.id   6VY0
#
_cell.length_a   1.00
_cell.length_b   1.00
_cell.length_c   1.00
_cell.angle_alpha   90.00
_cell.angle_beta   90.00
_cell.angle_gamma   90.00
#
_symmetry.space_group_name_H-M   'P 1'
#
_entity_poly.entity_id   1
_entity_poly.type   'polypeptide(L)'
_entity_poly.pdbx_seq_one_letter_code
;MAKDIGINSDPNSSSVDKLMKSSGVSNPTYTLVWKVWILAVTLYYAIRIPLTLVFPSLFSPLLPLDILASLALIADIPLD
LAFESRRTSGRKPTLLAPSRLPDLLAALPLDLLVFALHLPSPLSLLSLVRLLKLISVQRSATRILSYRINPALLRLLSLV
GFILLAAHGIACGWMSLQPPSENPAGTRYLSAFYWTITTLTTIGYGDITPSTPTQTVYTIVIELLGAAMYGLVIGNIASL
VSKLDAAKLLHRERVERVTAFLSYKRISPELQRRIIEYFDYLWETRRGYEEREVLKELPHPLRLAVAMEIHGDVIEKVAL
FKGAGEEFIRDIILHLEPVIYGPGEYIIRAGEMGSDVYFINRGSVEVLSADEKTRYAILSEGQFFGEMALILRAPRTATV
RARAFCDLYRLDKETFDRILSRYPEIAAQIQELAVRRKELESSGLVPRGSVKHHHH
;
_entity_poly.pdbx_strand_id   A,B,C,D
#
# COMPACT_ATOMS: atom_id res chain seq x y z
N THR A 29 25.74 16.77 25.93
CA THR A 29 24.51 17.33 26.47
C THR A 29 24.57 18.84 26.53
N TYR A 30 25.73 19.38 26.16
CA TYR A 30 25.78 20.82 26.02
C TYR A 30 25.51 21.24 24.59
N THR A 31 25.30 20.26 23.74
CA THR A 31 24.87 20.68 22.43
C THR A 31 23.40 20.39 22.35
N LEU A 32 22.90 19.57 23.28
CA LEU A 32 21.46 19.41 23.37
C LEU A 32 20.88 20.68 23.99
N VAL A 33 21.60 21.26 24.97
CA VAL A 33 21.21 22.57 25.48
C VAL A 33 21.45 23.65 24.44
N TRP A 34 22.42 23.47 23.54
CA TRP A 34 22.57 24.46 22.47
C TRP A 34 21.43 24.38 21.45
N LYS A 35 20.99 23.18 21.13
CA LYS A 35 19.85 23.03 20.25
C LYS A 35 18.59 23.60 20.89
N VAL A 36 18.44 23.44 22.20
CA VAL A 36 17.32 24.05 22.88
C VAL A 36 17.40 25.57 22.86
N TRP A 37 18.62 26.10 22.99
CA TRP A 37 18.76 27.54 22.92
C TRP A 37 18.48 28.09 21.53
N ILE A 38 18.93 27.36 20.50
CA ILE A 38 18.66 27.77 19.13
C ILE A 38 17.18 27.66 18.78
N LEU A 39 16.50 26.62 19.25
CA LEU A 39 15.07 26.53 19.01
C LEU A 39 14.34 27.69 19.68
N ALA A 40 14.75 28.05 20.89
CA ALA A 40 14.11 29.20 21.54
C ALA A 40 14.39 30.48 20.77
N VAL A 41 15.58 30.60 20.20
CA VAL A 41 15.94 31.80 19.45
C VAL A 41 15.11 31.90 18.17
N THR A 42 14.99 30.79 17.44
CA THR A 42 14.26 30.86 16.20
C THR A 42 12.76 30.95 16.44
N LEU A 43 12.30 30.49 17.61
CA LEU A 43 10.90 30.66 17.94
C LEU A 43 10.63 32.12 18.22
N TYR A 44 11.53 32.75 18.98
CA TYR A 44 11.40 34.17 19.27
C TYR A 44 11.34 34.98 17.98
N TYR A 45 12.19 34.65 17.01
CA TYR A 45 12.13 35.39 15.76
C TYR A 45 10.85 35.09 15.01
N ALA A 46 10.39 33.85 15.05
CA ALA A 46 9.17 33.50 14.34
C ALA A 46 7.95 34.15 14.95
N ILE A 47 7.99 34.44 16.24
CA ILE A 47 6.89 35.18 16.84
C ILE A 47 7.08 36.70 16.73
N ARG A 48 8.30 37.18 16.59
CA ARG A 48 8.51 38.62 16.64
C ARG A 48 8.47 39.28 15.27
N ILE A 49 9.10 38.67 14.28
CA ILE A 49 9.33 39.37 13.02
C ILE A 49 8.02 39.74 12.34
N PRO A 50 7.04 38.84 12.22
CA PRO A 50 5.76 39.29 11.65
C PRO A 50 4.98 40.19 12.56
N LEU A 51 5.33 40.23 13.83
CA LEU A 51 4.60 41.12 14.70
C LEU A 51 5.16 42.52 14.66
N THR A 52 6.41 42.66 14.31
CA THR A 52 6.91 44.01 14.16
C THR A 52 6.79 44.49 12.73
N LEU A 53 6.61 43.58 11.76
CA LEU A 53 6.25 44.10 10.44
C LEU A 53 4.84 44.66 10.46
N VAL A 54 3.91 44.02 11.16
CA VAL A 54 2.57 44.59 11.18
C VAL A 54 2.52 45.81 12.07
N PHE A 55 3.06 45.69 13.27
CA PHE A 55 3.08 46.81 14.20
C PHE A 55 4.50 47.33 14.21
N PRO A 56 4.78 48.45 13.54
CA PRO A 56 6.11 49.04 13.68
C PRO A 56 6.29 49.86 14.94
N SER A 57 5.24 49.98 15.76
CA SER A 57 5.40 50.61 17.06
C SER A 57 6.21 49.76 18.03
N LEU A 58 6.35 48.47 17.75
CA LEU A 58 7.27 47.59 18.44
C LEU A 58 8.69 47.70 17.88
N PHE A 59 9.51 46.73 18.28
CA PHE A 59 10.91 46.61 17.87
C PHE A 59 11.82 47.64 18.51
N SER A 60 11.25 48.74 18.98
CA SER A 60 12.11 49.78 19.55
C SER A 60 12.48 49.49 20.99
N PRO A 61 11.56 49.11 21.88
CA PRO A 61 12.03 48.62 23.18
C PRO A 61 12.29 47.12 23.18
N LEU A 62 12.77 46.57 22.07
CA LEU A 62 13.02 45.13 22.01
C LEU A 62 14.15 44.76 21.06
N LEU A 63 14.82 45.75 20.46
CA LEU A 63 16.06 45.48 19.74
C LEU A 63 17.11 44.64 20.48
N PRO A 64 17.30 44.74 21.81
CA PRO A 64 18.36 43.91 22.42
C PRO A 64 18.15 42.42 22.26
N LEU A 65 16.91 41.95 22.30
CA LEU A 65 16.69 40.53 22.05
C LEU A 65 16.90 40.19 20.59
N ASP A 66 16.68 41.14 19.68
CA ASP A 66 17.08 40.92 18.29
C ASP A 66 18.58 40.74 18.16
N ILE A 67 19.36 41.57 18.85
CA ILE A 67 20.81 41.47 18.76
C ILE A 67 21.28 40.14 19.36
N LEU A 68 20.77 39.78 20.55
CA LEU A 68 21.20 38.54 21.19
C LEU A 68 20.80 37.33 20.37
N ALA A 69 19.58 37.32 19.84
CA ALA A 69 19.12 36.17 19.09
C ALA A 69 19.83 36.08 17.74
N SER A 70 20.18 37.22 17.14
CA SER A 70 20.92 37.19 15.87
C SER A 70 22.33 36.68 16.10
N LEU A 71 22.95 37.05 17.23
CA LEU A 71 24.24 36.48 17.54
C LEU A 71 24.14 34.98 17.80
N ALA A 72 23.04 34.54 18.40
CA ALA A 72 22.85 33.11 18.58
C ALA A 72 22.71 32.37 17.25
N LEU A 73 21.97 32.96 16.30
CA LEU A 73 21.82 32.30 15.01
C LEU A 73 23.11 32.32 14.21
N ILE A 74 23.95 33.35 14.38
CA ILE A 74 25.18 33.39 13.61
C ILE A 74 26.31 32.60 14.27
N ALA A 75 26.18 32.28 15.56
CA ALA A 75 27.15 31.46 16.26
C ALA A 75 26.72 30.00 16.40
N ASP A 76 25.52 29.63 15.95
CA ASP A 76 25.14 28.22 16.03
C ASP A 76 25.87 27.33 15.03
N ILE A 77 26.09 27.80 13.81
CA ILE A 77 26.63 26.99 12.72
C ILE A 77 28.08 26.58 12.97
N PRO A 78 28.91 27.37 13.65
CA PRO A 78 30.20 26.80 14.06
C PRO A 78 30.06 25.68 15.07
N LEU A 79 29.07 25.72 15.96
CA LEU A 79 28.90 24.57 16.84
C LEU A 79 28.13 23.44 16.20
N ASP A 80 27.53 23.64 15.03
CA ASP A 80 27.09 22.47 14.25
C ASP A 80 28.22 21.87 13.43
N SER A 99 21.17 23.21 0.76
CA SER A 99 21.06 23.00 2.20
C SER A 99 22.03 23.82 3.03
N ARG A 100 22.45 24.98 2.55
CA ARG A 100 23.39 25.81 3.30
C ARG A 100 22.97 27.27 3.44
N LEU A 101 22.27 27.81 2.45
CA LEU A 101 21.75 29.17 2.33
C LEU A 101 20.76 29.64 3.40
N PRO A 102 20.09 28.76 4.15
CA PRO A 102 19.36 29.26 5.35
C PRO A 102 20.17 30.00 6.39
N ASP A 103 21.33 29.50 6.83
CA ASP A 103 22.08 30.27 7.81
C ASP A 103 22.62 31.57 7.23
N LEU A 104 22.99 31.58 5.94
CA LEU A 104 23.51 32.80 5.33
C LEU A 104 22.42 33.84 5.15
N LEU A 105 21.23 33.40 4.76
CA LEU A 105 20.12 34.33 4.65
C LEU A 105 19.61 34.77 6.02
N ALA A 106 19.74 33.94 7.05
CA ALA A 106 19.41 34.34 8.40
C ALA A 106 20.45 35.27 9.01
N ALA A 107 21.65 35.30 8.47
CA ALA A 107 22.75 36.04 9.07
C ALA A 107 22.64 37.55 8.88
N LEU A 108 22.22 38.01 7.70
CA LEU A 108 22.25 39.43 7.33
C LEU A 108 21.12 40.22 7.98
N PRO A 109 21.42 41.46 8.40
CA PRO A 109 20.45 42.33 9.08
C PRO A 109 19.37 42.84 8.14
N LEU A 110 18.36 42.00 7.89
CA LEU A 110 17.26 42.40 7.05
C LEU A 110 16.24 43.28 7.75
N ASP A 111 16.21 43.32 9.07
CA ASP A 111 15.58 44.47 9.68
C ASP A 111 16.60 45.59 9.85
N LEU A 112 16.22 46.63 10.58
CA LEU A 112 17.00 47.85 10.81
C LEU A 112 17.12 48.67 9.53
N LEU A 113 16.95 48.00 8.38
CA LEU A 113 16.88 48.69 7.11
C LEU A 113 15.49 49.24 6.89
N VAL A 114 14.50 48.44 7.23
CA VAL A 114 13.14 48.91 7.23
C VAL A 114 13.02 50.10 8.14
N PHE A 115 13.65 50.03 9.31
CA PHE A 115 13.46 51.09 10.29
C PHE A 115 14.35 52.31 10.07
N ALA A 116 15.50 52.18 9.40
CA ALA A 116 16.22 53.41 9.11
C ALA A 116 15.85 54.06 7.79
N LEU A 117 15.48 53.28 6.77
CA LEU A 117 15.18 53.88 5.48
C LEU A 117 13.69 53.98 5.20
N HIS A 118 12.84 53.40 6.06
CA HIS A 118 11.40 53.54 5.94
C HIS A 118 10.95 53.01 4.58
N LEU A 119 11.26 51.74 4.35
CA LEU A 119 10.93 51.11 3.10
C LEU A 119 9.42 50.93 2.99
N PRO A 120 8.87 51.05 1.78
CA PRO A 120 7.41 50.98 1.63
C PRO A 120 6.86 49.59 1.85
N SER A 121 5.52 49.51 1.80
CA SER A 121 4.82 48.32 2.28
C SER A 121 5.10 47.06 1.48
N PRO A 122 5.15 47.06 0.14
CA PRO A 122 5.49 45.82 -0.57
C PRO A 122 6.98 45.53 -0.66
N LEU A 123 7.86 46.39 -0.15
CA LEU A 123 9.29 46.11 -0.26
C LEU A 123 9.94 45.88 1.09
N SER A 124 9.33 46.35 2.18
CA SER A 124 9.89 46.13 3.49
C SER A 124 9.79 44.68 3.90
N LEU A 125 8.86 43.96 3.29
CA LEU A 125 8.45 42.62 3.70
C LEU A 125 9.54 41.59 3.50
N LEU A 126 10.56 41.88 2.71
CA LEU A 126 11.71 40.99 2.56
C LEU A 126 12.53 40.84 3.83
N SER A 127 12.28 41.64 4.86
CA SER A 127 12.86 41.36 6.17
C SER A 127 12.33 40.09 6.82
N LEU A 128 11.34 39.41 6.23
CA LEU A 128 10.97 38.07 6.67
C LEU A 128 11.90 36.98 6.16
N VAL A 129 12.93 37.36 5.41
CA VAL A 129 13.86 36.37 4.87
C VAL A 129 14.58 35.63 5.98
N ARG A 130 14.78 36.26 7.14
CA ARG A 130 15.33 35.54 8.27
C ARG A 130 14.52 34.31 8.64
N LEU A 131 13.21 34.31 8.39
CA LEU A 131 12.34 33.20 8.72
C LEU A 131 12.47 31.98 7.80
N LEU A 132 13.34 31.99 6.79
CA LEU A 132 13.68 30.75 6.10
C LEU A 132 14.59 29.84 6.92
N LYS A 133 15.16 30.35 8.01
CA LYS A 133 16.06 29.56 8.84
C LYS A 133 15.30 28.43 9.52
N LEU A 134 13.99 28.62 9.70
CA LEU A 134 13.18 27.63 10.39
C LEU A 134 13.12 26.32 9.63
N ILE A 135 13.38 26.31 8.32
CA ILE A 135 13.43 25.03 7.63
C ILE A 135 14.66 24.24 8.06
N SER A 136 15.78 24.94 8.25
CA SER A 136 17.00 24.29 8.72
C SER A 136 16.85 23.81 10.15
N VAL A 137 16.23 24.64 11.00
CA VAL A 137 16.06 24.21 12.38
C VAL A 137 15.06 23.07 12.46
N GLN A 138 14.06 23.06 11.60
CA GLN A 138 13.15 21.93 11.49
C GLN A 138 13.88 20.64 11.11
N ARG A 139 14.69 20.69 10.05
CA ARG A 139 15.35 19.47 9.63
C ARG A 139 16.45 19.06 10.61
N SER A 140 16.88 19.97 11.48
CA SER A 140 17.85 19.58 12.49
C SER A 140 17.17 19.00 13.72
N ALA A 141 16.06 19.60 14.14
CA ALA A 141 15.33 19.08 15.29
C ALA A 141 14.57 17.81 14.97
N THR A 142 14.35 17.52 13.68
CA THR A 142 13.75 16.25 13.26
C THR A 142 14.76 15.12 13.19
N ARG A 143 16.02 15.40 13.47
CA ARG A 143 17.06 14.39 13.48
C ARG A 143 17.81 14.29 14.81
N ILE A 144 17.84 15.36 15.61
CA ILE A 144 18.56 15.29 16.88
C ILE A 144 17.86 14.45 17.94
N LEU A 145 16.54 14.23 17.84
CA LEU A 145 15.80 13.46 18.86
C LEU A 145 14.79 12.52 18.19
N SER A 146 15.22 11.88 17.12
CA SER A 146 14.40 11.01 16.29
C SER A 146 14.21 9.59 16.83
N TYR A 147 14.87 9.19 17.91
CA TYR A 147 14.64 7.84 18.43
C TYR A 147 14.32 7.69 19.90
N ARG A 148 14.30 8.77 20.67
CA ARG A 148 13.71 8.63 22.01
C ARG A 148 12.23 8.31 21.92
N ILE A 149 11.55 8.84 20.90
CA ILE A 149 10.12 8.62 20.70
C ILE A 149 9.93 8.15 19.26
N ASN A 150 8.70 7.80 18.92
CA ASN A 150 8.38 7.42 17.56
C ASN A 150 8.71 8.57 16.60
N PRO A 151 9.25 8.27 15.42
CA PRO A 151 9.49 9.32 14.41
C PRO A 151 8.26 9.80 13.68
N ALA A 152 7.17 9.06 13.70
CA ALA A 152 5.96 9.54 13.03
C ALA A 152 5.25 10.53 13.92
N LEU A 153 5.25 10.30 15.23
CA LEU A 153 4.67 11.31 16.11
C LEU A 153 5.49 12.58 16.02
N LEU A 154 6.80 12.43 15.79
CA LEU A 154 7.66 13.59 15.59
C LEU A 154 7.27 14.33 14.31
N ARG A 155 7.02 13.59 13.23
CA ARG A 155 6.63 14.29 12.01
C ARG A 155 5.27 14.95 12.15
N LEU A 156 4.35 14.32 12.87
CA LEU A 156 3.05 14.95 13.04
C LEU A 156 3.13 16.20 13.90
N LEU A 157 3.93 16.17 14.96
CA LEU A 157 4.06 17.39 15.75
C LEU A 157 4.80 18.48 15.00
N SER A 158 5.79 18.13 14.19
CA SER A 158 6.44 19.16 13.40
C SER A 158 5.52 19.73 12.33
N LEU A 159 4.67 18.90 11.74
CA LEU A 159 3.75 19.40 10.73
C LEU A 159 2.67 20.28 11.34
N VAL A 160 2.13 19.92 12.50
CA VAL A 160 1.15 20.77 13.14
C VAL A 160 1.80 22.08 13.58
N GLY A 161 3.05 22.03 14.03
CA GLY A 161 3.75 23.25 14.34
C GLY A 161 3.92 24.13 13.11
N PHE A 162 4.30 23.54 11.99
CA PHE A 162 4.45 24.34 10.79
C PHE A 162 3.14 24.86 10.25
N ILE A 163 2.04 24.14 10.49
CA ILE A 163 0.80 24.65 9.95
C ILE A 163 0.29 25.81 10.79
N LEU A 164 0.41 25.71 12.12
CA LEU A 164 0.06 26.89 12.91
C LEU A 164 0.99 28.05 12.65
N LEU A 165 2.29 27.80 12.53
CA LEU A 165 3.21 28.91 12.35
C LEU A 165 3.14 29.52 10.95
N ALA A 166 2.58 28.82 9.97
CA ALA A 166 2.37 29.49 8.70
C ALA A 166 1.01 30.15 8.64
N ALA A 167 0.04 29.61 9.38
CA ALA A 167 -1.24 30.30 9.47
C ALA A 167 -1.06 31.61 10.21
N HIS A 168 -0.09 31.64 11.12
CA HIS A 168 0.28 32.88 11.77
C HIS A 168 0.82 33.90 10.77
N GLY A 169 1.69 33.48 9.87
CA GLY A 169 2.24 34.43 8.92
C GLY A 169 1.22 34.91 7.92
N ILE A 170 0.33 34.01 7.49
CA ILE A 170 -0.72 34.42 6.56
C ILE A 170 -1.71 35.36 7.23
N ALA A 171 -1.99 35.12 8.51
CA ALA A 171 -2.86 36.02 9.25
C ALA A 171 -2.17 37.36 9.42
N CYS A 172 -0.85 37.33 9.57
CA CYS A 172 -0.08 38.55 9.67
C CYS A 172 -0.13 39.32 8.35
N GLY A 173 -0.13 38.61 7.23
CA GLY A 173 -0.25 39.28 5.95
C GLY A 173 -1.62 39.93 5.79
N TRP A 174 -2.66 39.20 6.21
CA TRP A 174 -3.99 39.78 6.20
C TRP A 174 -4.10 41.02 7.06
N MET A 175 -3.51 40.98 8.26
CA MET A 175 -3.54 42.19 9.08
C MET A 175 -2.70 43.29 8.49
N SER A 176 -1.69 42.94 7.70
CA SER A 176 -0.90 43.98 7.06
C SER A 176 -1.74 44.70 6.02
N LEU A 177 -2.38 43.95 5.12
CA LEU A 177 -3.16 44.63 4.11
C LEU A 177 -4.60 44.79 4.56
N GLN A 178 -4.80 45.30 5.76
CA GLN A 178 -6.13 45.68 6.16
C GLN A 178 -6.33 47.18 6.09
N PRO A 179 -7.58 47.63 6.03
CA PRO A 179 -7.86 49.04 6.19
C PRO A 179 -7.49 49.48 7.59
N PRO A 180 -6.82 50.63 7.72
CA PRO A 180 -6.40 51.11 9.04
C PRO A 180 -7.58 51.63 9.84
N SER A 181 -7.77 51.06 11.03
CA SER A 181 -8.86 51.48 11.88
C SER A 181 -8.48 51.19 13.32
N GLU A 182 -9.11 51.91 14.24
CA GLU A 182 -8.80 51.75 15.64
C GLU A 182 -9.40 50.47 16.22
N ASN A 183 -8.53 49.60 16.73
CA ASN A 183 -8.89 48.27 17.19
C ASN A 183 -7.75 47.69 18.01
N PRO A 184 -8.03 47.06 19.14
CA PRO A 184 -6.95 46.50 19.95
C PRO A 184 -6.27 45.36 19.21
N ALA A 185 -4.94 45.29 19.36
CA ALA A 185 -4.17 44.40 18.50
C ALA A 185 -4.38 42.97 18.94
N GLY A 186 -5.21 42.82 19.96
CA GLY A 186 -5.67 41.52 20.37
C GLY A 186 -6.97 41.26 19.66
N THR A 187 -7.82 42.28 19.56
CA THR A 187 -9.06 42.01 18.90
C THR A 187 -8.81 41.97 17.41
N ARG A 188 -7.62 42.41 17.01
CA ARG A 188 -7.23 42.25 15.62
C ARG A 188 -6.38 41.01 15.43
N TYR A 189 -5.88 40.42 16.51
CA TYR A 189 -5.37 39.07 16.31
C TYR A 189 -6.49 38.07 16.34
N LEU A 190 -7.49 38.30 17.17
CA LEU A 190 -8.55 37.32 17.21
C LEU A 190 -9.36 37.39 15.93
N SER A 191 -9.54 38.60 15.37
CA SER A 191 -10.25 38.68 14.10
C SER A 191 -9.41 38.19 12.93
N ALA A 192 -8.10 38.44 12.92
CA ALA A 192 -7.33 37.92 11.79
C ALA A 192 -7.15 36.42 11.85
N PHE A 193 -7.02 35.88 13.05
CA PHE A 193 -6.87 34.45 13.20
C PHE A 193 -8.19 33.74 12.99
N TYR A 194 -9.29 34.34 13.43
CA TYR A 194 -10.61 33.80 13.13
C TYR A 194 -10.90 33.82 11.65
N TRP A 195 -10.49 34.87 10.95
CA TRP A 195 -10.68 34.89 9.52
C TRP A 195 -9.86 33.82 8.84
N THR A 196 -8.58 33.70 9.20
CA THR A 196 -7.74 32.77 8.46
C THR A 196 -7.92 31.33 8.91
N ILE A 197 -8.70 31.09 9.94
CA ILE A 197 -9.12 29.73 10.22
C ILE A 197 -10.44 29.44 9.53
N THR A 198 -11.28 30.46 9.39
CA THR A 198 -12.48 30.27 8.60
C THR A 198 -12.09 29.94 7.18
N THR A 199 -10.95 30.47 6.75
CA THR A 199 -10.51 30.23 5.39
C THR A 199 -9.78 28.89 5.31
N LEU A 200 -8.91 28.62 6.27
CA LEU A 200 -8.12 27.41 6.20
C LEU A 200 -8.98 26.17 6.44
N THR A 201 -10.01 26.26 7.27
CA THR A 201 -10.87 25.11 7.55
C THR A 201 -12.04 24.91 6.61
N THR A 202 -12.01 25.45 5.39
CA THR A 202 -13.11 25.32 4.42
C THR A 202 -14.48 25.39 5.07
N ILE A 203 -14.69 26.33 5.99
CA ILE A 203 -15.97 26.50 6.64
C ILE A 203 -16.80 27.57 5.94
N GLY A 204 -16.32 28.81 5.93
CA GLY A 204 -16.92 29.89 5.19
C GLY A 204 -18.19 30.55 5.65
N TYR A 205 -18.12 31.28 6.76
CA TYR A 205 -19.27 32.06 7.20
C TYR A 205 -19.60 33.17 6.22
N GLY A 206 -18.61 33.93 5.80
CA GLY A 206 -18.82 35.04 4.88
C GLY A 206 -19.11 36.33 5.60
N ASP A 207 -18.82 36.37 6.90
CA ASP A 207 -19.00 37.55 7.73
C ASP A 207 -17.93 38.59 7.46
N ILE A 208 -16.75 38.17 7.06
CA ILE A 208 -15.72 39.08 6.56
C ILE A 208 -15.18 38.58 5.23
N THR A 209 -15.23 39.45 4.23
CA THR A 209 -15.11 39.15 2.82
C THR A 209 -14.11 40.15 2.26
N PRO A 210 -13.59 39.93 1.06
CA PRO A 210 -12.71 40.94 0.47
C PRO A 210 -13.52 42.17 0.09
N SER A 211 -12.88 43.33 0.08
CA SER A 211 -13.56 44.53 -0.37
C SER A 211 -12.90 45.15 -1.59
N THR A 212 -11.60 45.44 -1.52
CA THR A 212 -10.90 46.05 -2.63
C THR A 212 -10.49 44.94 -3.58
N PRO A 213 -10.10 45.28 -4.81
CA PRO A 213 -9.59 44.20 -5.69
C PRO A 213 -8.29 43.60 -5.18
N THR A 214 -7.41 44.40 -4.58
CA THR A 214 -6.17 43.81 -4.09
C THR A 214 -6.41 42.98 -2.82
N GLN A 215 -7.55 43.17 -2.15
CA GLN A 215 -7.94 42.21 -1.13
C GLN A 215 -8.52 40.99 -1.78
N THR A 216 -9.17 41.15 -2.93
CA THR A 216 -9.79 39.97 -3.48
C THR A 216 -8.71 39.07 -4.06
N VAL A 217 -7.66 39.67 -4.62
CA VAL A 217 -6.53 38.88 -5.10
C VAL A 217 -5.77 38.24 -3.94
N TYR A 218 -5.59 38.96 -2.83
CA TYR A 218 -4.91 38.34 -1.71
C TYR A 218 -5.74 37.22 -1.11
N THR A 219 -7.05 37.38 -1.12
CA THR A 219 -7.90 36.33 -0.60
C THR A 219 -7.93 35.14 -1.54
N ILE A 220 -7.92 35.39 -2.84
CA ILE A 220 -7.87 34.30 -3.80
C ILE A 220 -6.59 33.50 -3.64
N VAL A 221 -5.46 34.19 -3.49
CA VAL A 221 -4.20 33.48 -3.43
C VAL A 221 -4.05 32.75 -2.11
N ILE A 222 -4.61 33.32 -1.05
CA ILE A 222 -4.50 32.55 0.17
C ILE A 222 -5.60 31.52 0.26
N GLU A 223 -6.64 31.62 -0.57
CA GLU A 223 -7.54 30.49 -0.70
C GLU A 223 -6.89 29.32 -1.40
N LEU A 224 -6.13 29.57 -2.45
CA LEU A 224 -5.40 28.44 -3.03
C LEU A 224 -4.38 27.85 -2.07
N LEU A 225 -3.62 28.68 -1.37
CA LEU A 225 -2.66 28.10 -0.43
C LEU A 225 -3.35 27.46 0.77
N GLY A 226 -4.48 27.99 1.20
CA GLY A 226 -5.19 27.39 2.30
C GLY A 226 -5.77 26.04 1.92
N ALA A 227 -6.34 25.95 0.73
CA ALA A 227 -6.82 24.67 0.25
C ALA A 227 -5.69 23.68 0.07
N ALA A 228 -4.52 24.15 -0.37
CA ALA A 228 -3.39 23.24 -0.52
C ALA A 228 -2.88 22.76 0.83
N MET A 229 -2.74 23.68 1.78
CA MET A 229 -2.26 23.31 3.11
C MET A 229 -3.24 22.44 3.87
N TYR A 230 -4.54 22.69 3.72
CA TYR A 230 -5.52 21.89 4.42
C TYR A 230 -5.67 20.51 3.78
N GLY A 231 -5.47 20.42 2.46
CA GLY A 231 -5.39 19.12 1.83
C GLY A 231 -4.15 18.36 2.28
N LEU A 232 -3.05 19.08 2.48
CA LEU A 232 -1.83 18.47 2.97
C LEU A 232 -2.02 17.98 4.38
N VAL A 233 -2.80 18.72 5.17
CA VAL A 233 -3.05 18.32 6.55
C VAL A 233 -3.88 17.04 6.55
N ILE A 234 -4.89 16.97 5.70
CA ILE A 234 -5.70 15.75 5.67
C ILE A 234 -4.88 14.57 5.16
N GLY A 235 -4.01 14.80 4.18
CA GLY A 235 -3.19 13.70 3.68
C GLY A 235 -2.17 13.20 4.68
N ASN A 236 -1.53 14.11 5.41
CA ASN A 236 -0.56 13.68 6.41
C ASN A 236 -1.22 13.05 7.62
N ILE A 237 -2.41 13.50 7.99
CA ILE A 237 -3.07 12.84 9.12
C ILE A 237 -3.53 11.46 8.73
N ALA A 238 -4.06 11.29 7.51
CA ALA A 238 -4.46 9.94 7.11
C ALA A 238 -3.26 9.02 6.91
N SER A 239 -2.09 9.58 6.58
CA SER A 239 -0.91 8.72 6.54
C SER A 239 -0.33 8.43 7.92
N LEU A 240 -0.50 9.37 8.85
CA LEU A 240 0.07 9.16 10.18
C LEU A 240 -0.80 8.19 10.93
N VAL A 241 -2.10 8.18 10.66
CA VAL A 241 -2.92 7.21 11.37
C VAL A 241 -3.04 5.94 10.56
N SER A 242 -2.51 5.94 9.32
CA SER A 242 -2.50 4.70 8.58
C SER A 242 -1.35 3.83 9.06
N LYS A 243 -0.22 4.47 9.40
CA LYS A 243 0.96 3.73 9.85
C LYS A 243 1.13 3.76 11.37
N LEU A 244 0.06 4.02 12.11
CA LEU A 244 0.13 4.21 13.55
C LEU A 244 0.20 2.90 14.32
N ASP A 245 -0.50 1.88 13.82
CA ASP A 245 -0.46 0.52 14.33
C ASP A 245 0.16 -0.42 13.30
N ALA A 246 1.36 -0.91 13.58
CA ALA A 246 2.00 -1.82 12.65
C ALA A 246 2.05 -3.27 13.12
N ALA A 247 2.61 -3.57 14.30
CA ALA A 247 2.65 -4.98 14.72
C ALA A 247 1.26 -5.50 15.07
N LYS A 248 0.39 -4.62 15.54
CA LYS A 248 -0.91 -5.06 15.97
C LYS A 248 -1.89 -5.05 14.83
N LEU A 249 -1.64 -4.22 13.82
CA LEU A 249 -2.50 -4.13 12.61
C LEU A 249 -2.19 -5.32 11.71
N LEU A 250 -0.97 -5.36 11.14
CA LEU A 250 -0.56 -6.47 10.25
C LEU A 250 -0.76 -7.80 10.99
N HIS A 251 -0.24 -7.89 12.22
CA HIS A 251 -0.37 -9.12 13.04
C HIS A 251 -1.86 -9.52 13.11
N ARG A 252 -2.71 -8.59 13.54
CA ARG A 252 -4.17 -8.85 13.64
C ARG A 252 -4.66 -9.37 12.28
N GLU A 253 -4.34 -8.65 11.20
CA GLU A 253 -4.75 -9.05 9.83
C GLU A 253 -4.35 -10.50 9.59
N ARG A 254 -3.09 -10.85 9.86
CA ARG A 254 -2.60 -12.23 9.68
C ARG A 254 -3.54 -13.19 10.42
N VAL A 255 -3.66 -13.00 11.74
CA VAL A 255 -4.56 -13.86 12.57
C VAL A 255 -5.96 -13.84 11.95
N GLU A 256 -6.48 -12.64 11.67
CA GLU A 256 -7.83 -12.48 11.06
C GLU A 256 -7.90 -13.35 9.80
N ARG A 257 -6.92 -13.21 8.91
CA ARG A 257 -6.87 -14.00 7.65
C ARG A 257 -7.04 -15.49 8.00
N VAL A 258 -6.90 -15.82 9.28
CA VAL A 258 -7.04 -17.20 9.73
C VAL A 258 -8.31 -17.40 10.56
N THR A 259 -9.00 -16.34 10.93
CA THR A 259 -10.28 -16.55 11.60
C THR A 259 -11.42 -16.61 10.63
N ALA A 260 -11.45 -15.71 9.65
CA ALA A 260 -12.49 -15.84 8.65
C ALA A 260 -12.29 -17.08 7.81
N PHE A 261 -11.08 -17.63 7.81
CA PHE A 261 -10.94 -18.92 7.19
C PHE A 261 -11.38 -20.04 8.11
N LEU A 262 -10.96 -20.03 9.38
CA LEU A 262 -11.37 -21.16 10.20
C LEU A 262 -12.84 -21.07 10.55
N SER A 263 -13.44 -19.90 10.33
CA SER A 263 -14.88 -19.79 10.35
C SER A 263 -15.44 -20.25 9.02
N TYR A 264 -14.63 -20.22 7.96
CA TYR A 264 -15.09 -20.79 6.70
C TYR A 264 -15.15 -22.30 6.74
N LYS A 265 -14.19 -22.96 7.34
CA LYS A 265 -14.21 -24.42 7.38
C LYS A 265 -15.21 -24.97 8.38
N ARG A 266 -15.93 -24.10 9.10
CA ARG A 266 -16.98 -24.45 10.06
C ARG A 266 -16.36 -25.39 11.08
N ILE A 267 -15.39 -24.89 11.81
CA ILE A 267 -14.66 -25.69 12.76
C ILE A 267 -15.32 -25.61 14.13
N SER A 268 -15.03 -26.57 15.00
CA SER A 268 -15.63 -26.52 16.31
C SER A 268 -14.98 -25.37 17.07
N PRO A 269 -15.71 -24.70 17.95
CA PRO A 269 -15.17 -23.52 18.64
C PRO A 269 -14.09 -23.80 19.66
N GLU A 270 -14.00 -25.01 20.23
CA GLU A 270 -12.93 -25.25 21.18
C GLU A 270 -11.55 -25.18 20.54
N LEU A 271 -11.34 -25.85 19.42
CA LEU A 271 -10.01 -25.72 18.87
C LEU A 271 -9.76 -24.34 18.30
N GLN A 272 -10.80 -23.68 17.79
CA GLN A 272 -10.60 -22.35 17.26
C GLN A 272 -10.30 -21.32 18.34
N ARG A 273 -10.93 -21.45 19.49
CA ARG A 273 -10.59 -20.59 20.62
C ARG A 273 -9.20 -20.89 21.12
N ARG A 274 -8.78 -22.16 21.06
CA ARG A 274 -7.45 -22.49 21.49
C ARG A 274 -6.42 -21.91 20.53
N ILE A 275 -6.76 -21.85 19.26
CA ILE A 275 -5.89 -21.22 18.28
C ILE A 275 -5.83 -19.73 18.52
N ILE A 276 -6.98 -19.14 18.85
CA ILE A 276 -7.03 -17.71 19.10
C ILE A 276 -6.27 -17.37 20.38
N GLU A 277 -6.31 -18.25 21.37
CA GLU A 277 -5.54 -17.98 22.57
C GLU A 277 -4.06 -18.22 22.31
N TYR A 278 -3.75 -19.05 21.32
CA TYR A 278 -2.38 -19.12 20.83
C TYR A 278 -1.93 -17.80 20.23
N PHE A 279 -2.79 -17.17 19.44
CA PHE A 279 -2.40 -15.91 18.84
C PHE A 279 -2.36 -14.80 19.88
N ASP A 280 -3.18 -14.95 20.91
CA ASP A 280 -3.11 -14.03 22.03
C ASP A 280 -1.83 -14.20 22.80
N TYR A 281 -1.37 -15.43 22.98
CA TYR A 281 -0.09 -15.66 23.63
C TYR A 281 1.06 -15.08 22.84
N LEU A 282 1.10 -15.31 21.53
CA LEU A 282 2.26 -14.81 20.78
C LEU A 282 2.23 -13.31 20.59
N TRP A 283 1.06 -12.71 20.75
CA TRP A 283 1.03 -11.25 20.85
C TRP A 283 1.50 -10.82 22.22
N GLU A 284 0.96 -11.41 23.26
CA GLU A 284 1.18 -10.94 24.61
C GLU A 284 2.51 -11.42 25.13
N THR A 285 3.29 -12.04 24.25
CA THR A 285 4.69 -12.26 24.52
C THR A 285 5.58 -11.44 23.60
N ARG A 286 5.52 -11.59 22.28
CA ARG A 286 6.50 -10.85 21.51
C ARG A 286 5.89 -9.82 20.60
N ARG A 287 4.67 -9.36 20.86
CA ARG A 287 4.06 -8.27 20.14
C ARG A 287 4.02 -8.60 18.65
N GLY A 288 3.75 -9.85 18.31
CA GLY A 288 3.45 -10.24 16.96
C GLY A 288 4.67 -10.44 16.09
N TYR A 289 5.84 -10.01 16.55
CA TYR A 289 7.00 -9.99 15.68
C TYR A 289 7.71 -11.33 15.66
N GLU A 290 8.19 -11.74 14.48
CA GLU A 290 8.89 -13.01 14.41
C GLU A 290 10.37 -12.73 14.65
N GLU A 291 11.01 -13.60 15.44
CA GLU A 291 12.37 -13.31 15.86
C GLU A 291 13.30 -13.29 14.65
N ARG A 292 13.06 -14.21 13.73
CA ARG A 292 13.93 -14.43 12.59
C ARG A 292 13.58 -13.57 11.40
N GLU A 293 12.55 -12.73 11.52
CA GLU A 293 12.32 -11.79 10.45
C GLU A 293 12.55 -10.39 10.96
N VAL A 294 12.73 -10.23 12.26
CA VAL A 294 13.23 -8.96 12.75
C VAL A 294 14.74 -8.97 12.53
N LEU A 295 15.45 -9.97 13.07
CA LEU A 295 16.88 -10.04 12.84
C LEU A 295 17.20 -10.88 11.60
N LYS A 296 16.54 -10.60 10.48
CA LYS A 296 17.07 -11.00 9.20
C LYS A 296 17.49 -9.81 8.35
N GLU A 297 17.17 -8.60 8.79
CA GLU A 297 17.54 -7.37 8.11
C GLU A 297 18.84 -6.80 8.64
N LEU A 298 19.63 -7.63 9.31
CA LEU A 298 20.91 -7.30 9.90
C LEU A 298 22.02 -8.04 9.19
N PRO A 299 23.25 -7.54 9.25
CA PRO A 299 24.37 -8.32 8.72
C PRO A 299 24.78 -9.41 9.70
N HIS A 300 25.65 -10.29 9.21
CA HIS A 300 26.10 -11.43 10.01
C HIS A 300 26.80 -11.08 11.32
N PRO A 301 27.70 -10.10 11.38
CA PRO A 301 28.30 -9.78 12.69
C PRO A 301 27.31 -9.14 13.62
N LEU A 302 26.44 -8.31 13.08
CA LEU A 302 25.43 -7.67 13.90
C LEU A 302 24.36 -8.66 14.31
N ARG A 303 24.03 -9.60 13.44
CA ARG A 303 23.06 -10.62 13.81
C ARG A 303 23.63 -11.53 14.89
N LEU A 304 24.92 -11.81 14.80
CA LEU A 304 25.56 -12.57 15.86
C LEU A 304 25.58 -11.82 17.18
N ALA A 305 25.85 -10.52 17.13
CA ALA A 305 25.89 -9.77 18.38
C ALA A 305 24.51 -9.65 18.99
N VAL A 306 23.49 -9.44 18.17
CA VAL A 306 22.13 -9.35 18.69
C VAL A 306 21.65 -10.69 19.25
N ALA A 307 21.92 -11.79 18.57
CA ALA A 307 21.48 -13.06 19.11
C ALA A 307 22.23 -13.42 20.39
N MET A 308 23.51 -13.05 20.49
CA MET A 308 24.20 -13.32 21.74
C MET A 308 23.70 -12.43 22.86
N GLU A 309 23.32 -11.19 22.53
CA GLU A 309 22.80 -10.32 23.57
C GLU A 309 21.40 -10.73 23.96
N ILE A 310 20.63 -11.26 23.03
CA ILE A 310 19.27 -11.64 23.41
C ILE A 310 19.34 -12.90 24.24
N HIS A 311 19.99 -13.92 23.71
CA HIS A 311 20.12 -15.18 24.43
C HIS A 311 21.44 -15.29 25.19
N GLY A 312 21.78 -14.31 26.02
CA GLY A 312 23.07 -14.36 26.69
C GLY A 312 22.95 -15.20 27.93
N ASP A 313 22.04 -14.83 28.83
CA ASP A 313 21.88 -15.65 30.01
C ASP A 313 20.86 -16.72 29.74
N VAL A 314 20.68 -17.02 28.45
CA VAL A 314 19.81 -18.07 27.96
C VAL A 314 20.70 -19.17 27.45
N ILE A 315 21.80 -18.78 26.81
CA ILE A 315 22.69 -19.74 26.21
C ILE A 315 23.61 -20.14 27.35
N GLU A 316 23.54 -19.38 28.45
CA GLU A 316 24.10 -19.71 29.75
C GLU A 316 23.11 -20.37 30.69
N LYS A 317 21.79 -20.23 30.46
CA LYS A 317 20.85 -21.01 31.29
C LYS A 317 21.24 -22.48 31.33
N VAL A 318 21.97 -22.95 30.32
CA VAL A 318 22.16 -24.38 30.14
C VAL A 318 23.25 -24.85 31.08
N ALA A 319 23.14 -26.10 31.52
CA ALA A 319 24.28 -26.80 32.10
C ALA A 319 25.21 -27.34 31.03
N LEU A 320 25.08 -26.86 29.80
CA LEU A 320 25.66 -27.50 28.64
C LEU A 320 26.59 -26.61 27.84
N PHE A 321 26.33 -25.32 27.72
CA PHE A 321 27.17 -24.46 26.92
C PHE A 321 28.09 -23.62 27.77
N LYS A 322 28.15 -23.89 29.06
CA LYS A 322 29.04 -23.17 29.95
C LYS A 322 30.38 -23.88 29.91
N GLY A 323 31.45 -23.12 29.75
CA GLY A 323 32.75 -23.69 29.46
C GLY A 323 32.96 -24.04 28.01
N ALA A 324 31.98 -23.84 27.16
CA ALA A 324 32.13 -24.08 25.72
C ALA A 324 32.90 -22.93 25.09
N GLY A 325 33.22 -23.06 23.80
CA GLY A 325 33.97 -22.00 23.15
C GLY A 325 33.08 -20.80 22.89
N GLU A 326 33.73 -19.65 22.70
CA GLU A 326 33.01 -18.37 22.43
C GLU A 326 32.35 -18.47 21.06
N GLU A 327 33.13 -18.83 20.04
CA GLU A 327 32.61 -18.99 18.65
C GLU A 327 31.52 -20.07 18.66
N PHE A 328 31.78 -21.18 19.35
CA PHE A 328 30.81 -22.30 19.45
C PHE A 328 29.45 -21.74 19.89
N ILE A 329 29.45 -20.97 20.99
CA ILE A 329 28.20 -20.35 21.51
C ILE A 329 27.53 -19.58 20.37
N ARG A 330 28.28 -18.70 19.72
CA ARG A 330 27.75 -17.90 18.57
C ARG A 330 27.13 -18.86 17.56
N ASP A 331 27.88 -19.88 17.13
CA ASP A 331 27.37 -20.87 16.15
C ASP A 331 26.06 -21.45 16.69
N ILE A 332 26.05 -21.91 17.94
CA ILE A 332 24.83 -22.48 18.57
C ILE A 332 23.69 -21.47 18.39
N ILE A 333 23.89 -20.23 18.89
CA ILE A 333 22.86 -19.17 18.75
C ILE A 333 22.50 -19.05 17.26
N LEU A 334 23.51 -18.82 16.42
CA LEU A 334 23.28 -18.70 14.95
C LEU A 334 22.51 -19.93 14.47
N HIS A 335 22.23 -20.86 15.40
CA HIS A 335 21.49 -22.07 15.09
C HIS A 335 20.38 -22.43 16.06
N LEU A 336 20.02 -21.55 16.99
CA LEU A 336 18.90 -21.85 17.88
C LEU A 336 17.55 -21.67 17.21
N GLU A 337 16.66 -22.65 17.38
CA GLU A 337 15.37 -22.56 16.71
C GLU A 337 14.23 -22.56 17.71
N PRO A 338 13.34 -21.59 17.65
CA PRO A 338 12.26 -21.49 18.64
C PRO A 338 11.05 -22.31 18.21
N VAL A 339 10.41 -23.01 19.14
CA VAL A 339 9.13 -23.64 18.83
C VAL A 339 8.20 -23.34 20.01
N ILE A 340 6.89 -23.31 19.74
CA ILE A 340 5.94 -22.95 20.78
C ILE A 340 4.85 -24.00 20.93
N TYR A 341 4.75 -24.57 22.13
CA TYR A 341 3.75 -25.57 22.47
C TYR A 341 2.75 -24.94 23.43
N GLY A 342 1.47 -25.13 23.14
CA GLY A 342 0.45 -24.59 23.99
C GLY A 342 0.32 -25.41 25.25
N PRO A 343 -0.47 -24.94 26.18
CA PRO A 343 -0.61 -25.65 27.46
C PRO A 343 -1.34 -26.97 27.31
N GLY A 344 -0.63 -28.06 27.59
CA GLY A 344 -1.18 -29.38 27.47
C GLY A 344 -0.81 -30.14 26.23
N GLU A 345 -0.06 -29.54 25.31
CA GLU A 345 0.30 -30.24 24.09
C GLU A 345 1.29 -31.36 24.41
N TYR A 346 1.31 -32.38 23.54
CA TYR A 346 2.29 -33.44 23.67
C TYR A 346 3.45 -33.04 22.79
N ILE A 347 4.62 -32.81 23.38
CA ILE A 347 5.77 -32.55 22.54
C ILE A 347 6.45 -33.85 22.19
N ILE A 348 6.73 -34.65 23.23
CA ILE A 348 7.34 -35.95 23.08
C ILE A 348 6.58 -37.01 23.86
N ARG A 349 6.28 -38.11 23.20
CA ARG A 349 5.74 -39.30 23.82
C ARG A 349 6.87 -40.33 23.94
N ALA A 350 7.01 -40.92 25.11
CA ALA A 350 8.10 -41.85 25.37
C ALA A 350 7.87 -43.11 24.56
N GLY A 351 8.86 -43.49 23.76
CA GLY A 351 8.74 -44.63 22.88
C GLY A 351 8.67 -44.25 21.42
N GLU A 352 8.63 -42.96 21.12
CA GLU A 352 8.65 -42.50 19.74
C GLU A 352 10.07 -42.65 19.20
N MET A 353 10.28 -42.37 17.92
CA MET A 353 11.64 -42.39 17.42
C MET A 353 12.53 -41.29 17.97
N GLY A 354 12.22 -40.04 17.66
CA GLY A 354 12.94 -38.93 18.26
C GLY A 354 14.27 -38.65 17.59
N SER A 355 14.57 -37.39 17.30
CA SER A 355 15.83 -37.08 16.63
C SER A 355 16.57 -35.96 17.36
N ASP A 356 15.81 -34.99 17.83
CA ASP A 356 16.32 -33.66 18.15
C ASP A 356 16.16 -33.34 19.63
N VAL A 357 16.99 -32.44 20.11
CA VAL A 357 17.04 -32.10 21.53
C VAL A 357 16.27 -30.81 21.70
N TYR A 358 15.68 -30.62 22.86
CA TYR A 358 14.86 -29.45 23.07
C TYR A 358 15.36 -28.72 24.30
N PHE A 359 15.43 -27.41 24.17
CA PHE A 359 15.80 -26.53 25.27
C PHE A 359 14.63 -25.63 25.61
N ILE A 360 14.21 -25.67 26.87
CA ILE A 360 13.11 -24.82 27.30
C ILE A 360 13.62 -23.42 27.55
N ASN A 361 12.93 -22.43 27.00
CA ASN A 361 13.31 -21.05 27.24
C ASN A 361 12.32 -20.34 28.15
N ARG A 362 11.03 -20.44 27.88
CA ARG A 362 10.11 -19.59 28.62
C ARG A 362 9.07 -20.37 29.41
N GLY A 363 8.39 -21.32 28.77
CA GLY A 363 7.27 -21.95 29.44
C GLY A 363 7.69 -23.09 30.35
N SER A 364 6.69 -23.87 30.74
CA SER A 364 6.90 -25.07 31.54
C SER A 364 6.57 -26.31 30.71
N VAL A 365 6.91 -27.46 31.26
CA VAL A 365 6.62 -28.74 30.63
C VAL A 365 6.67 -29.81 31.71
N GLU A 366 6.12 -30.99 31.43
CA GLU A 366 6.23 -32.05 32.40
C GLU A 366 6.77 -33.30 31.71
N VAL A 367 7.43 -34.13 32.52
CA VAL A 367 8.09 -35.35 32.09
C VAL A 367 7.39 -36.58 32.62
N LEU A 368 7.00 -37.47 31.72
CA LEU A 368 6.27 -38.68 32.05
C LEU A 368 7.08 -39.89 31.60
N SER A 369 6.77 -41.04 32.18
CA SER A 369 7.44 -42.27 31.80
C SER A 369 6.84 -42.81 30.51
N ALA A 370 7.33 -43.98 30.11
CA ALA A 370 6.98 -44.53 28.81
C ALA A 370 5.51 -44.94 28.77
N ASP A 371 4.97 -45.36 29.89
CA ASP A 371 3.56 -45.69 30.00
C ASP A 371 2.72 -44.46 30.29
N GLU A 372 3.37 -43.34 30.52
CA GLU A 372 2.75 -42.07 30.85
C GLU A 372 1.89 -42.22 32.10
N LYS A 373 2.39 -43.03 33.03
CA LYS A 373 1.78 -43.28 34.32
C LYS A 373 2.64 -42.81 35.48
N THR A 374 3.94 -43.10 35.42
CA THR A 374 4.91 -42.73 36.43
C THR A 374 5.61 -41.45 35.97
N ARG A 375 5.47 -40.41 36.76
CA ARG A 375 6.08 -39.12 36.47
C ARG A 375 7.55 -39.11 36.83
N TYR A 376 8.41 -38.87 35.83
CA TYR A 376 9.83 -38.78 36.10
C TYR A 376 10.14 -37.48 36.83
N ALA A 377 9.86 -36.36 36.17
CA ALA A 377 10.11 -35.02 36.68
C ALA A 377 9.18 -34.06 35.97
N ILE A 378 9.40 -32.76 36.18
CA ILE A 378 8.63 -31.71 35.53
C ILE A 378 9.63 -30.61 35.23
N LEU A 379 9.71 -30.20 33.98
CA LEU A 379 10.71 -29.22 33.57
C LEU A 379 10.09 -27.83 33.41
N SER A 380 10.97 -26.84 33.40
CA SER A 380 10.57 -25.44 33.38
C SER A 380 11.48 -24.72 32.40
N GLU A 381 11.46 -23.39 32.43
CA GLU A 381 12.26 -22.68 31.45
C GLU A 381 13.72 -22.77 31.81
N GLY A 382 14.58 -22.77 30.81
CA GLY A 382 15.99 -22.95 31.06
C GLY A 382 16.44 -24.38 30.99
N GLN A 383 15.53 -25.33 31.15
CA GLN A 383 15.88 -26.74 31.17
C GLN A 383 15.74 -27.33 29.76
N PHE A 384 15.86 -28.65 29.64
CA PHE A 384 16.02 -29.23 28.32
C PHE A 384 15.64 -30.71 28.27
N PHE A 385 15.17 -31.14 27.12
CA PHE A 385 14.86 -32.55 26.88
C PHE A 385 15.28 -32.91 25.47
N GLY A 386 15.14 -34.20 25.16
CA GLY A 386 15.52 -34.78 23.89
C GLY A 386 16.99 -34.94 23.71
N GLU A 387 17.74 -34.95 24.81
CA GLU A 387 19.18 -35.06 24.65
C GLU A 387 19.61 -36.48 24.30
N MET A 388 18.77 -37.47 24.57
CA MET A 388 19.11 -38.86 24.24
C MET A 388 18.54 -39.20 22.86
N ALA A 389 18.78 -38.32 21.90
CA ALA A 389 18.42 -38.56 20.52
C ALA A 389 19.50 -38.14 19.52
N LEU A 390 20.38 -37.24 19.94
CA LEU A 390 21.45 -36.79 19.04
C LEU A 390 22.58 -37.80 18.91
N ILE A 391 23.16 -38.26 20.01
CA ILE A 391 24.31 -39.13 19.84
C ILE A 391 23.86 -40.53 19.47
N LEU A 392 22.57 -40.82 19.63
CA LEU A 392 22.08 -42.17 19.54
C LEU A 392 20.76 -42.17 18.80
N ARG A 393 20.48 -43.30 18.15
CA ARG A 393 19.25 -43.53 17.42
C ARG A 393 18.28 -44.36 18.26
N ALA A 394 18.24 -44.07 19.55
CA ALA A 394 17.33 -44.65 20.52
C ALA A 394 15.97 -43.98 20.49
N PRO A 395 14.95 -44.69 20.98
CA PRO A 395 13.62 -44.08 21.10
C PRO A 395 13.50 -43.30 22.40
N ARG A 396 12.47 -42.46 22.42
CA ARG A 396 12.22 -41.59 23.56
C ARG A 396 12.18 -42.35 24.89
N THR A 397 12.76 -41.70 25.90
CA THR A 397 12.92 -42.24 27.24
C THR A 397 11.94 -41.64 28.24
N ALA A 398 11.20 -40.61 27.86
CA ALA A 398 10.24 -40.03 28.77
C ALA A 398 9.17 -39.32 27.95
N THR A 399 7.99 -39.21 28.52
CA THR A 399 6.89 -38.56 27.80
C THR A 399 6.80 -37.10 28.19
N VAL A 400 6.81 -36.24 27.19
CA VAL A 400 6.89 -34.81 27.41
C VAL A 400 5.59 -34.09 27.06
N ARG A 401 4.79 -33.76 28.07
CA ARG A 401 3.56 -33.03 27.84
C ARG A 401 3.82 -31.57 28.15
N ALA A 402 3.27 -30.68 27.34
CA ALA A 402 3.40 -29.28 27.68
C ALA A 402 2.53 -28.97 28.88
N ARG A 403 2.86 -27.88 29.57
CA ARG A 403 2.03 -27.47 30.68
C ARG A 403 1.41 -26.11 30.44
N ALA A 404 2.23 -25.11 30.11
CA ALA A 404 1.75 -23.83 29.61
C ALA A 404 2.27 -23.62 28.18
N PHE A 405 2.08 -22.41 27.65
CA PHE A 405 2.71 -22.06 26.39
C PHE A 405 4.21 -22.02 26.60
N CYS A 406 4.96 -22.54 25.64
CA CYS A 406 6.34 -22.92 25.97
C CYS A 406 7.43 -21.95 25.52
N ASP A 407 7.42 -21.52 24.25
CA ASP A 407 8.55 -20.75 23.71
C ASP A 407 9.84 -21.51 23.94
N LEU A 408 9.95 -22.67 23.31
CA LEU A 408 11.05 -23.59 23.53
C LEU A 408 11.90 -23.77 22.28
N TYR A 409 13.20 -23.93 22.51
CA TYR A 409 14.18 -24.04 21.45
C TYR A 409 14.54 -25.48 21.17
N ARG A 410 14.71 -25.78 19.90
CA ARG A 410 15.02 -27.11 19.43
C ARG A 410 16.27 -27.04 18.59
N LEU A 411 16.94 -28.17 18.47
CA LEU A 411 18.18 -28.26 17.72
C LEU A 411 18.16 -29.43 16.75
N ASP A 412 18.33 -29.14 15.46
CA ASP A 412 18.24 -30.19 14.47
C ASP A 412 19.45 -31.09 14.62
N LYS A 413 19.35 -32.29 14.06
CA LYS A 413 20.45 -33.23 14.17
C LYS A 413 21.65 -32.90 13.27
N GLU A 414 21.45 -32.51 12.01
CA GLU A 414 22.63 -32.28 11.17
C GLU A 414 23.46 -31.09 11.62
N THR A 415 22.81 -30.00 12.03
CA THR A 415 23.62 -28.88 12.49
C THR A 415 24.32 -29.20 13.80
N PHE A 416 23.61 -29.87 14.71
CA PHE A 416 24.21 -30.24 15.98
C PHE A 416 25.36 -31.22 15.84
N ASP A 417 25.20 -32.27 15.05
CA ASP A 417 26.33 -33.17 14.92
C ASP A 417 27.44 -32.61 14.05
N ARG A 418 27.14 -31.54 13.29
CA ARG A 418 28.21 -30.92 12.52
C ARG A 418 29.04 -30.02 13.41
N ILE A 419 28.39 -29.25 14.28
CA ILE A 419 29.17 -28.38 15.13
C ILE A 419 29.46 -29.04 16.47
N LEU A 420 29.05 -30.30 16.64
CA LEU A 420 29.52 -31.11 17.76
C LEU A 420 30.68 -32.00 17.41
N SER A 421 30.91 -32.32 16.13
CA SER A 421 32.02 -33.21 15.88
C SER A 421 33.32 -32.49 16.12
N ARG A 422 33.32 -31.20 15.87
CA ARG A 422 34.49 -30.36 15.99
C ARG A 422 34.64 -29.74 17.37
N TYR A 423 33.72 -29.99 18.30
CA TYR A 423 33.92 -29.62 19.70
C TYR A 423 33.98 -30.80 20.65
N PRO A 424 35.15 -31.10 21.20
CA PRO A 424 35.28 -32.35 21.97
C PRO A 424 34.71 -32.21 23.36
N GLU A 425 34.82 -31.00 23.93
CA GLU A 425 34.47 -30.78 25.32
C GLU A 425 32.97 -30.82 25.55
N ILE A 426 32.18 -30.35 24.59
CA ILE A 426 30.74 -30.49 24.74
C ILE A 426 30.29 -31.92 24.40
N ALA A 427 31.04 -32.61 23.55
CA ALA A 427 30.73 -34.02 23.34
C ALA A 427 31.00 -34.84 24.59
N ALA A 428 31.82 -34.29 25.49
CA ALA A 428 31.94 -34.92 26.80
C ALA A 428 30.94 -34.33 27.77
N GLN A 429 30.54 -33.09 27.57
CA GLN A 429 29.56 -32.52 28.47
C GLN A 429 28.24 -33.25 28.27
N ILE A 430 27.99 -33.68 27.04
CA ILE A 430 26.77 -34.41 26.70
C ILE A 430 26.88 -35.90 26.94
N GLN A 431 28.09 -36.46 27.05
CA GLN A 431 28.10 -37.91 27.26
C GLN A 431 27.66 -38.26 28.67
N THR B 29 -20.78 -16.68 30.43
CA THR B 29 -21.84 -15.87 29.85
C THR B 29 -22.45 -14.94 30.90
N TYR B 30 -21.96 -15.06 32.13
CA TYR B 30 -22.37 -14.07 33.11
C TYR B 30 -21.38 -12.95 33.18
N THR B 31 -20.33 -13.05 32.40
CA THR B 31 -19.47 -11.90 32.36
C THR B 31 -19.76 -11.20 31.06
N LEU B 32 -20.41 -11.92 30.13
CA LEU B 32 -20.88 -11.24 28.94
C LEU B 32 -22.08 -10.39 29.31
N VAL B 33 -22.93 -10.89 30.22
CA VAL B 33 -23.98 -10.05 30.76
C VAL B 33 -23.41 -8.96 31.67
N TRP B 34 -22.26 -9.20 32.30
CA TRP B 34 -21.67 -8.10 33.07
C TRP B 34 -21.10 -7.01 32.17
N LYS B 35 -20.50 -7.40 31.04
CA LYS B 35 -20.03 -6.39 30.10
C LYS B 35 -21.19 -5.62 29.51
N VAL B 36 -22.32 -6.29 29.27
CA VAL B 36 -23.49 -5.58 28.80
C VAL B 36 -24.02 -4.62 29.85
N TRP B 37 -23.96 -5.02 31.12
CA TRP B 37 -24.41 -4.12 32.17
C TRP B 37 -23.48 -2.93 32.32
N ILE B 38 -22.18 -3.16 32.21
CA ILE B 38 -21.22 -2.06 32.29
C ILE B 38 -21.33 -1.11 31.10
N LEU B 39 -21.56 -1.65 29.90
CA LEU B 39 -21.77 -0.76 28.76
C LEU B 39 -23.01 0.08 28.93
N ALA B 40 -24.08 -0.50 29.48
CA ALA B 40 -25.26 0.30 29.72
C ALA B 40 -25.01 1.35 30.79
N VAL B 41 -24.18 1.04 31.77
CA VAL B 41 -23.87 1.99 32.83
C VAL B 41 -23.05 3.16 32.28
N THR B 42 -22.03 2.85 31.48
CA THR B 42 -21.19 3.93 30.97
C THR B 42 -21.91 4.72 29.90
N LEU B 43 -22.89 4.10 29.23
CA LEU B 43 -23.69 4.86 28.28
C LEU B 43 -24.58 5.84 29.02
N TYR B 44 -25.20 5.36 30.10
CA TYR B 44 -26.02 6.24 30.92
C TYR B 44 -25.23 7.43 31.42
N TYR B 45 -23.99 7.20 31.85
CA TYR B 45 -23.21 8.35 32.31
C TYR B 45 -22.83 9.25 31.15
N ALA B 46 -22.54 8.66 29.99
CA ALA B 46 -22.16 9.48 28.84
C ALA B 46 -23.33 10.31 28.34
N ILE B 47 -24.55 9.84 28.54
CA ILE B 47 -25.70 10.66 28.18
C ILE B 47 -26.12 11.61 29.31
N ARG B 48 -25.80 11.29 30.55
CA ARG B 48 -26.32 12.10 31.64
C ARG B 48 -25.39 13.23 32.06
N ILE B 49 -24.10 12.96 32.16
CA ILE B 49 -23.19 13.90 32.80
C ILE B 49 -23.16 15.23 32.05
N PRO B 50 -23.01 15.25 30.72
CA PRO B 50 -23.08 16.56 30.06
C PRO B 50 -24.46 17.15 30.02
N LEU B 51 -25.48 16.36 30.31
CA LEU B 51 -26.80 16.93 30.32
C LEU B 51 -27.11 17.57 31.65
N THR B 52 -26.47 17.10 32.71
CA THR B 52 -26.70 17.78 33.96
C THR B 52 -25.68 18.87 34.20
N LEU B 53 -24.54 18.86 33.48
CA LEU B 53 -23.70 20.04 33.56
C LEU B 53 -24.36 21.21 32.85
N VAL B 54 -25.03 20.97 31.72
CA VAL B 54 -25.67 22.11 31.07
C VAL B 54 -26.93 22.50 31.82
N PHE B 55 -27.77 21.53 32.14
CA PHE B 55 -28.99 21.79 32.87
C PHE B 55 -28.76 21.33 34.28
N PRO B 56 -28.51 22.23 35.24
CA PRO B 56 -28.43 21.79 36.63
C PRO B 56 -29.79 21.61 37.28
N SER B 57 -30.88 21.88 36.55
CA SER B 57 -32.21 21.58 37.06
C SER B 57 -32.48 20.08 37.11
N LEU B 58 -31.71 19.29 36.39
CA LEU B 58 -31.68 17.84 36.51
C LEU B 58 -30.80 17.38 37.67
N PHE B 59 -30.50 16.07 37.65
CA PHE B 59 -29.68 15.39 38.65
C PHE B 59 -30.35 15.24 40.00
N SER B 60 -31.34 16.06 40.29
CA SER B 60 -31.97 15.98 41.60
C SER B 60 -33.00 14.87 41.67
N PRO B 61 -33.92 14.70 40.71
CA PRO B 61 -34.72 13.47 40.74
C PRO B 61 -34.07 12.34 39.97
N LEU B 62 -32.74 12.25 39.98
CA LEU B 62 -32.07 11.20 39.23
C LEU B 62 -30.75 10.77 39.87
N LEU B 63 -30.40 11.32 41.02
CA LEU B 63 -29.28 10.80 41.81
C LEU B 63 -29.27 9.29 42.05
N PRO B 64 -30.41 8.58 42.24
CA PRO B 64 -30.31 7.14 42.50
C PRO B 64 -29.66 6.35 41.38
N LEU B 65 -29.90 6.73 40.13
CA LEU B 65 -29.22 6.04 39.06
C LEU B 65 -27.75 6.41 39.00
N ASP B 66 -27.38 7.61 39.46
CA ASP B 66 -25.97 7.92 39.63
C ASP B 66 -25.32 7.01 40.66
N ILE B 67 -26.00 6.79 41.78
CA ILE B 67 -25.43 5.92 42.82
C ILE B 67 -25.30 4.49 42.32
N LEU B 68 -26.35 3.96 41.67
CA LEU B 68 -26.32 2.58 41.18
C LEU B 68 -25.26 2.40 40.10
N ALA B 69 -25.17 3.36 39.18
CA ALA B 69 -24.22 3.24 38.10
C ALA B 69 -22.80 3.44 38.59
N SER B 70 -22.59 4.28 39.60
CA SER B 70 -21.27 4.45 40.16
C SER B 70 -20.82 3.20 40.89
N LEU B 71 -21.75 2.54 41.59
CA LEU B 71 -21.41 1.26 42.21
C LEU B 71 -21.09 0.22 41.15
N ALA B 72 -21.78 0.26 40.02
CA ALA B 72 -21.46 -0.67 38.93
C ALA B 72 -20.07 -0.42 38.37
N LEU B 73 -19.70 0.86 38.20
CA LEU B 73 -18.36 1.14 37.68
C LEU B 73 -17.27 0.80 38.69
N ILE B 74 -17.55 0.93 39.98
CA ILE B 74 -16.51 0.63 40.96
C ILE B 74 -16.44 -0.86 41.29
N ALA B 75 -17.49 -1.62 40.97
CA ALA B 75 -17.48 -3.06 41.16
C ALA B 75 -17.19 -3.85 39.89
N ASP B 76 -17.03 -3.18 38.75
CA ASP B 76 -16.68 -3.93 37.55
C ASP B 76 -15.24 -4.45 37.52
N ILE B 77 -14.29 -3.68 38.01
CA ILE B 77 -12.86 -3.98 37.91
C ILE B 77 -12.47 -5.20 38.74
N PRO B 78 -13.11 -5.49 39.89
CA PRO B 78 -12.84 -6.80 40.48
C PRO B 78 -13.35 -7.95 39.64
N LEU B 79 -14.45 -7.79 38.91
CA LEU B 79 -14.83 -8.88 38.03
C LEU B 79 -14.09 -8.88 36.70
N ASP B 80 -13.32 -7.84 36.38
CA ASP B 80 -12.34 -7.97 35.31
C ASP B 80 -11.05 -8.61 35.78
N SER B 99 -2.70 2.50 31.45
CA SER B 99 -3.92 1.73 31.20
C SER B 99 -4.64 1.31 32.47
N ARG B 100 -4.53 2.08 33.55
CA ARG B 100 -5.22 1.71 34.79
C ARG B 100 -6.01 2.85 35.42
N LEU B 101 -5.58 4.08 35.26
CA LEU B 101 -6.15 5.34 35.74
C LEU B 101 -7.56 5.70 35.27
N PRO B 102 -8.10 5.13 34.18
CA PRO B 102 -9.56 5.28 33.94
C PRO B 102 -10.49 4.79 35.03
N ASP B 103 -10.32 3.59 35.58
CA ASP B 103 -11.24 3.18 36.64
C ASP B 103 -11.06 4.03 37.91
N LEU B 104 -9.83 4.46 38.20
CA LEU B 104 -9.58 5.25 39.40
C LEU B 104 -10.17 6.65 39.25
N LEU B 105 -10.03 7.23 38.06
CA LEU B 105 -10.64 8.53 37.82
C LEU B 105 -12.15 8.45 37.71
N ALA B 106 -12.69 7.31 37.26
CA ALA B 106 -14.12 7.10 37.24
C ALA B 106 -14.69 6.82 38.63
N ALA B 107 -13.85 6.41 39.57
CA ALA B 107 -14.32 5.99 40.88
C ALA B 107 -14.76 7.14 41.80
N LEU B 108 -14.04 8.26 41.78
CA LEU B 108 -14.24 9.35 42.72
C LEU B 108 -15.47 10.20 42.37
N PRO B 109 -16.21 10.66 43.41
CA PRO B 109 -17.43 11.44 43.22
C PRO B 109 -17.15 12.85 42.73
N LEU B 110 -16.92 12.99 41.44
CA LEU B 110 -16.67 14.31 40.86
C LEU B 110 -17.93 15.13 40.67
N ASP B 111 -19.11 14.51 40.64
CA ASP B 111 -20.28 15.33 40.91
C ASP B 111 -20.53 15.41 42.40
N LEU B 112 -21.69 15.95 42.78
CA LEU B 112 -22.09 16.20 44.17
C LEU B 112 -21.26 17.30 44.79
N LEU B 113 -20.06 17.51 44.25
CA LEU B 113 -19.24 18.63 44.67
C LEU B 113 -19.68 19.90 43.97
N VAL B 114 -19.99 19.76 42.69
CA VAL B 114 -20.58 20.86 41.95
C VAL B 114 -21.87 21.26 42.64
N PHE B 115 -22.66 20.28 43.05
CA PHE B 115 -23.97 20.61 43.59
C PHE B 115 -23.97 21.00 45.06
N ALA B 116 -22.98 20.61 45.85
CA ALA B 116 -22.97 21.13 47.20
C ALA B 116 -22.18 22.42 47.36
N LEU B 117 -21.12 22.63 46.58
CA LEU B 117 -20.31 23.83 46.76
C LEU B 117 -20.57 24.88 45.69
N HIS B 118 -21.35 24.55 44.67
CA HIS B 118 -21.76 25.53 43.66
C HIS B 118 -20.51 26.11 42.99
N LEU B 119 -19.73 25.20 42.41
CA LEU B 119 -18.50 25.59 41.76
C LEU B 119 -18.81 26.39 40.49
N PRO B 120 -17.98 27.38 40.17
CA PRO B 120 -18.27 28.24 39.02
C PRO B 120 -18.11 27.52 37.69
N SER B 121 -18.45 28.26 36.62
CA SER B 121 -18.63 27.64 35.31
C SER B 121 -17.36 27.04 34.71
N PRO B 122 -16.19 27.68 34.76
CA PRO B 122 -14.99 27.01 34.23
C PRO B 122 -14.33 26.01 35.17
N LEU B 123 -14.83 25.83 36.40
CA LEU B 123 -14.19 24.88 37.30
C LEU B 123 -15.08 23.69 37.63
N SER B 124 -16.39 23.81 37.46
CA SER B 124 -17.28 22.71 37.73
C SER B 124 -17.12 21.60 36.71
N LEU B 125 -16.60 21.96 35.54
CA LEU B 125 -16.58 21.12 34.36
C LEU B 125 -15.67 19.91 34.51
N LEU B 126 -14.77 19.91 35.49
CA LEU B 126 -13.96 18.75 35.78
C LEU B 126 -14.75 17.55 36.29
N SER B 127 -16.02 17.72 36.61
CA SER B 127 -16.89 16.56 36.86
C SER B 127 -17.13 15.71 35.61
N LEU B 128 -16.66 16.11 34.43
CA LEU B 128 -16.66 15.23 33.27
C LEU B 128 -15.51 14.23 33.28
N VAL B 129 -14.67 14.26 34.32
CA VAL B 129 -13.55 13.34 34.39
C VAL B 129 -14.02 11.89 34.44
N ARG B 130 -15.20 11.63 35.00
CA ARG B 130 -15.74 10.29 34.93
C ARG B 130 -15.85 9.75 33.50
N LEU B 131 -16.03 10.63 32.52
CA LEU B 131 -16.17 10.23 31.13
C LEU B 131 -14.87 9.80 30.46
N LEU B 132 -13.72 9.81 31.13
CA LEU B 132 -12.55 9.13 30.59
C LEU B 132 -12.63 7.62 30.68
N LYS B 133 -13.60 7.09 31.43
CA LYS B 133 -13.75 5.65 31.59
C LYS B 133 -14.14 5.00 30.28
N LEU B 134 -14.77 5.79 29.40
CA LEU B 134 -15.25 5.26 28.13
C LEU B 134 -14.11 4.80 27.24
N ILE B 135 -12.89 5.30 27.45
CA ILE B 135 -11.78 4.76 26.67
C ILE B 135 -11.48 3.33 27.08
N SER B 136 -11.57 3.06 28.38
CA SER B 136 -11.34 1.71 28.87
C SER B 136 -12.45 0.77 28.45
N VAL B 137 -13.70 1.24 28.50
CA VAL B 137 -14.80 0.39 28.08
C VAL B 137 -14.74 0.16 26.57
N GLN B 138 -14.30 1.16 25.81
CA GLN B 138 -14.06 0.98 24.40
C GLN B 138 -13.01 -0.09 24.12
N ARG B 139 -11.86 0.00 24.77
CA ARG B 139 -10.82 -0.98 24.49
C ARG B 139 -11.18 -2.36 25.04
N SER B 140 -12.15 -2.43 25.95
CA SER B 140 -12.59 -3.73 26.44
C SER B 140 -13.64 -4.34 25.51
N ALA B 141 -14.59 -3.51 25.05
CA ALA B 141 -15.61 -4.00 24.15
C ALA B 141 -15.08 -4.25 22.76
N THR B 142 -13.92 -3.68 22.41
CA THR B 142 -13.26 -3.97 21.14
C THR B 142 -12.46 -5.25 21.18
N ARG B 143 -12.41 -5.93 22.31
CA ARG B 143 -11.72 -7.21 22.44
C ARG B 143 -12.61 -8.33 22.93
N ILE B 144 -13.70 -8.04 23.65
CA ILE B 144 -14.56 -9.13 24.13
C ILE B 144 -15.38 -9.80 23.03
N LEU B 145 -15.62 -9.14 21.89
CA LEU B 145 -16.44 -9.72 20.82
C LEU B 145 -15.83 -9.44 19.46
N SER B 146 -14.50 -9.58 19.38
CA SER B 146 -13.71 -9.28 18.19
C SER B 146 -13.70 -10.37 17.12
N TYR B 147 -14.28 -11.55 17.35
CA TYR B 147 -14.30 -12.55 16.29
C TYR B 147 -15.63 -13.19 15.93
N ARG B 148 -16.72 -12.85 16.61
CA ARG B 148 -18.00 -13.25 16.05
C ARG B 148 -18.26 -12.58 14.72
N ILE B 149 -17.79 -11.34 14.56
CA ILE B 149 -17.97 -10.56 13.34
C ILE B 149 -16.60 -10.07 12.90
N ASN B 150 -16.57 -9.43 11.74
CA ASN B 150 -15.33 -8.84 11.27
C ASN B 150 -14.83 -7.80 12.27
N PRO B 151 -13.52 -7.72 12.51
CA PRO B 151 -12.95 -6.67 13.39
C PRO B 151 -12.89 -5.28 12.77
N ALA B 152 -12.96 -5.17 11.45
CA ALA B 152 -12.93 -3.84 10.86
C ALA B 152 -14.31 -3.21 10.95
N LEU B 153 -15.36 -4.00 10.79
CA LEU B 153 -16.69 -3.45 10.98
C LEU B 153 -16.84 -3.03 12.44
N LEU B 154 -16.18 -3.77 13.34
CA LEU B 154 -16.17 -3.39 14.75
C LEU B 154 -15.46 -2.06 14.95
N ARG B 155 -14.31 -1.86 14.29
CA ARG B 155 -13.63 -0.58 14.47
C ARG B 155 -14.44 0.55 13.87
N LEU B 156 -15.11 0.32 12.75
CA LEU B 156 -15.90 1.38 12.16
C LEU B 156 -17.10 1.75 13.03
N LEU B 157 -17.76 0.75 13.61
CA LEU B 157 -18.88 1.09 14.49
C LEU B 157 -18.41 1.76 15.76
N SER B 158 -17.26 1.36 16.30
CA SER B 158 -16.76 2.05 17.47
C SER B 158 -16.33 3.47 17.15
N LEU B 159 -15.76 3.70 15.97
CA LEU B 159 -15.37 5.05 15.61
C LEU B 159 -16.56 5.95 15.36
N VAL B 160 -17.59 5.44 14.70
CA VAL B 160 -18.80 6.25 14.50
C VAL B 160 -19.47 6.54 15.84
N GLY B 161 -19.45 5.57 16.74
CA GLY B 161 -19.96 5.82 18.08
C GLY B 161 -19.18 6.91 18.79
N PHE B 162 -17.85 6.85 18.71
CA PHE B 162 -17.06 7.88 19.36
C PHE B 162 -17.19 9.24 18.69
N ILE B 163 -17.48 9.26 17.40
CA ILE B 163 -17.59 10.58 16.79
C ILE B 163 -18.91 11.22 17.14
N LEU B 164 -19.99 10.44 17.16
CA LEU B 164 -21.24 11.02 17.64
C LEU B 164 -21.17 11.39 19.11
N LEU B 165 -20.57 10.54 19.94
CA LEU B 165 -20.54 10.83 21.36
C LEU B 165 -19.58 11.96 21.72
N ALA B 166 -18.63 12.29 20.85
CA ALA B 166 -17.84 13.48 21.14
C ALA B 166 -18.47 14.71 20.54
N ALA B 167 -19.21 14.56 19.43
CA ALA B 167 -19.94 15.70 18.91
C ALA B 167 -21.03 16.09 19.89
N HIS B 168 -21.53 15.11 20.63
CA HIS B 168 -22.45 15.40 21.73
C HIS B 168 -21.81 16.25 22.81
N GLY B 169 -20.59 15.92 23.20
CA GLY B 169 -19.95 16.70 24.25
C GLY B 169 -19.58 18.10 23.79
N ILE B 170 -19.14 18.23 22.55
CA ILE B 170 -18.81 19.54 22.02
C ILE B 170 -20.06 20.40 21.88
N ALA B 171 -21.16 19.78 21.48
CA ALA B 171 -22.42 20.49 21.41
C ALA B 171 -22.86 20.90 22.80
N CYS B 172 -22.58 20.05 23.77
CA CYS B 172 -22.88 20.38 25.16
C CYS B 172 -22.05 21.55 25.63
N GLY B 173 -20.80 21.64 25.17
CA GLY B 173 -19.98 22.78 25.54
C GLY B 173 -20.51 24.06 24.92
N TRP B 174 -20.93 23.97 23.66
CA TRP B 174 -21.54 25.13 23.01
C TRP B 174 -22.80 25.57 23.74
N MET B 175 -23.65 24.63 24.14
CA MET B 175 -24.83 25.03 24.89
C MET B 175 -24.47 25.58 26.26
N SER B 176 -23.34 25.15 26.80
CA SER B 176 -22.92 25.70 28.09
C SER B 176 -22.56 27.16 27.93
N LEU B 177 -21.69 27.47 26.97
CA LEU B 177 -21.30 28.87 26.82
C LEU B 177 -22.20 29.57 25.83
N GLN B 178 -23.50 29.44 26.01
CA GLN B 178 -24.41 30.24 25.23
C GLN B 178 -24.99 31.38 26.05
N PRO B 179 -25.49 32.42 25.39
CA PRO B 179 -26.25 33.43 26.09
C PRO B 179 -27.52 32.83 26.64
N PRO B 180 -27.86 33.14 27.89
CA PRO B 180 -29.06 32.56 28.51
C PRO B 180 -30.33 33.19 27.93
N SER B 181 -31.21 32.35 27.42
CA SER B 181 -32.45 32.82 26.85
C SER B 181 -33.48 31.70 26.94
N GLU B 182 -34.74 32.10 26.92
CA GLU B 182 -35.81 31.12 27.02
C GLU B 182 -36.01 30.33 25.73
N ASN B 183 -35.86 29.02 25.83
CA ASN B 183 -35.86 28.13 24.68
C ASN B 183 -36.01 26.68 25.16
N PRO B 184 -36.84 25.88 24.53
CA PRO B 184 -37.00 24.50 24.98
C PRO B 184 -35.71 23.72 24.76
N ALA B 185 -35.40 22.83 25.71
CA ALA B 185 -34.07 22.24 25.74
C ALA B 185 -33.98 21.19 24.65
N GLY B 186 -35.08 21.07 23.91
CA GLY B 186 -35.08 20.27 22.71
C GLY B 186 -34.77 21.19 21.56
N THR B 187 -35.33 22.39 21.58
CA THR B 187 -35.04 23.26 20.46
C THR B 187 -33.64 23.82 20.65
N ARG B 188 -33.10 23.63 21.84
CA ARG B 188 -31.70 23.97 22.05
C ARG B 188 -30.81 22.77 21.89
N TYR B 189 -31.37 21.56 21.88
CA TYR B 189 -30.52 20.49 21.39
C TYR B 189 -30.52 20.44 19.89
N LEU B 190 -31.64 20.76 19.27
CA LEU B 190 -31.63 20.71 17.82
C LEU B 190 -30.77 21.84 17.28
N SER B 191 -30.81 23.01 17.92
CA SER B 191 -29.96 24.08 17.46
C SER B 191 -28.48 23.87 17.79
N ALA B 192 -28.17 23.28 18.94
CA ALA B 192 -26.76 23.06 19.21
C ALA B 192 -26.18 21.94 18.36
N PHE B 193 -26.98 20.91 18.11
CA PHE B 193 -26.53 19.82 17.29
C PHE B 193 -26.47 20.20 15.82
N TYR B 194 -27.43 21.01 15.37
CA TYR B 194 -27.38 21.56 14.03
C TYR B 194 -26.18 22.45 13.82
N TRP B 195 -25.85 23.27 14.83
CA TRP B 195 -24.67 24.09 14.71
C TRP B 195 -23.41 23.25 14.66
N THR B 196 -23.28 22.27 15.55
CA THR B 196 -22.02 21.52 15.59
C THR B 196 -21.92 20.46 14.51
N ILE B 197 -22.98 20.25 13.75
CA ILE B 197 -22.83 19.45 12.54
C ILE B 197 -22.54 20.35 11.36
N THR B 198 -23.06 21.57 11.38
CA THR B 198 -22.67 22.51 10.36
C THR B 198 -21.19 22.78 10.46
N THR B 199 -20.66 22.69 11.67
CA THR B 199 -19.24 22.94 11.86
C THR B 199 -18.44 21.68 11.56
N LEU B 200 -18.91 20.54 12.03
CA LEU B 200 -18.14 19.32 11.84
C LEU B 200 -18.14 18.87 10.39
N THR B 201 -19.22 19.12 9.65
CA THR B 201 -19.31 18.72 8.25
C THR B 201 -18.77 19.72 7.24
N THR B 202 -17.89 20.65 7.63
CA THR B 202 -17.34 21.66 6.72
C THR B 202 -18.37 22.18 5.70
N ILE B 203 -19.57 22.46 6.15
CA ILE B 203 -20.62 22.98 5.29
C ILE B 203 -20.67 24.51 5.35
N GLY B 204 -20.98 25.05 6.53
CA GLY B 204 -20.94 26.48 6.78
C GLY B 204 -21.98 27.41 6.23
N TYR B 205 -23.20 27.30 6.75
CA TYR B 205 -24.23 28.25 6.38
C TYR B 205 -23.90 29.66 6.86
N GLY B 206 -23.52 29.81 8.12
CA GLY B 206 -23.21 31.09 8.68
C GLY B 206 -24.41 31.76 9.29
N ASP B 207 -25.47 30.99 9.52
CA ASP B 207 -26.70 31.47 10.14
C ASP B 207 -26.53 31.67 11.64
N ILE B 208 -25.65 30.91 12.27
CA ILE B 208 -25.24 31.18 13.63
C ILE B 208 -23.73 31.19 13.74
N THR B 209 -23.20 32.27 14.29
CA THR B 209 -21.82 32.70 14.19
C THR B 209 -21.40 33.07 15.61
N PRO B 210 -20.10 33.21 15.88
CA PRO B 210 -19.70 33.67 17.21
C PRO B 210 -20.09 35.12 17.39
N SER B 211 -20.32 35.52 18.64
CA SER B 211 -20.60 36.93 18.90
C SER B 211 -19.56 37.56 19.83
N THR B 212 -19.33 36.98 20.99
CA THR B 212 -18.37 37.52 21.94
C THR B 212 -17.00 37.02 21.55
N PRO B 213 -15.92 37.62 22.08
CA PRO B 213 -14.61 37.05 21.77
C PRO B 213 -14.42 35.67 22.37
N THR B 214 -14.97 35.40 23.56
CA THR B 214 -14.78 34.06 24.09
C THR B 214 -15.64 33.03 23.37
N GLN B 215 -16.66 33.48 22.62
CA GLN B 215 -17.30 32.57 21.68
C GLN B 215 -16.46 32.41 20.45
N THR B 216 -15.72 33.45 20.08
CA THR B 216 -14.99 33.30 18.85
C THR B 216 -13.81 32.37 19.09
N VAL B 217 -13.21 32.44 20.29
CA VAL B 217 -12.15 31.52 20.63
C VAL B 217 -12.67 30.10 20.78
N TYR B 218 -13.86 29.92 21.38
CA TYR B 218 -14.39 28.57 21.48
C TYR B 218 -14.74 28.02 20.11
N THR B 219 -15.21 28.87 19.22
CA THR B 219 -15.53 28.41 17.89
C THR B 219 -14.27 28.11 17.10
N ILE B 220 -13.22 28.90 17.29
CA ILE B 220 -11.95 28.62 16.63
C ILE B 220 -11.39 27.28 17.08
N VAL B 221 -11.45 27.03 18.38
CA VAL B 221 -10.83 25.81 18.88
C VAL B 221 -11.66 24.60 18.49
N ILE B 222 -12.97 24.76 18.44
CA ILE B 222 -13.71 23.60 18.00
C ILE B 222 -13.73 23.51 16.50
N GLU B 223 -13.37 24.56 15.79
CA GLU B 223 -13.11 24.41 14.37
C GLU B 223 -11.86 23.60 14.11
N LEU B 224 -10.79 23.84 14.87
CA LEU B 224 -9.63 22.99 14.69
C LEU B 224 -9.93 21.53 15.06
N LEU B 225 -10.62 21.30 16.18
CA LEU B 225 -10.92 19.90 16.52
C LEU B 225 -11.93 19.29 15.56
N GLY B 226 -12.86 20.08 15.04
CA GLY B 226 -13.82 19.54 14.10
C GLY B 226 -13.17 19.17 12.80
N ALA B 227 -12.26 20.03 12.32
CA ALA B 227 -11.51 19.70 11.12
C ALA B 227 -10.63 18.47 11.34
N ALA B 228 -10.05 18.34 12.53
CA ALA B 228 -9.23 17.16 12.80
C ALA B 228 -10.07 15.90 12.87
N MET B 229 -11.20 15.96 13.56
CA MET B 229 -12.06 14.79 13.68
C MET B 229 -12.70 14.41 12.35
N TYR B 230 -13.07 15.39 11.53
CA TYR B 230 -13.68 15.08 10.26
C TYR B 230 -12.65 14.56 9.26
N GLY B 231 -11.41 15.04 9.36
CA GLY B 231 -10.33 14.44 8.59
C GLY B 231 -10.06 13.01 9.03
N LEU B 232 -10.15 12.77 10.33
CA LEU B 232 -9.98 11.43 10.86
C LEU B 232 -11.09 10.52 10.38
N VAL B 233 -12.28 11.06 10.26
CA VAL B 233 -13.41 10.27 9.79
C VAL B 233 -13.20 9.90 8.33
N ILE B 234 -12.73 10.85 7.53
CA ILE B 234 -12.50 10.52 6.12
C ILE B 234 -11.34 9.53 5.97
N GLY B 235 -10.31 9.66 6.80
CA GLY B 235 -9.21 8.71 6.72
C GLY B 235 -9.57 7.31 7.15
N ASN B 236 -10.36 7.19 8.22
CA ASN B 236 -10.76 5.86 8.67
C ASN B 236 -11.78 5.23 7.75
N ILE B 237 -12.65 6.02 7.12
CA ILE B 237 -13.59 5.41 6.19
C ILE B 237 -12.86 4.95 4.93
N ALA B 238 -11.91 5.74 4.45
CA ALA B 238 -11.17 5.28 3.28
C ALA B 238 -10.27 4.08 3.59
N SER B 239 -9.83 3.94 4.85
CA SER B 239 -9.10 2.72 5.18
C SER B 239 -10.02 1.54 5.41
N LEU B 240 -11.24 1.78 5.89
CA LEU B 240 -12.14 0.68 6.17
C LEU B 240 -12.70 0.16 4.87
N VAL B 241 -12.86 1.03 3.87
CA VAL B 241 -13.37 0.51 2.62
C VAL B 241 -12.21 0.14 1.72
N SER B 242 -10.97 0.45 2.13
CA SER B 242 -9.85 -0.03 1.33
C SER B 242 -9.59 -1.48 1.65
N LYS B 243 -9.76 -1.87 2.92
CA LYS B 243 -9.52 -3.25 3.32
C LYS B 243 -10.80 -4.07 3.46
N LEU B 244 -11.87 -3.64 2.80
CA LEU B 244 -13.18 -4.27 2.97
C LEU B 244 -13.33 -5.55 2.15
N ASP B 245 -12.73 -5.58 0.97
CA ASP B 245 -12.63 -6.76 0.10
C ASP B 245 -11.19 -7.22 -0.02
N ALA B 246 -10.89 -8.36 0.56
CA ALA B 246 -9.53 -8.87 0.47
C ALA B 246 -9.37 -10.09 -0.44
N ALA B 247 -10.11 -11.19 -0.22
CA ALA B 247 -9.92 -12.33 -1.10
C ALA B 247 -10.47 -12.06 -2.50
N LYS B 248 -11.48 -11.21 -2.60
CA LYS B 248 -12.10 -10.98 -3.89
C LYS B 248 -11.40 -9.85 -4.62
N LEU B 249 -10.77 -8.95 -3.86
CA LEU B 249 -10.02 -7.81 -4.44
C LEU B 249 -8.68 -8.32 -4.98
N LEU B 250 -7.80 -8.77 -4.07
CA LEU B 250 -6.47 -9.30 -4.47
C LEU B 250 -6.68 -10.43 -5.48
N HIS B 251 -7.55 -11.39 -5.16
CA HIS B 251 -7.84 -12.52 -6.07
C HIS B 251 -8.20 -11.97 -7.45
N ARG B 252 -9.20 -11.08 -7.51
CA ARG B 252 -9.64 -10.47 -8.79
C ARG B 252 -8.41 -9.86 -9.49
N GLU B 253 -7.64 -9.05 -8.76
CA GLU B 253 -6.43 -8.39 -9.32
C GLU B 253 -5.54 -9.47 -9.97
N ARG B 254 -5.24 -10.55 -9.23
CA ARG B 254 -4.41 -11.65 -9.75
C ARG B 254 -4.99 -12.12 -11.09
N VAL B 255 -6.25 -12.56 -11.09
CA VAL B 255 -6.93 -13.03 -12.34
C VAL B 255 -6.83 -11.90 -13.38
N GLU B 256 -7.21 -10.68 -12.99
CA GLU B 256 -7.15 -9.50 -13.90
C GLU B 256 -5.75 -9.42 -14.52
N ARG B 257 -4.72 -9.45 -13.66
CA ARG B 257 -3.30 -9.38 -14.12
C ARG B 257 -3.09 -10.44 -15.22
N VAL B 258 -4.04 -11.37 -15.34
CA VAL B 258 -3.95 -12.41 -16.36
C VAL B 258 -5.00 -12.24 -17.46
N THR B 259 -5.93 -11.32 -17.30
CA THR B 259 -6.84 -11.07 -18.41
C THR B 259 -6.32 -9.97 -19.31
N ALA B 260 -5.83 -8.88 -18.74
CA ALA B 260 -5.23 -7.87 -19.60
C ALA B 260 -3.96 -8.40 -20.24
N PHE B 261 -3.38 -9.45 -19.68
CA PHE B 261 -2.29 -10.09 -20.41
C PHE B 261 -2.82 -11.02 -21.48
N LEU B 262 -3.79 -11.88 -21.17
CA LEU B 262 -4.21 -12.78 -22.22
C LEU B 262 -5.01 -12.06 -23.28
N SER B 263 -5.44 -10.85 -22.98
CA SER B 263 -5.94 -9.95 -24.00
C SER B 263 -4.80 -9.29 -24.73
N TYR B 264 -3.63 -9.22 -24.07
CA TYR B 264 -2.46 -8.72 -24.76
C TYR B 264 -1.93 -9.68 -25.81
N LYS B 265 -1.91 -10.97 -25.51
CA LYS B 265 -1.40 -11.93 -26.47
C LYS B 265 -2.38 -12.21 -27.60
N ARG B 266 -3.55 -11.58 -27.59
CA ARG B 266 -4.58 -11.69 -28.62
C ARG B 266 -4.92 -13.16 -28.78
N ILE B 267 -5.45 -13.74 -27.72
CA ILE B 267 -5.75 -15.16 -27.70
C ILE B 267 -7.18 -15.39 -28.16
N SER B 268 -7.47 -16.61 -28.58
CA SER B 268 -8.83 -16.88 -29.01
C SER B 268 -9.73 -16.87 -27.78
N PRO B 269 -10.97 -16.43 -27.92
CA PRO B 269 -11.85 -16.31 -26.75
C PRO B 269 -12.29 -17.62 -26.12
N GLU B 270 -12.30 -18.73 -26.84
CA GLU B 270 -12.71 -19.98 -26.19
C GLU B 270 -11.75 -20.41 -25.09
N LEU B 271 -10.46 -20.42 -25.36
CA LEU B 271 -9.61 -20.82 -24.26
C LEU B 271 -9.56 -19.77 -23.16
N GLN B 272 -9.68 -18.50 -23.51
CA GLN B 272 -9.67 -17.46 -22.49
C GLN B 272 -10.91 -17.49 -21.61
N ARG B 273 -12.07 -17.78 -22.19
CA ARG B 273 -13.27 -17.96 -21.38
C ARG B 273 -13.15 -19.20 -20.52
N ARG B 274 -12.49 -20.24 -21.04
CA ARG B 274 -12.33 -21.44 -20.23
C ARG B 274 -11.40 -21.17 -19.07
N ILE B 275 -10.41 -20.31 -19.28
CA ILE B 275 -9.52 -19.92 -18.20
C ILE B 275 -10.28 -19.09 -17.18
N ILE B 276 -11.15 -18.21 -17.67
CA ILE B 276 -11.93 -17.37 -16.79
C ILE B 276 -12.93 -18.19 -16.00
N GLU B 277 -13.47 -19.23 -16.61
CA GLU B 277 -14.38 -20.08 -15.87
C GLU B 277 -13.61 -20.94 -14.90
N TYR B 278 -12.34 -21.19 -15.20
CA TYR B 278 -11.45 -21.78 -14.19
C TYR B 278 -11.30 -20.88 -12.98
N PHE B 279 -11.10 -19.59 -13.22
CA PHE B 279 -10.95 -18.68 -12.09
C PHE B 279 -12.26 -18.48 -11.36
N ASP B 280 -13.35 -18.62 -12.09
CA ASP B 280 -14.65 -18.61 -11.46
C ASP B 280 -14.87 -19.83 -10.60
N TYR B 281 -14.41 -20.98 -11.06
CA TYR B 281 -14.50 -22.18 -10.24
C TYR B 281 -13.67 -22.06 -8.96
N LEU B 282 -12.42 -21.60 -9.08
CA LEU B 282 -11.60 -21.58 -7.87
C LEU B 282 -12.02 -20.47 -6.91
N TRP B 283 -12.75 -19.47 -7.41
CA TRP B 283 -13.39 -18.56 -6.48
C TRP B 283 -14.61 -19.22 -5.86
N GLU B 284 -15.46 -19.80 -6.68
CA GLU B 284 -16.74 -20.28 -6.21
C GLU B 284 -16.60 -21.60 -5.52
N THR B 285 -15.36 -22.03 -5.32
CA THR B 285 -15.07 -23.11 -4.40
C THR B 285 -14.31 -22.63 -3.18
N ARG B 286 -13.12 -22.04 -3.32
CA ARG B 286 -12.42 -21.74 -2.08
C ARG B 286 -12.21 -20.25 -1.85
N ARG B 287 -12.99 -19.39 -2.49
CA ARG B 287 -12.95 -17.97 -2.25
C ARG B 287 -11.55 -17.43 -2.47
N GLY B 288 -10.87 -17.94 -3.48
CA GLY B 288 -9.64 -17.36 -3.94
C GLY B 288 -8.43 -17.77 -3.14
N TYR B 289 -8.63 -18.37 -1.97
CA TYR B 289 -7.51 -18.60 -1.06
C TYR B 289 -6.76 -19.88 -1.40
N GLU B 290 -5.44 -19.84 -1.29
CA GLU B 290 -4.66 -21.03 -1.58
C GLU B 290 -4.53 -21.82 -0.28
N GLU B 291 -4.68 -23.13 -0.36
CA GLU B 291 -4.74 -23.94 0.86
C GLU B 291 -3.41 -23.86 1.60
N ARG B 292 -2.33 -23.87 0.82
CA ARG B 292 -0.98 -23.96 1.35
C ARG B 292 -0.39 -22.61 1.66
N GLU B 293 -1.13 -21.53 1.41
CA GLU B 293 -0.61 -20.26 1.88
C GLU B 293 -1.52 -19.70 2.96
N VAL B 294 -2.66 -20.35 3.17
CA VAL B 294 -3.41 -20.03 4.37
C VAL B 294 -2.75 -20.79 5.51
N LEU B 295 -2.62 -22.12 5.39
CA LEU B 295 -1.94 -22.87 6.44
C LEU B 295 -0.46 -23.00 6.17
N LYS B 296 0.21 -21.90 5.85
CA LYS B 296 1.65 -21.83 6.01
C LYS B 296 2.06 -20.87 7.11
N GLU B 297 1.13 -20.11 7.66
CA GLU B 297 1.37 -19.17 8.75
C GLU B 297 1.09 -19.81 10.10
N LEU B 298 1.06 -21.12 10.14
CA LEU B 298 0.82 -21.93 11.32
C LEU B 298 2.07 -22.71 11.70
N PRO B 299 2.20 -23.10 12.95
CA PRO B 299 3.32 -23.99 13.30
C PRO B 299 3.01 -25.43 12.89
N HIS B 300 4.03 -26.26 13.00
CA HIS B 300 3.91 -27.66 12.58
C HIS B 300 2.86 -28.47 13.33
N PRO B 301 2.71 -28.37 14.64
CA PRO B 301 1.63 -29.14 15.29
C PRO B 301 0.27 -28.61 14.95
N LEU B 302 0.15 -27.30 14.83
CA LEU B 302 -1.12 -26.70 14.48
C LEU B 302 -1.44 -26.95 13.01
N ARG B 303 -0.41 -26.95 12.16
CA ARG B 303 -0.65 -27.26 10.75
C ARG B 303 -1.07 -28.71 10.58
N LEU B 304 -0.49 -29.58 11.39
CA LEU B 304 -0.92 -30.97 11.37
C LEU B 304 -2.35 -31.14 11.86
N ALA B 305 -2.72 -30.40 12.90
CA ALA B 305 -4.08 -30.55 13.40
C ALA B 305 -5.10 -29.98 12.43
N VAL B 306 -4.77 -28.86 11.80
CA VAL B 306 -5.68 -28.29 10.81
C VAL B 306 -5.81 -29.16 9.58
N ALA B 307 -4.70 -29.71 9.07
CA ALA B 307 -4.85 -30.57 7.91
C ALA B 307 -5.59 -31.86 8.24
N MET B 308 -5.41 -32.39 9.44
CA MET B 308 -6.19 -33.58 9.78
C MET B 308 -7.66 -33.24 9.96
N GLU B 309 -7.96 -32.06 10.49
CA GLU B 309 -9.36 -31.69 10.64
C GLU B 309 -9.97 -31.36 9.31
N ILE B 310 -9.20 -30.81 8.38
CA ILE B 310 -9.81 -30.48 7.11
C ILE B 310 -10.04 -31.75 6.32
N HIS B 311 -8.98 -32.54 6.16
CA HIS B 311 -9.09 -33.79 5.44
C HIS B 311 -9.31 -34.98 6.36
N GLY B 312 -10.30 -34.94 7.25
CA GLY B 312 -10.46 -36.04 8.18
C GLY B 312 -11.26 -37.14 7.53
N ASP B 313 -12.46 -36.82 7.07
CA ASP B 313 -13.23 -37.84 6.41
C ASP B 313 -12.90 -37.83 4.93
N VAL B 314 -11.72 -37.29 4.62
CA VAL B 314 -11.17 -37.25 3.28
C VAL B 314 -10.03 -38.23 3.25
N ILE B 315 -9.28 -38.28 4.34
CA ILE B 315 -8.12 -39.14 4.41
C ILE B 315 -8.68 -40.48 4.83
N GLU B 316 -9.94 -40.48 5.26
CA GLU B 316 -10.78 -41.65 5.46
C GLU B 316 -11.66 -41.99 4.26
N LYS B 317 -11.92 -41.03 3.35
CA LYS B 317 -12.64 -41.42 2.13
C LYS B 317 -11.98 -42.63 1.46
N VAL B 318 -10.70 -42.85 1.72
CA VAL B 318 -9.94 -43.81 0.94
C VAL B 318 -10.25 -45.20 1.46
N ALA B 319 -10.20 -46.18 0.56
CA ALA B 319 -10.09 -47.57 0.96
C ALA B 319 -8.65 -47.94 1.31
N LEU B 320 -7.81 -46.95 1.55
CA LEU B 320 -6.36 -47.13 1.60
C LEU B 320 -5.71 -46.68 2.89
N PHE B 321 -6.19 -45.63 3.53
CA PHE B 321 -5.55 -45.15 4.74
C PHE B 321 -6.32 -45.54 5.98
N LYS B 322 -7.32 -46.38 5.82
CA LYS B 322 -8.10 -46.85 6.95
C LYS B 322 -7.38 -48.07 7.51
N GLY B 323 -7.20 -48.09 8.83
CA GLY B 323 -6.33 -49.07 9.45
C GLY B 323 -4.86 -48.71 9.40
N ALA B 324 -4.50 -47.59 8.79
CA ALA B 324 -3.11 -47.14 8.76
C ALA B 324 -2.75 -46.51 10.11
N GLY B 325 -1.48 -46.14 10.27
CA GLY B 325 -1.08 -45.55 11.54
C GLY B 325 -1.60 -44.13 11.65
N GLU B 326 -1.67 -43.65 12.90
CA GLU B 326 -2.14 -42.27 13.18
C GLU B 326 -1.10 -41.28 12.63
N GLU B 327 0.16 -41.47 13.00
CA GLU B 327 1.26 -40.58 12.52
C GLU B 327 1.33 -40.68 10.99
N PHE B 328 1.23 -41.91 10.45
CA PHE B 328 1.26 -42.14 8.99
C PHE B 328 0.25 -41.21 8.32
N ILE B 329 -1.00 -41.24 8.80
CA ILE B 329 -2.08 -40.37 8.24
C ILE B 329 -1.58 -38.92 8.25
N ARG B 330 -1.11 -38.45 9.41
CA ARG B 330 -0.59 -37.06 9.53
C ARG B 330 0.46 -36.84 8.45
N ASP B 331 1.46 -37.73 8.37
CA ASP B 331 2.54 -37.62 7.34
C ASP B 331 1.88 -37.50 5.97
N ILE B 332 0.96 -38.43 5.65
CA ILE B 332 0.24 -38.41 4.34
C ILE B 332 -0.35 -37.01 4.14
N ILE B 333 -1.18 -36.55 5.08
CA ILE B 333 -1.79 -35.20 4.99
C ILE B 333 -0.64 -34.18 4.81
N LEU B 334 0.32 -34.19 5.73
CA LEU B 334 1.49 -33.27 5.66
C LEU B 334 2.13 -33.40 4.28
N HIS B 335 1.58 -34.30 3.45
CA HIS B 335 2.09 -34.54 2.11
C HIS B 335 1.02 -34.61 1.02
N LEU B 336 -0.23 -34.28 1.31
CA LEU B 336 -1.24 -34.28 0.25
C LEU B 336 -1.15 -33.05 -0.65
N GLU B 337 -1.20 -33.28 -1.97
CA GLU B 337 -1.03 -32.16 -2.89
C GLU B 337 -2.26 -32.00 -3.76
N PRO B 338 -2.87 -30.81 -3.80
CA PRO B 338 -4.09 -30.62 -4.58
C PRO B 338 -3.78 -30.26 -6.02
N VAL B 339 -4.53 -30.82 -6.97
CA VAL B 339 -4.42 -30.35 -8.34
C VAL B 339 -5.84 -30.21 -8.88
N ILE B 340 -6.03 -29.30 -9.85
CA ILE B 340 -7.38 -29.03 -10.35
C ILE B 340 -7.46 -29.17 -11.86
N TYR B 341 -8.30 -30.07 -12.33
CA TYR B 341 -8.54 -30.34 -13.73
C TYR B 341 -9.91 -29.83 -14.11
N GLY B 342 -9.99 -29.07 -15.19
CA GLY B 342 -11.25 -28.55 -15.63
C GLY B 342 -12.08 -29.64 -16.27
N PRO B 343 -13.31 -29.33 -16.59
CA PRO B 343 -14.20 -30.34 -17.16
C PRO B 343 -13.80 -30.72 -18.58
N GLY B 344 -13.41 -31.98 -18.74
CA GLY B 344 -12.98 -32.49 -20.03
C GLY B 344 -11.49 -32.59 -20.22
N GLU B 345 -10.69 -32.16 -19.25
CA GLU B 345 -9.25 -32.24 -19.41
C GLU B 345 -8.78 -33.69 -19.39
N TYR B 346 -7.65 -33.95 -20.03
CA TYR B 346 -7.05 -35.27 -19.97
C TYR B 346 -6.07 -35.23 -18.82
N ILE B 347 -6.31 -36.04 -17.79
CA ILE B 347 -5.32 -36.12 -16.74
C ILE B 347 -4.31 -37.20 -17.06
N ILE B 348 -4.82 -38.38 -17.38
CA ILE B 348 -4.01 -39.52 -17.76
C ILE B 348 -4.53 -40.17 -19.03
N ARG B 349 -3.63 -40.39 -19.96
CA ARG B 349 -3.88 -41.19 -21.16
C ARG B 349 -3.25 -42.55 -20.97
N ALA B 350 -4.00 -43.60 -21.26
CA ALA B 350 -3.53 -44.96 -21.04
C ALA B 350 -2.43 -45.26 -22.03
N GLY B 351 -1.27 -45.68 -21.51
CA GLY B 351 -0.12 -45.94 -22.33
C GLY B 351 0.99 -44.94 -22.12
N GLU B 352 0.76 -43.91 -21.31
CA GLU B 352 1.80 -42.94 -20.98
C GLU B 352 2.76 -43.59 -20.00
N MET B 353 3.83 -42.89 -19.64
CA MET B 353 4.71 -43.44 -18.61
C MET B 353 4.09 -43.49 -17.22
N GLY B 354 3.77 -42.34 -16.64
CA GLY B 354 3.05 -42.32 -15.39
C GLY B 354 3.95 -42.56 -14.18
N SER B 355 3.82 -41.76 -13.13
CA SER B 355 4.68 -41.95 -11.96
C SER B 355 3.85 -41.99 -10.68
N ASP B 356 2.83 -41.15 -10.62
CA ASP B 356 2.21 -40.72 -9.38
C ASP B 356 0.75 -41.14 -9.33
N VAL B 357 0.24 -41.26 -8.11
CA VAL B 357 -1.11 -41.75 -7.87
C VAL B 357 -1.98 -40.54 -7.61
N TYR B 358 -3.25 -40.66 -7.95
CA TYR B 358 -4.13 -39.53 -7.82
C TYR B 358 -5.31 -39.93 -6.97
N PHE B 359 -5.69 -39.05 -6.07
CA PHE B 359 -6.86 -39.21 -5.23
C PHE B 359 -7.86 -38.12 -5.55
N ILE B 360 -9.08 -38.53 -5.89
CA ILE B 360 -10.11 -37.55 -6.19
C ILE B 360 -10.71 -37.04 -4.90
N ASN B 361 -10.82 -35.72 -4.78
CA ASN B 361 -11.43 -35.15 -3.60
C ASN B 361 -12.80 -34.56 -3.89
N ARG B 362 -12.93 -33.76 -4.94
CA ARG B 362 -14.19 -33.04 -5.09
C ARG B 362 -14.90 -33.35 -6.40
N GLY B 363 -14.20 -33.27 -7.52
CA GLY B 363 -14.88 -33.37 -8.80
C GLY B 363 -15.12 -34.81 -9.22
N SER B 364 -15.48 -34.94 -10.50
CA SER B 364 -15.64 -36.25 -11.12
C SER B 364 -14.56 -36.46 -12.17
N VAL B 365 -14.50 -37.70 -12.67
CA VAL B 365 -13.55 -38.06 -13.71
C VAL B 365 -14.06 -39.32 -14.39
N GLU B 366 -13.54 -39.65 -15.55
CA GLU B 366 -13.96 -40.89 -16.18
C GLU B 366 -12.72 -41.68 -16.57
N VAL B 367 -12.90 -43.00 -16.62
CA VAL B 367 -11.86 -43.97 -16.89
C VAL B 367 -12.08 -44.64 -18.24
N LEU B 368 -11.07 -44.57 -19.10
CA LEU B 368 -11.13 -45.11 -20.45
C LEU B 368 -10.02 -46.14 -20.62
N SER B 369 -10.19 -47.01 -21.60
CA SER B 369 -9.19 -48.01 -21.89
C SER B 369 -8.04 -47.41 -22.68
N ALA B 370 -7.10 -48.26 -23.07
CA ALA B 370 -5.87 -47.78 -23.67
C ALA B 370 -6.12 -47.18 -25.05
N ASP B 371 -7.12 -47.71 -25.76
CA ASP B 371 -7.52 -47.17 -27.04
C ASP B 371 -8.50 -46.03 -26.89
N GLU B 372 -8.93 -45.78 -25.66
CA GLU B 372 -9.89 -44.74 -25.32
C GLU B 372 -11.18 -44.97 -26.08
N LYS B 373 -11.53 -46.23 -26.24
CA LYS B 373 -12.75 -46.69 -26.88
C LYS B 373 -13.68 -47.44 -25.93
N THR B 374 -13.10 -48.33 -25.14
CA THR B 374 -13.83 -49.14 -24.17
C THR B 374 -13.70 -48.47 -22.80
N ARG B 375 -14.83 -48.10 -22.23
CA ARG B 375 -14.87 -47.45 -20.93
C ARG B 375 -14.72 -48.46 -19.81
N TYR B 376 -13.68 -48.30 -19.00
CA TYR B 376 -13.52 -49.19 -17.85
C TYR B 376 -14.54 -48.86 -16.77
N ALA B 377 -14.49 -47.65 -16.27
CA ALA B 377 -15.36 -47.17 -15.20
C ALA B 377 -15.39 -45.65 -15.29
N ILE B 378 -15.99 -45.01 -14.28
CA ILE B 378 -16.07 -43.56 -14.16
C ILE B 378 -15.92 -43.26 -12.68
N LEU B 379 -14.94 -42.43 -12.34
CA LEU B 379 -14.65 -42.15 -10.95
C LEU B 379 -15.23 -40.81 -10.51
N SER B 380 -15.33 -40.65 -9.20
CA SER B 380 -15.96 -39.49 -8.60
C SER B 380 -15.10 -39.05 -7.42
N GLU B 381 -15.63 -38.18 -6.57
CA GLU B 381 -14.80 -37.68 -5.50
C GLU B 381 -14.63 -38.77 -4.45
N GLY B 382 -13.49 -38.75 -3.78
CA GLY B 382 -13.21 -39.80 -2.83
C GLY B 382 -12.46 -40.97 -3.42
N GLN B 383 -12.53 -41.15 -4.73
CA GLN B 383 -11.89 -42.29 -5.38
C GLN B 383 -10.49 -41.91 -5.85
N PHE B 384 -9.85 -42.79 -6.62
CA PHE B 384 -8.42 -42.62 -6.85
C PHE B 384 -7.95 -43.34 -8.11
N PHE B 385 -6.91 -42.80 -8.73
CA PHE B 385 -6.28 -43.43 -9.88
C PHE B 385 -4.77 -43.21 -9.78
N GLY B 386 -4.06 -43.83 -10.71
CA GLY B 386 -2.63 -43.81 -10.80
C GLY B 386 -1.94 -44.67 -9.78
N GLU B 387 -2.66 -45.64 -9.22
CA GLU B 387 -2.04 -46.47 -8.20
C GLU B 387 -1.06 -47.46 -8.79
N MET B 388 -1.18 -47.78 -10.07
CA MET B 388 -0.26 -48.72 -10.71
C MET B 388 0.89 -47.95 -11.36
N ALA B 389 1.47 -47.03 -10.59
CA ALA B 389 2.66 -46.31 -11.00
C ALA B 389 3.70 -46.15 -9.90
N LEU B 390 3.28 -46.27 -8.64
CA LEU B 390 4.21 -46.15 -7.53
C LEU B 390 5.06 -47.39 -7.32
N ILE B 391 4.45 -48.57 -7.20
CA ILE B 391 5.29 -49.71 -6.89
C ILE B 391 6.01 -50.19 -8.13
N LEU B 392 5.58 -49.72 -9.30
CA LEU B 392 6.02 -50.30 -10.56
C LEU B 392 6.25 -49.18 -11.56
N ARG B 393 7.16 -49.45 -12.49
CA ARG B 393 7.49 -48.54 -13.57
C ARG B 393 6.78 -48.94 -14.85
N ALA B 394 5.53 -49.36 -14.70
CA ALA B 394 4.63 -49.70 -15.79
C ALA B 394 3.97 -48.47 -16.39
N PRO B 395 3.50 -48.58 -17.63
CA PRO B 395 2.75 -47.49 -18.25
C PRO B 395 1.29 -47.54 -17.85
N ARG B 396 0.62 -46.42 -18.08
CA ARG B 396 -0.77 -46.26 -17.72
C ARG B 396 -1.65 -47.39 -18.24
N THR B 397 -2.60 -47.79 -17.40
CA THR B 397 -3.52 -48.89 -17.65
C THR B 397 -4.91 -48.42 -18.02
N ALA B 398 -5.20 -47.14 -17.91
CA ALA B 398 -6.52 -46.65 -18.27
C ALA B 398 -6.39 -45.18 -18.61
N THR B 399 -7.32 -44.70 -19.44
CA THR B 399 -7.27 -43.30 -19.85
C THR B 399 -8.19 -42.48 -18.97
N VAL B 400 -7.64 -41.42 -18.40
CA VAL B 400 -8.36 -40.63 -17.41
C VAL B 400 -8.73 -39.25 -17.93
N ARG B 401 -9.98 -39.06 -18.33
CA ARG B 401 -10.44 -37.77 -18.80
C ARG B 401 -11.19 -37.12 -17.65
N ALA B 402 -10.98 -35.81 -17.48
CA ALA B 402 -11.78 -35.13 -16.48
C ALA B 402 -13.21 -35.02 -16.96
N ARG B 403 -14.11 -34.83 -16.01
CA ARG B 403 -15.50 -34.63 -16.37
C ARG B 403 -16.01 -33.26 -15.95
N ALA B 404 -15.84 -32.90 -14.69
CA ALA B 404 -16.03 -31.54 -14.21
C ALA B 404 -14.72 -31.00 -13.66
N PHE B 405 -14.76 -29.84 -13.01
CA PHE B 405 -13.60 -29.35 -12.29
C PHE B 405 -13.33 -30.29 -11.13
N CYS B 406 -12.06 -30.59 -10.89
CA CYS B 406 -11.78 -31.78 -10.09
C CYS B 406 -11.42 -31.55 -8.62
N ASP B 407 -10.48 -30.64 -8.33
CA ASP B 407 -9.95 -30.50 -6.98
C ASP B 407 -9.45 -31.86 -6.49
N LEU B 408 -8.43 -32.37 -7.16
CA LEU B 408 -7.94 -33.71 -6.91
C LEU B 408 -6.51 -33.70 -6.37
N TYR B 409 -6.26 -34.66 -5.49
CA TYR B 409 -4.98 -34.77 -4.80
C TYR B 409 -4.08 -35.80 -5.46
N ARG B 410 -2.81 -35.47 -5.51
CA ARG B 410 -1.80 -36.29 -6.14
C ARG B 410 -0.70 -36.54 -5.12
N LEU B 411 0.04 -37.61 -5.36
CA LEU B 411 1.11 -38.01 -4.47
C LEU B 411 2.40 -38.29 -5.23
N ASP B 412 3.46 -37.56 -4.89
CA ASP B 412 4.69 -37.72 -5.64
C ASP B 412 5.28 -39.08 -5.30
N LYS B 413 6.20 -39.54 -6.14
CA LYS B 413 6.80 -40.84 -5.91
C LYS B 413 7.83 -40.87 -4.79
N GLU B 414 8.71 -39.88 -4.67
CA GLU B 414 9.73 -39.98 -3.61
C GLU B 414 9.13 -39.89 -2.21
N THR B 415 8.17 -39.01 -2.00
CA THR B 415 7.60 -38.96 -0.66
C THR B 415 6.79 -40.21 -0.36
N PHE B 416 6.03 -40.69 -1.34
CA PHE B 416 5.25 -41.90 -1.14
C PHE B 416 6.10 -43.14 -0.91
N ASP B 417 7.14 -43.35 -1.70
CA ASP B 417 7.95 -44.53 -1.42
C ASP B 417 8.84 -44.35 -0.20
N ARG B 418 9.01 -43.11 0.27
CA ARG B 418 9.77 -42.94 1.50
C ARG B 418 8.92 -43.26 2.70
N ILE B 419 7.66 -42.80 2.70
CA ILE B 419 6.84 -43.09 3.85
C ILE B 419 6.00 -44.35 3.62
N LEU B 420 6.21 -45.03 2.50
CA LEU B 420 5.69 -46.38 2.31
C LEU B 420 6.69 -47.46 2.62
N SER B 421 7.99 -47.17 2.60
CA SER B 421 8.90 -48.27 2.86
C SER B 421 8.81 -48.66 4.32
N ARG B 422 8.54 -47.68 5.16
CA ARG B 422 8.49 -47.86 6.59
C ARG B 422 7.10 -48.21 7.10
N TYR B 423 6.10 -48.30 6.23
CA TYR B 423 4.80 -48.86 6.59
C TYR B 423 4.42 -50.14 5.86
N PRO B 424 4.43 -51.28 6.56
CA PRO B 424 4.28 -52.55 5.84
C PRO B 424 2.83 -52.81 5.47
N GLU B 425 1.91 -52.35 6.33
CA GLU B 425 0.51 -52.69 6.19
C GLU B 425 -0.14 -51.97 5.03
N ILE B 426 0.27 -50.74 4.74
CA ILE B 426 -0.25 -50.09 3.55
C ILE B 426 0.44 -50.60 2.30
N ALA B 427 1.68 -51.08 2.42
CA ALA B 427 2.30 -51.73 1.27
C ALA B 427 1.60 -53.04 0.93
N ALA B 428 0.87 -53.59 1.90
CA ALA B 428 0.01 -54.70 1.56
C ALA B 428 -1.38 -54.22 1.17
N GLN B 429 -1.80 -53.07 1.69
CA GLN B 429 -3.11 -52.58 1.30
C GLN B 429 -3.06 -52.21 -0.17
N ILE B 430 -1.90 -51.74 -0.63
CA ILE B 430 -1.72 -51.37 -2.02
C ILE B 430 -1.32 -52.53 -2.92
N GLN B 431 -0.84 -53.65 -2.36
CA GLN B 431 -0.46 -54.71 -3.30
C GLN B 431 -1.70 -55.38 -3.88
N THR C 29 -26.51 -14.47 -26.72
CA THR C 29 -26.65 -13.05 -26.97
C THR C 29 -28.10 -12.61 -26.82
N TYR C 30 -28.98 -13.58 -26.57
CA TYR C 30 -30.33 -13.19 -26.24
C TYR C 30 -30.52 -13.08 -24.75
N THR C 31 -29.47 -13.38 -24.01
CA THR C 31 -29.60 -13.11 -22.60
C THR C 31 -28.83 -11.84 -22.34
N LEU C 32 -27.95 -11.47 -23.28
CA LEU C 32 -27.33 -10.17 -23.16
C LEU C 32 -28.36 -9.10 -23.50
N VAL C 33 -29.22 -9.40 -24.48
CA VAL C 33 -30.36 -8.50 -24.73
C VAL C 33 -31.38 -8.57 -23.61
N TRP C 34 -31.47 -9.71 -22.90
CA TRP C 34 -32.35 -9.74 -21.75
C TRP C 34 -31.82 -8.92 -20.59
N LYS C 35 -30.51 -8.96 -20.37
CA LYS C 35 -29.92 -8.12 -19.34
C LYS C 35 -30.08 -6.65 -19.68
N VAL C 36 -29.98 -6.32 -20.97
CA VAL C 36 -30.21 -4.93 -21.37
C VAL C 36 -31.65 -4.53 -21.15
N TRP C 37 -32.58 -5.45 -21.39
CA TRP C 37 -33.98 -5.13 -21.16
C TRP C 37 -34.28 -4.97 -19.67
N ILE C 38 -33.68 -5.83 -18.84
CA ILE C 38 -33.86 -5.72 -17.40
C ILE C 38 -33.22 -4.46 -16.84
N LEU C 39 -32.05 -4.07 -17.34
CA LEU C 39 -31.47 -2.81 -16.88
C LEU C 39 -32.34 -1.64 -17.26
N ALA C 40 -32.93 -1.66 -18.45
CA ALA C 40 -33.82 -0.57 -18.82
C ALA C 40 -35.07 -0.57 -17.94
N VAL C 41 -35.54 -1.75 -17.56
CA VAL C 41 -36.73 -1.83 -16.71
C VAL C 41 -36.43 -1.29 -15.32
N THR C 42 -35.31 -1.69 -14.74
CA THR C 42 -35.02 -1.23 -13.39
C THR C 42 -34.61 0.24 -13.38
N LEU C 43 -34.11 0.74 -14.51
CA LEU C 43 -33.81 2.17 -14.59
C LEU C 43 -35.11 2.94 -14.62
N TYR C 44 -36.07 2.46 -15.42
CA TYR C 44 -37.37 3.10 -15.47
C TYR C 44 -38.01 3.15 -14.11
N TYR C 45 -37.91 2.07 -13.33
CA TYR C 45 -38.49 2.12 -11.99
C TYR C 45 -37.72 3.07 -11.09
N ALA C 46 -36.40 3.09 -11.24
CA ALA C 46 -35.59 3.96 -10.40
C ALA C 46 -35.84 5.43 -10.71
N ILE C 47 -36.22 5.74 -11.94
CA ILE C 47 -36.60 7.11 -12.24
C ILE C 47 -38.06 7.41 -11.96
N ARG C 48 -38.92 6.40 -11.95
CA ARG C 48 -40.35 6.68 -11.83
C ARG C 48 -40.84 6.67 -10.39
N ILE C 49 -40.41 5.68 -9.61
CA ILE C 49 -41.04 5.45 -8.31
C ILE C 49 -40.89 6.65 -7.39
N PRO C 50 -39.71 7.25 -7.24
CA PRO C 50 -39.64 8.45 -6.41
C PRO C 50 -40.28 9.66 -7.05
N LEU C 51 -40.56 9.59 -8.35
CA LEU C 51 -41.19 10.74 -8.96
C LEU C 51 -42.69 10.66 -8.81
N THR C 52 -43.24 9.47 -8.64
CA THR C 52 -44.65 9.41 -8.40
C THR C 52 -44.95 9.39 -6.91
N LEU C 53 -43.97 9.08 -6.06
CA LEU C 53 -44.22 9.32 -4.64
C LEU C 53 -44.27 10.81 -4.35
N VAL C 54 -43.41 11.60 -4.99
CA VAL C 54 -43.48 13.04 -4.71
C VAL C 54 -44.67 13.65 -5.41
N PHE C 55 -44.84 13.35 -6.68
CA PHE C 55 -45.97 13.87 -7.43
C PHE C 55 -46.94 12.73 -7.59
N PRO C 56 -48.03 12.70 -6.83
CA PRO C 56 -49.05 11.67 -7.09
C PRO C 56 -49.97 12.04 -8.24
N SER C 57 -49.80 13.20 -8.86
CA SER C 57 -50.55 13.52 -10.07
C SER C 57 -50.10 12.68 -11.27
N LEU C 58 -48.92 12.09 -11.19
CA LEU C 58 -48.46 11.08 -12.14
C LEU C 58 -49.00 9.70 -11.80
N PHE C 59 -48.41 8.69 -12.45
CA PHE C 59 -48.75 7.28 -12.30
C PHE C 59 -50.07 6.90 -12.93
N SER C 60 -50.95 7.87 -13.14
CA SER C 60 -52.26 7.53 -13.69
C SER C 60 -52.21 7.38 -15.20
N PRO C 61 -51.62 8.28 -15.98
CA PRO C 61 -51.42 7.94 -17.38
C PRO C 61 -50.11 7.22 -17.64
N LEU C 62 -49.67 6.38 -16.70
CA LEU C 62 -48.41 5.67 -16.89
C LEU C 62 -48.37 4.32 -16.19
N LEU C 63 -49.48 3.90 -15.58
CA LEU C 63 -49.60 2.52 -15.11
C LEU C 63 -49.24 1.42 -16.11
N PRO C 64 -49.49 1.55 -17.43
CA PRO C 64 -49.13 0.42 -18.32
C PRO C 64 -47.64 0.10 -18.33
N LEU C 65 -46.78 1.10 -18.23
CA LEU C 65 -45.37 0.79 -18.16
C LEU C 65 -45.00 0.20 -16.81
N ASP C 66 -45.74 0.53 -15.75
CA ASP C 66 -45.56 -0.18 -14.49
C ASP C 66 -45.90 -1.66 -14.63
N ILE C 67 -47.01 -1.96 -15.31
CA ILE C 67 -47.39 -3.36 -15.47
C ILE C 67 -46.36 -4.11 -16.31
N LEU C 68 -45.94 -3.52 -17.44
CA LEU C 68 -44.98 -4.19 -18.31
C LEU C 68 -43.64 -4.37 -17.62
N ALA C 69 -43.17 -3.35 -16.91
CA ALA C 69 -41.88 -3.45 -16.25
C ALA C 69 -41.93 -4.40 -15.06
N SER C 70 -43.08 -4.47 -14.37
CA SER C 70 -43.21 -5.41 -13.27
C SER C 70 -43.23 -6.84 -13.79
N LEU C 71 -43.87 -7.06 -14.94
CA LEU C 71 -43.80 -8.40 -15.54
C LEU C 71 -42.39 -8.73 -15.96
N ALA C 72 -41.64 -7.74 -16.43
CA ALA C 72 -40.25 -7.98 -16.78
C ALA C 72 -39.42 -8.36 -15.56
N LEU C 73 -39.63 -7.66 -14.44
CA LEU C 73 -38.86 -7.99 -13.25
C LEU C 73 -39.27 -9.34 -12.67
N ILE C 74 -40.52 -9.75 -12.82
CA ILE C 74 -40.93 -11.04 -12.26
C ILE C 74 -40.62 -12.20 -13.21
N ALA C 75 -40.39 -11.93 -14.49
CA ALA C 75 -39.99 -12.95 -15.44
C ALA C 75 -38.50 -13.00 -15.71
N ASP C 76 -37.71 -12.09 -15.14
CA ASP C 76 -36.27 -12.18 -15.34
C ASP C 76 -35.60 -13.34 -14.61
N ILE C 77 -36.02 -13.64 -13.38
CA ILE C 77 -35.36 -14.62 -12.52
C ILE C 77 -35.50 -16.04 -13.05
N PRO C 78 -36.57 -16.42 -13.73
CA PRO C 78 -36.51 -17.72 -14.42
C PRO C 78 -35.49 -17.75 -15.56
N LEU C 79 -35.27 -16.64 -16.25
CA LEU C 79 -34.21 -16.69 -17.25
C LEU C 79 -32.81 -16.46 -16.66
N ASP C 80 -32.71 -16.07 -15.38
CA ASP C 80 -31.41 -16.20 -14.73
C ASP C 80 -31.17 -17.59 -14.18
N SER C 99 -29.02 -13.14 -0.49
CA SER C 99 -28.90 -12.82 -1.90
C SER C 99 -30.07 -13.29 -2.76
N ARG C 100 -31.26 -13.40 -2.19
CA ARG C 100 -32.42 -13.85 -2.97
C ARG C 100 -33.65 -12.97 -2.82
N LEU C 101 -33.85 -12.35 -1.68
CA LEU C 101 -34.92 -11.45 -1.27
C LEU C 101 -35.11 -10.16 -2.09
N PRO C 102 -34.11 -9.67 -2.85
CA PRO C 102 -34.43 -8.60 -3.83
C PRO C 102 -35.48 -8.92 -4.88
N ASP C 103 -35.44 -10.05 -5.57
CA ASP C 103 -36.50 -10.32 -6.54
C ASP C 103 -37.85 -10.51 -5.87
N LEU C 104 -37.89 -11.09 -4.67
CA LEU C 104 -39.15 -11.32 -3.98
C LEU C 104 -39.74 -10.00 -3.49
N LEU C 105 -38.89 -9.12 -2.98
CA LEU C 105 -39.37 -7.81 -2.57
C LEU C 105 -39.72 -6.93 -3.76
N ALA C 106 -39.07 -7.11 -4.90
CA ALA C 106 -39.43 -6.41 -6.12
C ALA C 106 -40.70 -6.95 -6.75
N ALA C 107 -41.11 -8.17 -6.41
CA ALA C 107 -42.23 -8.82 -7.06
C ALA C 107 -43.59 -8.28 -6.65
N LEU C 108 -43.78 -7.97 -5.37
CA LEU C 108 -45.09 -7.62 -4.82
C LEU C 108 -45.49 -6.19 -5.17
N PRO C 109 -46.80 -5.98 -5.43
CA PRO C 109 -47.32 -4.66 -5.83
C PRO C 109 -47.35 -3.68 -4.67
N LEU C 110 -46.21 -3.08 -4.39
CA LEU C 110 -46.13 -2.09 -3.32
C LEU C 110 -46.67 -0.73 -3.72
N ASP C 111 -46.79 -0.43 -5.01
CA ASP C 111 -47.71 0.65 -5.35
C ASP C 111 -49.11 0.10 -5.52
N LEU C 112 -50.02 0.94 -6.02
CA LEU C 112 -51.44 0.65 -6.20
C LEU C 112 -52.14 0.56 -4.85
N LEU C 113 -51.37 0.27 -3.81
CA LEU C 113 -51.91 0.29 -2.45
C LEU C 113 -51.93 1.72 -1.94
N VAL C 114 -50.86 2.44 -2.23
CA VAL C 114 -50.82 3.86 -1.94
C VAL C 114 -51.98 4.53 -2.64
N PHE C 115 -52.23 4.16 -3.89
CA PHE C 115 -53.22 4.86 -4.66
C PHE C 115 -54.65 4.39 -4.43
N ALA C 116 -54.87 3.16 -3.97
CA ALA C 116 -56.25 2.83 -3.64
C ALA C 116 -56.63 3.11 -2.20
N LEU C 117 -55.69 3.01 -1.25
CA LEU C 117 -56.06 3.23 0.14
C LEU C 117 -55.61 4.59 0.67
N HIS C 118 -54.85 5.34 -0.12
CA HIS C 118 -54.47 6.71 0.25
C HIS C 118 -53.72 6.68 1.57
N LEU C 119 -52.63 5.93 1.57
CA LEU C 119 -51.81 5.80 2.76
C LEU C 119 -51.12 7.12 3.08
N PRO C 120 -50.95 7.43 4.37
CA PRO C 120 -50.37 8.73 4.74
C PRO C 120 -48.90 8.83 4.42
N SER C 121 -48.37 10.03 4.68
CA SER C 121 -47.04 10.39 4.15
C SER C 121 -45.90 9.56 4.72
N PRO C 122 -45.81 9.26 6.01
CA PRO C 122 -44.71 8.40 6.48
C PRO C 122 -44.94 6.91 6.29
N LEU C 123 -46.09 6.48 5.78
CA LEU C 123 -46.31 5.04 5.60
C LEU C 123 -46.42 4.63 4.15
N SER C 124 -46.74 5.56 3.26
CA SER C 124 -46.83 5.24 1.85
C SER C 124 -45.47 4.93 1.26
N LEU C 125 -44.42 5.44 1.90
CA LEU C 125 -43.07 5.47 1.39
C LEU C 125 -42.45 4.09 1.27
N LEU C 126 -43.01 3.08 1.91
CA LEU C 126 -42.57 1.72 1.76
C LEU C 126 -42.81 1.15 0.35
N SER C 127 -43.55 1.84 -0.50
CA SER C 127 -43.59 1.47 -1.91
C SER C 127 -42.26 1.68 -2.64
N LEU C 128 -41.25 2.26 -2.00
CA LEU C 128 -39.90 2.27 -2.55
C LEU C 128 -39.17 0.95 -2.36
N VAL C 129 -39.81 -0.04 -1.74
CA VAL C 129 -39.16 -1.32 -1.50
C VAL C 129 -38.80 -2.01 -2.81
N ARG C 130 -39.55 -1.75 -3.88
CA ARG C 130 -39.15 -2.28 -5.18
C ARG C 130 -37.75 -1.85 -5.58
N LEU C 131 -37.29 -0.69 -5.12
CA LEU C 131 -35.97 -0.17 -5.45
C LEU C 131 -34.81 -0.88 -4.76
N LEU C 132 -35.04 -1.87 -3.90
CA LEU C 132 -33.94 -2.71 -3.46
C LEU C 132 -33.46 -3.69 -4.53
N LYS C 133 -34.21 -3.84 -5.62
CA LYS C 133 -33.85 -4.76 -6.68
C LYS C 133 -32.58 -4.29 -7.38
N LEU C 134 -32.33 -2.99 -7.32
CA LEU C 134 -31.18 -2.41 -7.99
C LEU C 134 -29.87 -2.94 -7.44
N ILE C 135 -29.85 -3.44 -6.20
CA ILE C 135 -28.61 -4.03 -5.70
C ILE C 135 -28.33 -5.34 -6.44
N SER C 136 -29.38 -6.11 -6.70
CA SER C 136 -29.22 -7.36 -7.44
C SER C 136 -28.83 -7.10 -8.89
N VAL C 137 -29.46 -6.09 -9.50
CA VAL C 137 -29.11 -5.79 -10.89
C VAL C 137 -27.71 -5.23 -10.97
N GLN C 138 -27.29 -4.46 -9.96
CA GLN C 138 -25.91 -4.01 -9.87
C GLN C 138 -24.93 -5.17 -9.78
N ARG C 139 -25.17 -6.11 -8.88
CA ARG C 139 -24.21 -7.21 -8.75
C ARG C 139 -24.28 -8.16 -9.94
N SER C 140 -25.35 -8.10 -10.73
CA SER C 140 -25.41 -8.92 -11.93
C SER C 140 -24.71 -8.23 -13.10
N ALA C 141 -24.93 -6.93 -13.25
CA ALA C 141 -24.28 -6.19 -14.33
C ALA C 141 -22.80 -5.98 -14.06
N THR C 142 -22.36 -6.10 -12.82
CA THR C 142 -20.94 -6.05 -12.48
C THR C 142 -20.22 -7.36 -12.74
N ARG C 143 -20.94 -8.39 -13.17
CA ARG C 143 -20.34 -9.67 -13.50
C ARG C 143 -20.61 -10.13 -14.92
N ILE C 144 -21.68 -9.66 -15.56
CA ILE C 144 -21.96 -10.10 -16.93
C ILE C 144 -21.02 -9.51 -17.97
N LEU C 145 -20.36 -8.37 -17.68
CA LEU C 145 -19.47 -7.74 -18.68
C LEU C 145 -18.19 -7.25 -18.00
N SER C 146 -17.66 -8.06 -17.10
CA SER C 146 -16.49 -7.75 -16.28
C SER C 146 -15.13 -7.92 -16.98
N TYR C 147 -15.07 -8.45 -18.20
CA TYR C 147 -13.77 -8.56 -18.85
C TYR C 147 -13.64 -8.01 -20.26
N ARG C 148 -14.70 -7.51 -20.87
CA ARG C 148 -14.47 -6.74 -22.09
C ARG C 148 -13.66 -5.48 -21.81
N ILE C 149 -13.84 -4.89 -20.64
CA ILE C 149 -13.14 -3.68 -20.24
C ILE C 149 -12.51 -3.94 -18.87
N ASN C 150 -11.73 -2.97 -18.40
CA ASN C 150 -11.16 -3.07 -17.07
C ASN C 150 -12.27 -3.19 -16.02
N PRO C 151 -12.10 -4.02 -15.00
CA PRO C 151 -13.08 -4.12 -13.90
C PRO C 151 -13.06 -2.95 -12.92
N ALA C 152 -11.98 -2.19 -12.87
CA ALA C 152 -11.97 -1.04 -11.96
C ALA C 152 -12.72 0.11 -12.57
N LEU C 153 -12.61 0.29 -13.88
CA LEU C 153 -13.41 1.32 -14.51
C LEU C 153 -14.88 0.96 -14.38
N LEU C 154 -15.17 -0.34 -14.38
CA LEU C 154 -16.53 -0.80 -14.16
C LEU C 154 -16.99 -0.46 -12.75
N ARG C 155 -16.14 -0.68 -11.75
CA ARG C 155 -16.56 -0.33 -10.40
C ARG C 155 -16.73 1.16 -10.23
N LEU C 156 -15.88 1.96 -10.87
CA LEU C 156 -16.03 3.40 -10.75
C LEU C 156 -17.31 3.89 -11.42
N LEU C 157 -17.63 3.35 -12.59
CA LEU C 157 -18.88 3.79 -13.21
C LEU C 157 -20.09 3.30 -12.44
N SER C 158 -20.04 2.11 -11.87
CA SER C 158 -21.17 1.68 -11.04
C SER C 158 -21.31 2.50 -9.78
N LEU C 159 -20.19 2.92 -9.18
CA LEU C 159 -20.26 3.72 -7.98
C LEU C 159 -20.77 5.12 -8.28
N VAL C 160 -20.33 5.73 -9.38
CA VAL C 160 -20.84 7.05 -9.74
C VAL C 160 -22.32 6.97 -10.07
N GLY C 161 -22.73 5.88 -10.72
CA GLY C 161 -24.15 5.67 -10.96
C GLY C 161 -24.94 5.57 -9.67
N PHE C 162 -24.43 4.80 -8.72
CA PHE C 162 -25.14 4.69 -7.45
C PHE C 162 -25.12 5.96 -6.64
N ILE C 163 -24.10 6.79 -6.81
CA ILE C 163 -24.10 8.00 -6.01
C ILE C 163 -25.08 9.00 -6.59
N LEU C 164 -25.14 9.13 -7.91
CA LEU C 164 -26.17 9.99 -8.47
C LEU C 164 -27.56 9.45 -8.20
N LEU C 165 -27.77 8.14 -8.32
CA LEU C 165 -29.10 7.61 -8.15
C LEU C 165 -29.54 7.59 -6.69
N ALA C 166 -28.62 7.70 -5.74
CA ALA C 166 -29.07 7.85 -4.36
C ALA C 166 -29.22 9.32 -4.01
N ALA C 167 -28.45 10.19 -4.64
CA ALA C 167 -28.65 11.61 -4.42
C ALA C 167 -30.00 12.01 -5.00
N HIS C 168 -30.43 11.30 -6.03
CA HIS C 168 -31.78 11.48 -6.55
C HIS C 168 -32.83 11.13 -5.53
N GLY C 169 -32.67 10.00 -4.84
CA GLY C 169 -33.67 9.61 -3.86
C GLY C 169 -33.70 10.52 -2.66
N ILE C 170 -32.53 10.97 -2.22
CA ILE C 170 -32.47 11.88 -1.09
C ILE C 170 -33.07 13.24 -1.45
N ALA C 171 -32.84 13.67 -2.69
CA ALA C 171 -33.45 14.91 -3.15
C ALA C 171 -34.94 14.74 -3.24
N CYS C 172 -35.38 13.53 -3.61
CA CYS C 172 -36.79 13.23 -3.65
C CYS C 172 -37.40 13.27 -2.25
N GLY C 173 -36.65 12.82 -1.26
CA GLY C 173 -37.13 12.90 0.11
C GLY C 173 -37.25 14.33 0.57
N TRP C 174 -36.25 15.15 0.23
CA TRP C 174 -36.34 16.57 0.54
C TRP C 174 -37.53 17.23 -0.11
N MET C 175 -37.79 16.92 -1.38
CA MET C 175 -38.97 17.50 -2.02
C MET C 175 -40.24 16.96 -1.42
N SER C 176 -40.20 15.75 -0.85
CA SER C 176 -41.39 15.23 -0.21
C SER C 176 -41.69 16.04 1.04
N LEU C 177 -40.72 16.20 1.91
CA LEU C 177 -41.00 16.95 3.13
C LEU C 177 -40.70 18.42 2.94
N GLN C 178 -41.20 19.00 1.87
CA GLN C 178 -41.13 20.44 1.75
C GLN C 178 -42.46 21.10 2.04
N PRO C 179 -42.43 22.39 2.37
CA PRO C 179 -43.68 23.14 2.46
C PRO C 179 -44.33 23.21 1.09
N PRO C 180 -45.64 22.99 1.02
CA PRO C 180 -46.34 23.02 -0.27
C PRO C 180 -46.48 24.44 -0.79
N SER C 181 -45.99 24.66 -2.00
CA SER C 181 -46.06 25.98 -2.60
C SER C 181 -46.04 25.81 -4.11
N GLU C 182 -46.57 26.81 -4.81
CA GLU C 182 -46.62 26.75 -6.26
C GLU C 182 -45.27 27.00 -6.90
N ASN C 183 -44.79 26.02 -7.66
CA ASN C 183 -43.46 26.01 -8.23
C ASN C 183 -43.38 24.93 -9.30
N PRO C 184 -42.77 25.22 -10.45
CA PRO C 184 -42.68 24.19 -11.49
C PRO C 184 -41.79 23.06 -11.03
N ALA C 185 -42.19 21.83 -11.41
CA ALA C 185 -41.56 20.65 -10.82
C ALA C 185 -40.18 20.48 -11.41
N GLY C 186 -39.83 21.40 -12.29
CA GLY C 186 -38.49 21.48 -12.81
C GLY C 186 -37.76 22.46 -11.94
N THR C 187 -38.41 23.55 -11.57
CA THR C 187 -37.67 24.49 -10.76
C THR C 187 -37.61 23.95 -9.34
N ARG C 188 -38.40 22.91 -9.08
CA ARG C 188 -38.28 22.22 -7.82
C ARG C 188 -37.39 21.01 -7.93
N TYR C 189 -37.09 20.57 -9.15
CA TYR C 189 -35.99 19.62 -9.22
C TYR C 189 -34.67 20.33 -9.22
N LEU C 190 -34.61 21.50 -9.84
CA LEU C 190 -33.33 22.18 -9.84
C LEU C 190 -33.03 22.69 -8.45
N SER C 191 -34.05 23.14 -7.71
CA SER C 191 -33.77 23.56 -6.34
C SER C 191 -33.52 22.41 -5.39
N ALA C 192 -34.19 21.27 -5.56
CA ALA C 192 -33.89 20.17 -4.65
C ALA C 192 -32.55 19.54 -4.95
N PHE C 193 -32.19 19.47 -6.22
CA PHE C 193 -30.90 18.90 -6.59
C PHE C 193 -29.77 19.85 -6.27
N TYR C 194 -29.99 21.15 -6.44
CA TYR C 194 -29.02 22.14 -6.02
C TYR C 194 -28.81 22.12 -4.52
N TRP C 195 -29.89 21.94 -3.76
CA TRP C 195 -29.72 21.85 -2.32
C TRP C 195 -28.95 20.60 -1.93
N THR C 196 -29.31 19.45 -2.50
CA THR C 196 -28.67 18.23 -2.06
C THR C 196 -27.29 18.01 -2.66
N ILE C 197 -26.89 18.87 -3.59
CA ILE C 197 -25.48 18.88 -3.98
C ILE C 197 -24.71 19.87 -3.14
N THR C 198 -25.36 20.94 -2.71
CA THR C 198 -24.71 21.84 -1.78
C THR C 198 -24.43 21.09 -0.50
N THR C 199 -25.28 20.13 -0.19
CA THR C 199 -25.09 19.36 1.03
C THR C 199 -24.10 18.25 0.81
N LEU C 200 -24.21 17.54 -0.32
CA LEU C 200 -23.34 16.40 -0.54
C LEU C 200 -21.91 16.84 -0.81
N THR C 201 -21.70 17.99 -1.44
CA THR C 201 -20.36 18.47 -1.74
C THR C 201 -19.69 19.31 -0.65
N THR C 202 -20.11 19.21 0.60
CA THR C 202 -19.52 19.99 1.71
C THR C 202 -19.18 21.42 1.30
N ILE C 203 -20.06 22.09 0.58
CA ILE C 203 -19.84 23.46 0.16
C ILE C 203 -20.50 24.44 1.12
N GLY C 204 -21.81 24.39 1.24
CA GLY C 204 -22.58 25.15 2.21
C GLY C 204 -22.78 26.63 2.05
N TYR C 205 -23.58 27.02 1.05
CA TYR C 205 -23.95 28.41 0.92
C TYR C 205 -24.80 28.89 2.08
N GLY C 206 -25.83 28.13 2.45
CA GLY C 206 -26.71 28.50 3.54
C GLY C 206 -27.88 29.33 3.06
N ASP C 207 -28.12 29.34 1.75
CA ASP C 207 -29.23 30.05 1.13
C ASP C 207 -30.55 29.34 1.37
N ILE C 208 -30.52 28.02 1.50
CA ILE C 208 -31.69 27.28 1.96
C ILE C 208 -31.30 26.36 3.10
N THR C 209 -32.02 26.48 4.21
CA THR C 209 -31.67 25.99 5.53
C THR C 209 -32.91 25.28 6.05
N PRO C 210 -32.79 24.49 7.11
CA PRO C 210 -33.99 23.89 7.69
C PRO C 210 -34.82 24.96 8.36
N SER C 211 -36.14 24.73 8.43
CA SER C 211 -36.99 25.67 9.15
C SER C 211 -37.71 25.01 10.32
N THR C 212 -38.42 23.92 10.09
CA THR C 212 -39.15 23.25 11.15
C THR C 212 -38.19 22.31 11.86
N PRO C 213 -38.53 21.82 13.04
CA PRO C 213 -37.63 20.83 13.66
C PRO C 213 -37.57 19.53 12.88
N THR C 214 -38.66 19.09 12.26
CA THR C 214 -38.56 17.85 11.50
C THR C 214 -37.81 18.06 10.18
N GLN C 215 -37.65 19.30 9.74
CA GLN C 215 -36.69 19.57 8.67
C GLN C 215 -35.30 19.59 9.23
N THR C 216 -35.14 20.01 10.47
CA THR C 216 -33.78 20.08 10.95
C THR C 216 -33.26 18.69 11.22
N VAL C 217 -34.13 17.80 11.68
CA VAL C 217 -33.75 16.40 11.85
C VAL C 217 -33.49 15.73 10.52
N TYR C 218 -34.33 16.00 9.50
CA TYR C 218 -34.06 15.39 8.21
C TYR C 218 -32.77 15.92 7.61
N THR C 219 -32.49 17.18 7.84
CA THR C 219 -31.24 17.74 7.33
C THR C 219 -30.05 17.19 8.08
N ILE C 220 -30.18 17.00 9.39
CA ILE C 220 -29.10 16.42 10.16
C ILE C 220 -28.80 15.00 9.69
N VAL C 221 -29.85 14.23 9.45
CA VAL C 221 -29.62 12.83 9.10
C VAL C 221 -29.09 12.73 7.69
N ILE C 222 -29.52 13.63 6.81
CA ILE C 222 -28.92 13.52 5.50
C ILE C 222 -27.59 14.23 5.44
N GLU C 223 -27.27 15.05 6.43
CA GLU C 223 -25.89 15.50 6.55
C GLU C 223 -24.96 14.37 6.95
N LEU C 224 -25.37 13.54 7.91
CA LEU C 224 -24.53 12.40 8.20
C LEU C 224 -24.38 11.45 7.02
N LEU C 225 -25.49 11.14 6.32
CA LEU C 225 -25.35 10.26 5.17
C LEU C 225 -24.60 10.93 4.02
N GLY C 226 -24.74 12.23 3.85
CA GLY C 226 -24.02 12.91 2.80
C GLY C 226 -22.54 12.94 3.07
N ALA C 227 -22.17 13.20 4.33
CA ALA C 227 -20.76 13.14 4.70
C ALA C 227 -20.21 11.74 4.54
N ALA C 228 -21.01 10.73 4.86
CA ALA C 228 -20.53 9.36 4.69
C ALA C 228 -20.36 9.00 3.22
N MET C 229 -21.34 9.35 2.40
CA MET C 229 -21.28 9.04 0.98
C MET C 229 -20.18 9.82 0.28
N TYR C 230 -19.96 11.07 0.66
CA TYR C 230 -18.92 11.87 0.02
C TYR C 230 -17.53 11.43 0.47
N GLY C 231 -17.41 10.96 1.71
CA GLY C 231 -16.18 10.33 2.14
C GLY C 231 -15.92 9.04 1.40
N LEU C 232 -16.99 8.29 1.13
CA LEU C 232 -16.87 7.06 0.37
C LEU C 232 -16.46 7.35 -1.05
N VAL C 233 -16.95 8.46 -1.59
CA VAL C 233 -16.59 8.84 -2.94
C VAL C 233 -15.12 9.20 -3.01
N ILE C 234 -14.64 9.95 -2.02
CA ILE C 234 -13.22 10.29 -2.03
C ILE C 234 -12.35 9.06 -1.82
N GLY C 235 -12.79 8.13 -0.98
CA GLY C 235 -12.01 6.92 -0.78
C GLY C 235 -11.95 6.01 -1.98
N ASN C 236 -13.09 5.86 -2.67
CA ASN C 236 -13.09 5.02 -3.86
C ASN C 236 -12.38 5.67 -5.02
N ILE C 237 -12.42 6.99 -5.14
CA ILE C 237 -11.67 7.61 -6.23
C ILE C 237 -10.17 7.52 -5.97
N ALA C 238 -9.74 7.70 -4.72
CA ALA C 238 -8.32 7.56 -4.45
C ALA C 238 -7.85 6.11 -4.57
N SER C 239 -8.74 5.14 -4.37
CA SER C 239 -8.34 3.76 -4.63
C SER C 239 -8.38 3.42 -6.12
N LEU C 240 -9.27 4.05 -6.87
CA LEU C 240 -9.38 3.73 -8.27
C LEU C 240 -8.22 4.36 -9.02
N VAL C 241 -7.74 5.50 -8.54
CA VAL C 241 -6.62 6.10 -9.25
C VAL C 241 -5.32 5.63 -8.61
N SER C 242 -5.40 4.91 -7.48
CA SER C 242 -4.19 4.35 -6.93
C SER C 242 -3.82 3.09 -7.71
N LYS C 243 -4.83 2.32 -8.13
CA LYS C 243 -4.56 1.08 -8.86
C LYS C 243 -4.78 1.23 -10.36
N LEU C 244 -4.70 2.46 -10.88
CA LEU C 244 -5.03 2.73 -12.28
C LEU C 244 -3.87 2.40 -13.22
N ASP C 245 -2.64 2.62 -12.76
CA ASP C 245 -1.41 2.24 -13.47
C ASP C 245 -0.68 1.17 -12.68
N ALA C 246 -0.65 -0.04 -13.22
CA ALA C 246 0.06 -1.11 -12.54
C ALA C 246 1.36 -1.53 -13.21
N ALA C 247 1.36 -1.92 -14.49
CA ALA C 247 2.62 -2.32 -15.09
C ALA C 247 3.56 -1.14 -15.30
N LYS C 248 3.01 0.04 -15.49
CA LYS C 248 3.83 1.20 -15.77
C LYS C 248 4.25 1.87 -14.49
N LEU C 249 3.46 1.71 -13.44
CA LEU C 249 3.76 2.30 -12.11
C LEU C 249 4.84 1.46 -11.43
N LEU C 250 4.50 0.21 -11.09
CA LEU C 250 5.47 -0.72 -10.44
C LEU C 250 6.73 -0.82 -11.31
N HIS C 251 6.53 -1.09 -12.61
CA HIS C 251 7.67 -1.20 -13.57
C HIS C 251 8.54 0.06 -13.44
N ARG C 252 7.93 1.23 -13.60
CA ARG C 252 8.67 2.52 -13.50
C ARG C 252 9.43 2.54 -12.17
N GLU C 253 8.73 2.27 -11.06
CA GLU C 253 9.35 2.24 -9.71
C GLU C 253 10.61 1.37 -9.75
N ARG C 254 10.47 0.13 -10.25
CA ARG C 254 11.61 -0.81 -10.35
C ARG C 254 12.77 -0.10 -11.06
N VAL C 255 12.54 0.35 -12.31
CA VAL C 255 13.58 1.07 -13.10
C VAL C 255 14.09 2.24 -12.25
N GLU C 256 13.17 3.06 -11.74
CA GLU C 256 13.53 4.23 -10.90
C GLU C 256 14.47 3.78 -9.78
N ARG C 257 14.06 2.73 -9.04
CA ARG C 257 14.89 2.18 -7.94
C ARG C 257 16.31 1.92 -8.45
N VAL C 258 16.47 1.94 -9.78
CA VAL C 258 17.78 1.72 -10.39
C VAL C 258 18.34 2.98 -11.03
N THR C 259 17.55 4.05 -11.12
CA THR C 259 18.13 5.29 -11.61
C THR C 259 18.66 6.14 -10.47
N ALA C 260 17.90 6.26 -9.40
CA ALA C 260 18.45 7.00 -8.27
C ALA C 260 19.61 6.24 -7.66
N PHE C 261 19.71 4.94 -7.93
CA PHE C 261 20.93 4.26 -7.52
C PHE C 261 22.06 4.50 -8.50
N LEU C 262 21.80 4.37 -9.81
CA LEU C 262 22.92 4.53 -10.70
C LEU C 262 23.33 6.00 -10.80
N SER C 263 22.45 6.88 -10.33
CA SER C 263 22.84 8.25 -10.09
C SER C 263 23.58 8.37 -8.78
N TYR C 264 23.35 7.42 -7.87
CA TYR C 264 24.13 7.40 -6.64
C TYR C 264 25.58 6.99 -6.87
N LYS C 265 25.81 6.00 -7.72
CA LYS C 265 27.18 5.56 -7.95
C LYS C 265 27.96 6.52 -8.85
N ARG C 266 27.34 7.60 -9.31
CA ARG C 266 27.95 8.65 -10.13
C ARG C 266 28.54 7.97 -11.37
N ILE C 267 27.68 7.38 -12.15
CA ILE C 267 28.11 6.63 -13.32
C ILE C 267 28.14 7.54 -14.54
N SER C 268 28.88 7.13 -15.57
CA SER C 268 28.94 7.97 -16.75
C SER C 268 27.57 7.89 -17.43
N PRO C 269 27.13 8.95 -18.07
CA PRO C 269 25.80 8.97 -18.68
C PRO C 269 25.61 8.07 -19.88
N GLU C 270 26.66 7.72 -20.62
CA GLU C 270 26.44 6.84 -21.75
C GLU C 270 25.96 5.45 -21.34
N LEU C 271 26.60 4.82 -20.39
CA LEU C 271 26.07 3.52 -20.03
C LEU C 271 24.73 3.62 -19.32
N GLN C 272 24.51 4.69 -18.56
CA GLN C 272 23.23 4.84 -17.89
C GLN C 272 22.09 5.11 -18.85
N ARG C 273 22.33 5.88 -19.90
CA ARG C 273 21.32 6.05 -20.94
C ARG C 273 21.08 4.77 -21.69
N ARG C 274 22.13 3.97 -21.87
CA ARG C 274 21.96 2.70 -22.55
C ARG C 274 21.13 1.76 -21.70
N ILE C 275 21.30 1.84 -20.39
CA ILE C 275 20.50 1.05 -19.49
C ILE C 275 19.05 1.52 -19.52
N ILE C 276 18.86 2.83 -19.58
CA ILE C 276 17.52 3.39 -19.62
C ILE C 276 16.85 3.05 -20.93
N GLU C 277 17.61 2.99 -22.02
CA GLU C 277 17.01 2.61 -23.28
C GLU C 277 16.73 1.12 -23.29
N TYR C 278 17.48 0.37 -22.49
CA TYR C 278 17.12 -1.02 -22.25
C TYR C 278 15.77 -1.13 -21.56
N PHE C 279 15.54 -0.30 -20.55
CA PHE C 279 14.26 -0.36 -19.85
C PHE C 279 13.14 0.17 -20.71
N ASP C 280 13.48 1.08 -21.61
CA ASP C 280 12.51 1.52 -22.59
C ASP C 280 12.17 0.44 -23.58
N TYR C 281 13.16 -0.34 -23.99
CA TYR C 281 12.88 -1.46 -24.86
C TYR C 281 11.99 -2.51 -24.19
N LEU C 282 12.31 -2.89 -22.95
CA LEU C 282 11.50 -3.94 -22.34
C LEU C 282 10.12 -3.46 -21.93
N TRP C 283 9.94 -2.15 -21.82
CA TRP C 283 8.58 -1.64 -21.71
C TRP C 283 7.91 -1.68 -23.06
N GLU C 284 8.58 -1.15 -24.08
CA GLU C 284 7.94 -0.93 -25.37
C GLU C 284 7.89 -2.22 -26.15
N THR C 285 8.28 -3.31 -25.50
CA THR C 285 7.99 -4.63 -26.02
C THR C 285 6.98 -5.36 -25.16
N ARG C 286 7.25 -5.61 -23.87
CA ARG C 286 6.28 -6.44 -23.17
C ARG C 286 5.59 -5.72 -22.04
N ARG C 287 5.56 -4.40 -22.05
CA ARG C 287 4.81 -3.62 -21.08
C ARG C 287 5.24 -3.99 -19.67
N GLY C 288 6.54 -4.21 -19.46
CA GLY C 288 7.10 -4.31 -18.16
C GLY C 288 6.94 -5.69 -17.54
N TYR C 289 6.11 -6.54 -18.11
CA TYR C 289 5.76 -7.79 -17.44
C TYR C 289 6.77 -8.88 -17.72
N GLU C 290 7.08 -9.68 -16.70
CA GLU C 290 8.03 -10.75 -16.92
C GLU C 290 7.25 -11.98 -17.35
N GLU C 291 7.77 -12.71 -18.34
CA GLU C 291 7.01 -13.79 -18.94
C GLU C 291 6.76 -14.88 -17.90
N ARG C 292 7.78 -15.14 -17.08
CA ARG C 292 7.78 -16.24 -16.15
C ARG C 292 7.18 -15.87 -14.81
N GLU C 293 6.75 -14.63 -14.65
CA GLU C 293 6.02 -14.33 -13.42
C GLU C 293 4.58 -13.98 -13.76
N VAL C 294 4.29 -13.84 -15.05
CA VAL C 294 2.89 -13.80 -15.42
C VAL C 294 2.40 -15.25 -15.44
N LEU C 295 3.05 -16.10 -16.23
CA LEU C 295 2.64 -17.50 -16.24
C LEU C 295 3.40 -18.32 -15.20
N LYS C 296 3.47 -17.84 -13.98
CA LYS C 296 3.75 -18.71 -12.85
C LYS C 296 2.56 -18.88 -11.93
N GLU C 297 1.50 -18.11 -12.13
CA GLU C 297 0.28 -18.19 -11.35
C GLU C 297 -0.74 -19.11 -12.01
N LEU C 298 -0.29 -19.97 -12.90
CA LEU C 298 -1.07 -20.94 -13.64
C LEU C 298 -0.71 -22.35 -13.23
N PRO C 299 -1.60 -23.31 -13.42
CA PRO C 299 -1.21 -24.69 -13.18
C PRO C 299 -0.42 -25.24 -14.35
N HIS C 300 0.15 -26.42 -14.14
CA HIS C 300 1.00 -27.04 -15.15
C HIS C 300 0.34 -27.32 -16.49
N PRO C 301 -0.90 -27.83 -16.55
CA PRO C 301 -1.50 -28.02 -17.89
C PRO C 301 -1.84 -26.72 -18.55
N LEU C 302 -2.28 -25.74 -17.77
CA LEU C 302 -2.60 -24.44 -18.32
C LEU C 302 -1.34 -23.69 -18.69
N ARG C 303 -0.27 -23.87 -17.91
CA ARG C 303 0.98 -23.23 -18.26
C ARG C 303 1.55 -23.83 -19.53
N LEU C 304 1.39 -25.13 -19.70
CA LEU C 304 1.80 -25.76 -20.94
C LEU C 304 0.98 -25.28 -22.13
N ALA C 305 -0.33 -25.11 -21.94
CA ALA C 305 -1.13 -24.66 -23.07
C ALA C 305 -0.82 -23.22 -23.43
N VAL C 306 -0.61 -22.37 -22.43
CA VAL C 306 -0.26 -20.99 -22.71
C VAL C 306 1.11 -20.86 -23.37
N ALA C 307 2.10 -21.60 -22.89
CA ALA C 307 3.40 -21.50 -23.55
C ALA C 307 3.37 -22.06 -24.96
N MET C 308 2.59 -23.11 -25.20
CA MET C 308 2.50 -23.58 -26.58
C MET C 308 1.75 -22.61 -27.46
N GLU C 309 0.75 -21.93 -26.90
CA GLU C 309 0.03 -20.95 -27.71
C GLU C 309 0.87 -19.71 -27.93
N ILE C 310 1.71 -19.35 -26.98
CA ILE C 310 2.49 -18.15 -27.19
C ILE C 310 3.59 -18.46 -28.19
N HIS C 311 4.36 -19.49 -27.91
CA HIS C 311 5.43 -19.88 -28.81
C HIS C 311 5.02 -20.98 -29.77
N GLY C 312 3.92 -20.82 -30.50
CA GLY C 312 3.48 -21.90 -31.37
C GLY C 312 4.22 -21.81 -32.68
N ASP C 313 4.11 -20.68 -33.36
CA ASP C 313 4.84 -20.56 -34.61
C ASP C 313 6.21 -20.01 -34.32
N VAL C 314 6.66 -20.19 -33.08
CA VAL C 314 7.97 -19.82 -32.61
C VAL C 314 8.73 -21.10 -32.41
N ILE C 315 8.05 -22.11 -31.91
CA ILE C 315 8.68 -23.37 -31.61
C ILE C 315 8.66 -24.13 -32.92
N GLU C 316 7.88 -23.60 -33.88
CA GLU C 316 7.90 -23.97 -35.28
C GLU C 316 8.79 -23.08 -36.13
N LYS C 317 9.13 -21.86 -35.68
CA LYS C 317 10.11 -21.09 -36.45
C LYS C 317 11.35 -21.91 -36.75
N VAL C 318 11.63 -22.93 -35.94
CA VAL C 318 12.91 -23.60 -36.00
C VAL C 318 12.90 -24.57 -37.16
N ALA C 319 14.07 -24.79 -37.75
CA ALA C 319 14.28 -25.95 -38.60
C ALA C 319 14.57 -27.20 -37.77
N LEU C 320 14.26 -27.16 -36.48
CA LEU C 320 14.74 -28.15 -35.53
C LEU C 320 13.66 -28.88 -34.77
N PHE C 321 12.54 -28.24 -34.44
CA PHE C 321 11.51 -28.91 -33.67
C PHE C 321 10.35 -29.32 -34.53
N LYS C 322 10.49 -29.20 -35.84
CA LYS C 322 9.44 -29.62 -36.74
C LYS C 322 9.64 -31.09 -37.02
N GLY C 323 8.57 -31.87 -36.93
CA GLY C 323 8.68 -33.32 -36.94
C GLY C 323 9.06 -33.92 -35.60
N ALA C 324 9.27 -33.11 -34.57
CA ALA C 324 9.56 -33.60 -33.24
C ALA C 324 8.27 -34.08 -32.58
N GLY C 325 8.38 -34.67 -31.39
CA GLY C 325 7.19 -35.14 -30.72
C GLY C 325 6.37 -33.99 -30.16
N GLU C 326 5.09 -34.25 -29.92
CA GLU C 326 4.16 -33.22 -29.36
C GLU C 326 4.59 -32.92 -27.93
N GLU C 327 4.74 -33.96 -27.11
CA GLU C 327 5.17 -33.79 -25.69
C GLU C 327 6.56 -33.14 -25.68
N PHE C 328 7.45 -33.61 -26.56
CA PHE C 328 8.82 -33.05 -26.65
C PHE C 328 8.73 -31.52 -26.78
N ILE C 329 7.94 -31.06 -27.75
CA ILE C 329 7.74 -29.59 -27.97
C ILE C 329 7.34 -28.95 -26.64
N ARG C 330 6.30 -29.50 -26.00
CA ARG C 330 5.83 -28.97 -24.69
C ARG C 330 7.02 -28.90 -23.72
N ASP C 331 7.74 -30.01 -23.57
CA ASP C 331 8.92 -30.06 -22.68
C ASP C 331 9.87 -28.91 -23.06
N ILE C 332 10.21 -28.82 -24.36
CA ILE C 332 11.11 -27.74 -24.85
C ILE C 332 10.56 -26.39 -24.37
N ILE C 333 9.31 -26.08 -24.70
CA ILE C 333 8.67 -24.81 -24.25
C ILE C 333 8.80 -24.74 -22.73
N LEU C 334 8.31 -25.76 -22.03
CA LEU C 334 8.39 -25.81 -20.55
C LEU C 334 9.84 -25.58 -20.13
N HIS C 335 10.73 -25.44 -21.12
CA HIS C 335 12.14 -25.21 -20.86
C HIS C 335 12.78 -24.10 -21.69
N LEU C 336 12.01 -23.29 -22.42
CA LEU C 336 12.61 -22.19 -23.14
C LEU C 336 12.95 -21.00 -22.26
N GLU C 337 14.16 -20.46 -22.41
CA GLU C 337 14.58 -19.39 -21.54
C GLU C 337 14.89 -18.13 -22.33
N PRO C 338 14.28 -17.00 -22.00
CA PRO C 338 14.50 -15.77 -22.77
C PRO C 338 15.70 -15.00 -22.27
N VAL C 339 16.51 -14.45 -23.19
CA VAL C 339 17.55 -13.53 -22.76
C VAL C 339 17.52 -12.34 -23.72
N ILE C 340 17.94 -11.17 -23.25
CA ILE C 340 17.85 -9.97 -24.06
C ILE C 340 19.20 -9.27 -24.19
N TYR C 341 19.67 -9.13 -25.42
CA TYR C 341 20.92 -8.46 -25.73
C TYR C 341 20.61 -7.14 -26.42
N GLY C 342 21.25 -6.07 -25.95
CA GLY C 342 21.03 -4.78 -26.55
C GLY C 342 21.74 -4.69 -27.88
N PRO C 343 21.50 -3.61 -28.60
CA PRO C 343 22.11 -3.46 -29.91
C PRO C 343 23.61 -3.24 -29.84
N GLY C 344 24.36 -4.20 -30.37
CA GLY C 344 25.79 -4.13 -30.37
C GLY C 344 26.48 -4.97 -29.31
N GLU C 345 25.73 -5.64 -28.44
CA GLU C 345 26.35 -6.45 -27.42
C GLU C 345 27.04 -7.66 -28.03
N TYR C 346 28.06 -8.17 -27.34
CA TYR C 346 28.70 -9.40 -27.77
C TYR C 346 27.99 -10.52 -27.03
N ILE C 347 27.34 -11.41 -27.77
CA ILE C 347 26.76 -12.56 -27.10
C ILE C 347 27.78 -13.68 -27.04
N ILE C 348 28.35 -13.99 -28.21
CA ILE C 348 29.37 -15.01 -28.35
C ILE C 348 30.56 -14.49 -29.13
N ARG C 349 31.74 -14.70 -28.59
CA ARG C 349 33.00 -14.46 -29.29
C ARG C 349 33.56 -15.81 -29.72
N ALA C 350 33.97 -15.90 -30.97
CA ALA C 350 34.45 -17.17 -31.53
C ALA C 350 35.78 -17.50 -30.88
N GLY C 351 35.85 -18.70 -30.31
CA GLY C 351 37.03 -19.14 -29.59
C GLY C 351 36.81 -19.24 -28.10
N GLU C 352 35.64 -18.85 -27.62
CA GLU C 352 35.31 -18.99 -26.21
C GLU C 352 35.01 -20.46 -25.93
N MET C 353 34.77 -20.81 -24.67
CA MET C 353 34.37 -22.18 -24.40
C MET C 353 32.99 -22.54 -24.92
N GLY C 354 31.94 -21.91 -24.41
CA GLY C 354 30.62 -22.10 -24.96
C GLY C 354 29.95 -23.38 -24.47
N SER C 355 28.69 -23.31 -24.06
CA SER C 355 28.02 -24.50 -23.56
C SER C 355 26.66 -24.68 -24.24
N ASP C 356 25.96 -23.58 -24.44
CA ASP C 356 24.53 -23.56 -24.64
C ASP C 356 24.17 -23.01 -26.02
N VAL C 357 23.00 -23.40 -26.51
CA VAL C 357 22.56 -23.04 -27.85
C VAL C 357 21.60 -21.88 -27.71
N TYR C 358 21.53 -21.05 -28.73
CA TYR C 358 20.71 -19.87 -28.64
C TYR C 358 19.76 -19.87 -29.80
N PHE C 359 18.51 -19.52 -29.51
CA PHE C 359 17.48 -19.36 -30.53
C PHE C 359 17.01 -17.93 -30.54
N ILE C 360 17.09 -17.31 -31.71
CA ILE C 360 16.65 -15.92 -31.84
C ILE C 360 15.13 -15.90 -31.97
N ASN C 361 14.50 -15.05 -31.18
CA ASN C 361 13.06 -14.91 -31.30
C ASN C 361 12.65 -13.58 -31.91
N ARG C 362 13.21 -12.46 -31.46
CA ARG C 362 12.67 -11.20 -31.92
C ARG C 362 13.69 -10.34 -32.63
N GLY C 363 14.86 -10.12 -32.04
CA GLY C 363 15.80 -9.17 -32.60
C GLY C 363 16.65 -9.74 -33.71
N SER C 364 17.69 -8.99 -34.04
CA SER C 364 18.67 -9.42 -35.03
C SER C 364 20.01 -9.67 -34.33
N VAL C 365 20.93 -10.25 -35.09
CA VAL C 365 22.28 -10.53 -34.60
C VAL C 365 23.18 -10.70 -35.82
N GLU C 366 24.49 -10.63 -35.62
CA GLU C 366 25.37 -10.88 -36.74
C GLU C 366 26.40 -11.93 -36.33
N VAL C 367 26.90 -12.63 -37.34
CA VAL C 367 27.85 -13.73 -37.19
C VAL C 367 29.20 -13.37 -37.78
N LEU C 368 30.23 -13.48 -36.96
CA LEU C 368 31.59 -13.12 -37.34
C LEU C 368 32.48 -14.35 -37.18
N SER C 369 33.61 -14.32 -37.86
CA SER C 369 34.57 -15.41 -37.77
C SER C 369 35.38 -15.29 -36.50
N ALA C 370 36.35 -16.20 -36.35
CA ALA C 370 37.08 -16.31 -35.09
C ALA C 370 37.96 -15.09 -34.87
N ASP C 371 38.46 -14.50 -35.95
CA ASP C 371 39.25 -13.28 -35.86
C ASP C 371 38.37 -12.05 -35.84
N GLU C 372 37.07 -12.25 -36.02
CA GLU C 372 36.07 -11.19 -36.06
C GLU C 372 36.40 -10.22 -37.17
N LYS C 373 36.92 -10.74 -38.27
CA LYS C 373 37.26 -10.01 -39.47
C LYS C 373 36.43 -10.42 -40.67
N THR C 374 36.26 -11.72 -40.85
CA THR C 374 35.51 -12.30 -41.95
C THR C 374 34.11 -12.62 -41.44
N ARG C 375 33.11 -12.01 -42.05
CA ARG C 375 31.72 -12.21 -41.67
C ARG C 375 31.19 -13.51 -42.25
N TYR C 376 30.75 -14.42 -41.38
CA TYR C 376 30.14 -15.65 -41.87
C TYR C 376 28.76 -15.38 -42.44
N ALA C 377 27.87 -14.88 -41.60
CA ALA C 377 26.49 -14.59 -41.95
C ALA C 377 25.96 -13.55 -40.97
N ILE C 378 24.66 -13.29 -41.03
CA ILE C 378 23.99 -12.37 -40.13
C ILE C 378 22.63 -13.00 -39.84
N LEU C 379 22.32 -13.20 -38.57
CA LEU C 379 21.11 -13.88 -38.19
C LEU C 379 20.03 -12.90 -37.75
N SER C 380 18.79 -13.39 -37.74
CA SER C 380 17.62 -12.58 -37.46
C SER C 380 16.71 -13.37 -36.55
N GLU C 381 15.48 -12.93 -36.38
CA GLU C 381 14.61 -13.63 -35.46
C GLU C 381 14.17 -14.94 -36.07
N GLY C 382 13.94 -15.94 -35.21
CA GLY C 382 13.61 -17.25 -35.71
C GLY C 382 14.81 -18.14 -35.92
N GLN C 383 16.00 -17.57 -36.06
CA GLN C 383 17.20 -18.35 -36.32
C GLN C 383 17.90 -18.69 -35.01
N PHE C 384 19.11 -19.24 -35.10
CA PHE C 384 19.70 -19.85 -33.92
C PHE C 384 21.21 -19.96 -34.02
N PHE C 385 21.87 -19.91 -32.87
CA PHE C 385 23.31 -20.12 -32.79
C PHE C 385 23.62 -20.90 -31.52
N GLY C 386 24.89 -21.25 -31.38
CA GLY C 386 25.41 -22.03 -30.29
C GLY C 386 25.07 -23.49 -30.37
N GLU C 387 24.74 -23.97 -31.56
CA GLU C 387 24.36 -25.37 -31.66
C GLU C 387 25.56 -26.29 -31.57
N MET C 388 26.76 -25.79 -31.85
CA MET C 388 27.96 -26.61 -31.78
C MET C 388 28.60 -26.47 -30.39
N ALA C 389 27.75 -26.59 -29.36
CA ALA C 389 28.21 -26.62 -27.98
C ALA C 389 27.53 -27.67 -27.12
N LEU C 390 26.35 -28.12 -27.54
CA LEU C 390 25.63 -29.14 -26.78
C LEU C 390 26.20 -30.54 -26.97
N ILE C 391 26.35 -31.00 -28.21
CA ILE C 391 26.79 -32.39 -28.34
C ILE C 391 28.28 -32.49 -28.10
N LEU C 392 28.97 -31.36 -28.09
CA LEU C 392 30.42 -31.35 -28.11
C LEU C 392 30.94 -30.27 -27.18
N ARG C 393 32.13 -30.52 -26.66
CA ARG C 393 32.83 -29.58 -25.79
C ARG C 393 33.86 -28.80 -26.56
N ALA C 394 33.51 -28.42 -27.78
CA ALA C 394 34.28 -27.57 -28.66
C ALA C 394 34.13 -26.10 -28.32
N PRO C 395 35.10 -25.28 -28.73
CA PRO C 395 34.99 -23.83 -28.55
C PRO C 395 34.19 -23.21 -29.68
N ARG C 396 33.76 -21.98 -29.43
CA ARG C 396 32.94 -21.24 -30.38
C ARG C 396 33.55 -21.20 -31.78
N THR C 397 32.67 -21.32 -32.78
CA THR C 397 33.03 -21.37 -34.19
C THR C 397 32.72 -20.08 -34.92
N ALA C 398 32.04 -19.13 -34.28
CA ALA C 398 31.75 -17.88 -34.94
C ALA C 398 31.53 -16.83 -33.87
N THR C 399 31.77 -15.57 -34.22
CA THR C 399 31.60 -14.50 -33.26
C THR C 399 30.23 -13.87 -33.42
N VAL C 400 29.50 -13.79 -32.32
CA VAL C 400 28.12 -13.36 -32.35
C VAL C 400 27.93 -12.00 -31.70
N ARG C 401 27.81 -10.95 -32.51
CA ARG C 401 27.57 -9.62 -31.99
C ARG C 401 26.08 -9.33 -32.13
N ALA C 402 25.50 -8.69 -31.13
CA ALA C 402 24.12 -8.29 -31.28
C ALA C 402 24.03 -7.15 -32.28
N ARG C 403 22.86 -6.98 -32.85
CA ARG C 403 22.66 -5.85 -33.74
C ARG C 403 21.61 -4.89 -33.22
N ALA C 404 20.42 -5.38 -32.89
CA ALA C 404 19.42 -4.63 -32.13
C ALA C 404 19.16 -5.32 -30.80
N PHE C 405 18.14 -4.87 -30.08
CA PHE C 405 17.69 -5.58 -28.90
C PHE C 405 17.13 -6.93 -29.35
N CYS C 406 17.43 -7.99 -28.59
CA CYS C 406 17.28 -9.31 -29.19
C CYS C 406 16.04 -10.09 -28.79
N ASP C 407 15.74 -10.20 -27.49
CA ASP C 407 14.67 -11.09 -27.03
C ASP C 407 14.93 -12.50 -27.56
N LEU C 408 16.02 -13.09 -27.14
CA LEU C 408 16.48 -14.37 -27.65
C LEU C 408 16.46 -15.46 -26.59
N TYR C 409 16.15 -16.66 -27.05
CA TYR C 409 16.00 -17.82 -26.19
C TYR C 409 17.25 -18.68 -26.18
N ARG C 410 17.56 -19.18 -25.01
CA ARG C 410 18.75 -19.98 -24.78
C ARG C 410 18.30 -21.29 -24.15
N LEU C 411 19.15 -22.30 -24.29
CA LEU C 411 18.88 -23.62 -23.77
C LEU C 411 20.04 -24.17 -22.98
N ASP C 412 19.81 -24.49 -21.71
CA ASP C 412 20.90 -24.94 -20.87
C ASP C 412 21.32 -26.33 -21.34
N LYS C 413 22.52 -26.72 -20.94
CA LYS C 413 23.01 -28.03 -21.36
C LYS C 413 22.38 -29.21 -20.63
N GLU C 414 22.17 -29.15 -19.31
CA GLU C 414 21.63 -30.32 -18.64
C GLU C 414 20.18 -30.62 -19.05
N THR C 415 19.35 -29.59 -19.19
CA THR C 415 17.99 -29.89 -19.61
C THR C 415 17.95 -30.38 -21.06
N PHE C 416 18.75 -29.76 -21.92
CA PHE C 416 18.79 -30.18 -23.31
C PHE C 416 19.33 -31.59 -23.49
N ASP C 417 20.43 -31.94 -22.84
CA ASP C 417 20.89 -33.31 -23.02
C ASP C 417 20.05 -34.31 -22.26
N ARG C 418 19.22 -33.85 -21.33
CA ARG C 418 18.33 -34.79 -20.66
C ARG C 418 17.14 -35.09 -21.54
N ILE C 419 16.56 -34.08 -22.17
CA ILE C 419 15.41 -34.35 -23.01
C ILE C 419 15.83 -34.56 -24.46
N LEU C 420 17.14 -34.57 -24.73
CA LEU C 420 17.65 -35.03 -26.01
C LEU C 420 18.11 -36.47 -25.99
N SER C 421 18.43 -37.03 -24.81
CA SER C 421 18.91 -38.40 -24.87
C SER C 421 17.77 -39.31 -25.22
N ARG C 422 16.57 -38.95 -24.79
CA ARG C 422 15.38 -39.75 -24.98
C ARG C 422 14.64 -39.41 -26.27
N TYR C 423 15.12 -38.45 -27.06
CA TYR C 423 14.60 -38.24 -28.41
C TYR C 423 15.61 -38.48 -29.52
N PRO C 424 15.44 -39.56 -30.29
CA PRO C 424 16.50 -39.94 -31.22
C PRO C 424 16.46 -39.07 -32.48
N GLU C 425 15.25 -38.68 -32.88
CA GLU C 425 15.06 -38.01 -34.16
C GLU C 425 15.59 -36.58 -34.15
N ILE C 426 15.50 -35.90 -33.01
CA ILE C 426 16.11 -34.58 -32.94
C ILE C 426 17.62 -34.70 -32.74
N ALA C 427 18.08 -35.78 -32.13
CA ALA C 427 19.53 -36.00 -32.07
C ALA C 427 20.10 -36.25 -33.46
N ALA C 428 19.24 -36.66 -34.38
CA ALA C 428 19.68 -36.72 -35.77
C ALA C 428 19.41 -35.41 -36.48
N GLN C 429 18.39 -34.67 -36.04
CA GLN C 429 18.13 -33.41 -36.69
C GLN C 429 19.27 -32.46 -36.39
N ILE C 430 19.86 -32.61 -35.20
CA ILE C 430 20.98 -31.78 -34.78
C ILE C 430 22.33 -32.31 -35.24
N GLN C 431 22.43 -33.60 -35.63
CA GLN C 431 23.77 -34.03 -36.03
C GLN C 431 24.13 -33.45 -37.39
N THR D 29 19.36 19.64 -29.72
CA THR D 29 18.99 20.77 -28.86
C THR D 29 18.19 21.80 -29.65
N TYR D 30 18.05 21.55 -30.95
CA TYR D 30 17.15 22.40 -31.71
C TYR D 30 15.77 21.81 -31.77
N THR D 31 15.61 20.64 -31.18
CA THR D 31 14.26 20.17 -31.10
C THR D 31 13.81 20.39 -29.68
N LEU D 32 14.77 20.62 -28.78
CA LEU D 32 14.38 21.03 -27.45
C LEU D 32 13.91 22.47 -27.50
N VAL D 33 14.57 23.28 -28.34
CA VAL D 33 14.05 24.63 -28.58
C VAL D 33 12.76 24.58 -29.40
N TRP D 34 12.57 23.55 -30.23
CA TRP D 34 11.28 23.45 -30.90
C TRP D 34 10.16 23.06 -29.96
N LYS D 35 10.43 22.18 -29.01
CA LYS D 35 9.43 21.84 -28.00
C LYS D 35 9.11 23.05 -27.14
N VAL D 36 10.12 23.87 -26.84
CA VAL D 36 9.85 25.10 -26.09
C VAL D 36 9.01 26.07 -26.91
N TRP D 37 9.26 26.13 -28.21
CA TRP D 37 8.45 27.01 -29.03
C TRP D 37 7.01 26.52 -29.16
N ILE D 38 6.83 25.20 -29.27
CA ILE D 38 5.49 24.63 -29.33
C ILE D 38 4.74 24.78 -28.02
N LEU D 39 5.43 24.62 -26.89
CA LEU D 39 4.76 24.84 -25.61
C LEU D 39 4.33 26.30 -25.47
N ALA D 40 5.17 27.22 -25.93
CA ALA D 40 4.75 28.63 -25.87
C ALA D 40 3.57 28.89 -26.80
N VAL D 41 3.53 28.20 -27.94
CA VAL D 41 2.42 28.38 -28.88
C VAL D 41 1.12 27.85 -28.29
N THR D 42 1.17 26.65 -27.71
CA THR D 42 -0.06 26.09 -27.19
C THR D 42 -0.48 26.79 -25.91
N LEU D 43 0.46 27.41 -25.20
CA LEU D 43 0.09 28.19 -24.04
C LEU D 43 -0.64 29.44 -24.48
N TYR D 44 -0.10 30.10 -25.52
CA TYR D 44 -0.74 31.28 -26.06
C TYR D 44 -2.17 30.97 -26.50
N TYR D 45 -2.37 29.82 -27.15
CA TYR D 45 -3.74 29.50 -27.54
C TYR D 45 -4.61 29.19 -26.35
N ALA D 46 -4.04 28.53 -25.33
CA ALA D 46 -4.82 28.19 -24.15
C ALA D 46 -5.20 29.43 -23.36
N ILE D 47 -4.40 30.49 -23.44
CA ILE D 47 -4.78 31.73 -22.80
C ILE D 47 -5.65 32.61 -23.69
N ARG D 48 -5.57 32.45 -25.01
CA ARG D 48 -6.27 33.38 -25.88
C ARG D 48 -7.66 32.91 -26.26
N ILE D 49 -7.82 31.64 -26.59
CA ILE D 49 -9.05 31.17 -27.22
C ILE D 49 -10.24 31.38 -26.31
N PRO D 50 -10.20 31.01 -25.03
CA PRO D 50 -11.34 31.32 -24.17
C PRO D 50 -11.48 32.78 -23.84
N LEU D 51 -10.44 33.57 -24.09
CA LEU D 51 -10.58 34.97 -23.81
C LEU D 51 -11.19 35.70 -24.97
N THR D 52 -11.06 35.16 -26.17
CA THR D 52 -11.74 35.81 -27.25
C THR D 52 -13.11 35.20 -27.50
N LEU D 53 -13.38 34.00 -26.97
CA LEU D 53 -14.77 33.58 -26.99
C LEU D 53 -15.61 34.40 -26.03
N VAL D 54 -15.07 34.75 -24.86
CA VAL D 54 -15.89 35.55 -23.97
C VAL D 54 -15.95 36.99 -24.45
N PHE D 55 -14.79 37.55 -24.77
CA PHE D 55 -14.74 38.91 -25.27
C PHE D 55 -14.50 38.82 -26.75
N PRO D 56 -15.51 39.03 -27.59
CA PRO D 56 -15.25 39.10 -29.03
C PRO D 56 -14.72 40.45 -29.48
N SER D 57 -14.57 41.41 -28.57
CA SER D 57 -13.92 42.66 -28.91
C SER D 57 -12.42 42.50 -29.14
N LEU D 58 -11.84 41.40 -28.67
CA LEU D 58 -10.49 40.98 -29.00
C LEU D 58 -10.44 40.24 -30.32
N PHE D 59 -9.29 39.59 -30.55
CA PHE D 59 -9.00 38.81 -31.74
C PHE D 59 -8.76 39.64 -32.99
N SER D 60 -9.26 40.87 -32.99
CA SER D 60 -9.11 41.68 -34.19
C SER D 60 -7.75 42.35 -34.26
N PRO D 61 -7.22 42.98 -33.21
CA PRO D 61 -5.81 43.38 -33.30
C PRO D 61 -4.87 42.30 -32.80
N LEU D 62 -5.19 41.02 -33.03
CA LEU D 62 -4.33 39.94 -32.56
C LEU D 62 -4.40 38.71 -33.44
N LEU D 63 -5.14 38.75 -34.55
CA LEU D 63 -5.07 37.70 -35.56
C LEU D 63 -3.65 37.31 -36.01
N PRO D 64 -2.66 38.21 -36.13
CA PRO D 64 -1.34 37.74 -36.61
C PRO D 64 -0.70 36.69 -35.72
N LEU D 65 -0.86 36.80 -34.41
CA LEU D 65 -0.33 35.75 -33.56
C LEU D 65 -1.12 34.46 -33.68
N ASP D 66 -2.41 34.56 -34.01
CA ASP D 66 -3.16 33.35 -34.35
C ASP D 66 -2.59 32.68 -35.58
N ILE D 67 -2.28 33.46 -36.61
CA ILE D 67 -1.73 32.88 -37.84
C ILE D 67 -0.37 32.24 -37.57
N LEU D 68 0.51 32.96 -36.87
CA LEU D 68 1.86 32.43 -36.59
C LEU D 68 1.79 31.19 -35.71
N ALA D 69 0.95 31.21 -34.69
CA ALA D 69 0.87 30.07 -33.79
C ALA D 69 0.20 28.88 -34.46
N SER D 70 -0.76 29.13 -35.36
CA SER D 70 -1.39 28.03 -36.08
C SER D 70 -0.40 27.40 -37.05
N LEU D 71 0.44 28.21 -37.69
CA LEU D 71 1.49 27.64 -38.52
C LEU D 71 2.48 26.84 -37.69
N ALA D 72 2.76 27.28 -36.47
CA ALA D 72 3.64 26.52 -35.60
C ALA D 72 3.02 25.17 -35.23
N LEU D 73 1.72 25.16 -34.93
CA LEU D 73 1.08 23.89 -34.58
C LEU D 73 0.97 22.96 -35.78
N ILE D 74 0.82 23.50 -36.98
CA ILE D 74 0.70 22.62 -38.14
C ILE D 74 2.05 22.20 -38.69
N ALA D 75 3.13 22.88 -38.33
CA ALA D 75 4.48 22.50 -38.73
C ALA D 75 5.24 21.76 -37.64
N ASP D 76 4.67 21.59 -36.45
CA ASP D 76 5.38 20.82 -35.43
C ASP D 76 5.43 19.32 -35.72
N ILE D 77 4.35 18.74 -36.22
CA ILE D 77 4.21 17.30 -36.38
C ILE D 77 5.16 16.73 -37.44
N PRO D 78 5.52 17.46 -38.49
CA PRO D 78 6.64 16.95 -39.31
C PRO D 78 7.96 16.94 -38.58
N LEU D 79 8.21 17.87 -37.67
CA LEU D 79 9.45 17.75 -36.91
C LEU D 79 9.34 16.80 -35.72
N ASP D 80 8.14 16.32 -35.38
CA ASP D 80 8.06 15.16 -34.50
C ASP D 80 8.23 13.85 -35.24
N SER D 99 -4.48 8.40 -30.67
CA SER D 99 -3.36 9.27 -30.36
C SER D 99 -2.84 10.08 -31.54
N ARG D 100 -3.70 10.40 -32.51
CA ARG D 100 -3.26 11.16 -33.67
C ARG D 100 -4.15 12.36 -33.99
N LEU D 101 -5.43 12.28 -33.73
CA LEU D 101 -6.49 13.26 -33.93
C LEU D 101 -6.34 14.62 -33.21
N PRO D 102 -5.54 14.75 -32.14
CA PRO D 102 -5.22 16.11 -31.67
C PRO D 102 -4.56 17.06 -32.66
N ASP D 103 -3.52 16.65 -33.39
CA ASP D 103 -2.96 17.60 -34.35
C ASP D 103 -3.93 17.91 -35.49
N LEU D 104 -4.74 16.93 -35.91
CA LEU D 104 -5.68 17.16 -37.00
C LEU D 104 -6.81 18.08 -36.56
N LEU D 105 -7.29 17.90 -35.33
CA LEU D 105 -8.32 18.80 -34.81
C LEU D 105 -7.75 20.18 -34.49
N ALA D 106 -6.47 20.26 -34.13
CA ALA D 106 -5.83 21.55 -33.93
C ALA D 106 -5.53 22.26 -35.24
N ALA D 107 -5.48 21.53 -36.35
CA ALA D 107 -5.06 22.10 -37.62
C ALA D 107 -6.09 23.00 -38.28
N LEU D 108 -7.38 22.65 -38.21
CA LEU D 108 -8.43 23.34 -38.95
C LEU D 108 -8.83 24.67 -38.30
N PRO D 109 -9.12 25.69 -39.12
CA PRO D 109 -9.47 27.03 -38.64
C PRO D 109 -10.85 27.08 -38.01
N LEU D 110 -10.93 26.66 -36.74
CA LEU D 110 -12.19 26.70 -36.04
C LEU D 110 -12.56 28.08 -35.53
N ASP D 111 -11.61 29.01 -35.43
CA ASP D 111 -12.05 30.39 -35.38
C ASP D 111 -12.18 30.93 -36.79
N LEU D 112 -12.39 32.25 -36.92
CA LEU D 112 -12.61 32.96 -38.17
C LEU D 112 -13.98 32.61 -38.75
N LEU D 113 -14.49 31.45 -38.37
CA LEU D 113 -15.85 31.07 -38.74
C LEU D 113 -16.84 31.73 -37.81
N VAL D 114 -16.50 31.73 -36.53
CA VAL D 114 -17.28 32.46 -35.55
C VAL D 114 -17.33 33.91 -35.98
N PHE D 115 -16.21 34.47 -36.41
CA PHE D 115 -16.15 35.88 -36.67
C PHE D 115 -16.67 36.27 -38.05
N ALA D 116 -16.66 35.38 -39.04
CA ALA D 116 -17.29 35.78 -40.30
C ALA D 116 -18.77 35.44 -40.38
N LEU D 117 -19.21 34.35 -39.75
CA LEU D 117 -20.62 33.97 -39.87
C LEU D 117 -21.44 34.32 -38.64
N HIS D 118 -20.80 34.77 -37.56
CA HIS D 118 -21.49 35.24 -36.38
C HIS D 118 -22.36 34.10 -35.83
N LEU D 119 -21.70 33.01 -35.51
CA LEU D 119 -22.39 31.85 -35.00
C LEU D 119 -22.93 32.12 -33.60
N PRO D 120 -24.10 31.56 -33.26
CA PRO D 120 -24.72 31.87 -31.97
C PRO D 120 -23.97 31.26 -30.80
N SER D 121 -24.45 31.59 -29.60
CA SER D 121 -23.69 31.34 -28.38
C SER D 121 -23.46 29.86 -28.07
N PRO D 122 -24.44 28.95 -28.20
CA PRO D 122 -24.12 27.54 -27.97
C PRO D 122 -23.47 26.81 -29.13
N LEU D 123 -23.26 27.45 -30.28
CA LEU D 123 -22.64 26.75 -31.40
C LEU D 123 -21.27 27.30 -31.76
N SER D 124 -20.97 28.53 -31.37
CA SER D 124 -19.66 29.11 -31.66
C SER D 124 -18.58 28.43 -30.85
N LEU D 125 -18.97 27.83 -29.73
CA LEU D 125 -18.07 27.35 -28.70
C LEU D 125 -17.22 26.18 -29.17
N LEU D 126 -17.59 25.53 -30.26
CA LEU D 126 -16.77 24.47 -30.84
C LEU D 126 -15.44 24.96 -31.39
N SER D 127 -15.22 26.27 -31.49
CA SER D 127 -13.89 26.79 -31.76
C SER D 127 -12.89 26.55 -30.64
N LEU D 128 -13.31 26.00 -29.49
CA LEU D 128 -12.37 25.52 -28.48
C LEU D 128 -11.78 24.16 -28.81
N VAL D 129 -12.16 23.58 -29.95
CA VAL D 129 -11.64 22.27 -30.33
C VAL D 129 -10.14 22.30 -30.51
N ARG D 130 -9.57 23.44 -30.91
CA ARG D 130 -8.12 23.54 -30.95
C ARG D 130 -7.46 23.22 -29.63
N LEU D 131 -8.14 23.47 -28.51
CA LEU D 131 -7.59 23.21 -27.19
C LEU D 131 -7.52 21.74 -26.79
N LEU D 132 -7.96 20.80 -27.63
CA LEU D 132 -7.62 19.40 -27.37
C LEU D 132 -6.17 19.05 -27.67
N LYS D 133 -5.45 19.95 -28.33
CA LYS D 133 -4.05 19.71 -28.68
C LYS D 133 -3.20 19.64 -27.42
N LEU D 134 -3.66 20.30 -26.35
CA LEU D 134 -2.90 20.35 -25.12
C LEU D 134 -2.74 18.99 -24.49
N ILE D 135 -3.59 18.02 -24.81
CA ILE D 135 -3.36 16.67 -24.29
C ILE D 135 -2.14 16.06 -24.95
N SER D 136 -1.97 16.30 -26.24
CA SER D 136 -0.81 15.80 -26.96
C SER D 136 0.46 16.49 -26.51
N VAL D 137 0.38 17.81 -26.29
CA VAL D 137 1.58 18.51 -25.84
C VAL D 137 1.92 18.11 -24.41
N GLN D 138 0.91 17.84 -23.59
CA GLN D 138 1.13 17.29 -22.27
C GLN D 138 1.85 15.95 -22.31
N ARG D 139 1.34 15.01 -23.11
CA ARG D 139 1.98 13.71 -23.14
C ARG D 139 3.34 13.75 -23.82
N SER D 140 3.62 14.81 -24.58
CA SER D 140 4.95 14.93 -25.17
C SER D 140 5.93 15.58 -24.20
N ALA D 141 5.49 16.62 -23.48
CA ALA D 141 6.35 17.27 -22.52
C ALA D 141 6.55 16.43 -21.26
N THR D 142 5.69 15.45 -21.03
CA THR D 142 5.87 14.51 -19.93
C THR D 142 6.84 13.39 -20.27
N ARG D 143 7.35 13.36 -21.48
CA ARG D 143 8.33 12.37 -21.90
C ARG D 143 9.63 12.96 -22.41
N ILE D 144 9.63 14.21 -22.90
CA ILE D 144 10.87 14.80 -23.40
C ILE D 144 11.87 15.18 -22.30
N LEU D 145 11.42 15.36 -21.06
CA LEU D 145 12.33 15.77 -19.97
C LEU D 145 11.99 15.01 -18.68
N SER D 146 11.73 13.73 -18.82
CA SER D 146 11.31 12.84 -17.74
C SER D 146 12.43 12.31 -16.85
N TYR D 147 13.70 12.56 -17.16
CA TYR D 147 14.75 12.09 -16.26
C TYR D 147 15.80 13.09 -15.80
N ARG D 148 15.77 14.33 -16.25
CA ARG D 148 16.59 15.31 -15.57
C ARG D 148 16.16 15.51 -14.13
N ILE D 149 14.85 15.39 -13.87
CA ILE D 149 14.29 15.56 -12.53
C ILE D 149 13.44 14.32 -12.25
N ASN D 150 12.93 14.26 -11.03
CA ASN D 150 12.02 13.18 -10.67
C ASN D 150 10.79 13.21 -11.57
N PRO D 151 10.30 12.03 -11.99
CA PRO D 151 9.05 11.97 -12.79
C PRO D 151 7.77 12.20 -11.99
N ALA D 152 7.80 12.05 -10.68
CA ALA D 152 6.59 12.30 -9.91
C ALA D 152 6.41 13.79 -9.69
N LEU D 153 7.51 14.51 -9.49
CA LEU D 153 7.37 15.96 -9.40
C LEU D 153 6.89 16.49 -10.75
N LEU D 154 7.29 15.83 -11.83
CA LEU D 154 6.81 16.19 -13.15
C LEU D 154 5.31 15.96 -13.26
N ARG D 155 4.83 14.81 -12.77
CA ARG D 155 3.40 14.57 -12.85
C ARG D 155 2.62 15.54 -11.98
N LEU D 156 3.16 15.90 -10.81
CA LEU D 156 2.45 16.83 -9.96
C LEU D 156 2.40 18.22 -10.59
N LEU D 157 3.50 18.67 -11.20
CA LEU D 157 3.43 19.98 -11.83
C LEU D 157 2.53 19.98 -13.06
N SER D 158 2.52 18.88 -13.81
CA SER D 158 1.60 18.83 -14.93
C SER D 158 0.14 18.78 -14.48
N LEU D 159 -0.14 18.09 -13.38
CA LEU D 159 -1.50 18.03 -12.89
C LEU D 159 -1.97 19.37 -12.33
N VAL D 160 -1.10 20.08 -11.60
CA VAL D 160 -1.48 21.39 -11.11
C VAL D 160 -1.67 22.36 -12.27
N GLY D 161 -0.84 22.23 -13.30
CA GLY D 161 -1.04 23.03 -14.49
C GLY D 161 -2.38 22.75 -15.15
N PHE D 162 -2.73 21.48 -15.28
CA PHE D 162 -4.01 21.15 -15.89
C PHE D 162 -5.18 21.55 -15.02
N ILE D 163 -5.01 21.57 -13.71
CA ILE D 163 -6.15 21.94 -12.90
C ILE D 163 -6.38 23.44 -12.95
N LEU D 164 -5.31 24.23 -12.92
CA LEU D 164 -5.53 25.66 -13.12
C LEU D 164 -6.03 25.98 -14.51
N LEU D 165 -5.49 25.33 -15.53
CA LEU D 165 -5.91 25.65 -16.89
C LEU D 165 -7.29 25.14 -17.22
N ALA D 166 -7.84 24.19 -16.46
CA ALA D 166 -9.23 23.84 -16.70
C ALA D 166 -10.15 24.67 -15.84
N ALA D 167 -9.68 25.11 -14.67
CA ALA D 167 -10.47 26.03 -13.88
C ALA D 167 -10.60 27.35 -14.62
N HIS D 168 -9.59 27.68 -15.41
CA HIS D 168 -9.68 28.83 -16.29
C HIS D 168 -10.78 28.67 -17.32
N GLY D 169 -10.88 27.51 -17.94
CA GLY D 169 -11.91 27.33 -18.95
C GLY D 169 -13.31 27.30 -18.36
N ILE D 170 -13.45 26.69 -17.19
CA ILE D 170 -14.75 26.66 -16.54
C ILE D 170 -15.16 28.05 -16.08
N ALA D 171 -14.19 28.84 -15.61
CA ALA D 171 -14.48 30.21 -15.24
C ALA D 171 -14.86 31.01 -16.47
N CYS D 172 -14.23 30.68 -17.60
CA CYS D 172 -14.57 31.31 -18.86
C CYS D 172 -15.99 30.96 -19.28
N GLY D 173 -16.41 29.73 -19.01
CA GLY D 173 -17.78 29.35 -19.33
C GLY D 173 -18.76 30.11 -18.45
N TRP D 174 -18.44 30.23 -17.17
CA TRP D 174 -19.28 31.03 -16.28
C TRP D 174 -19.38 32.46 -16.72
N MET D 175 -18.27 33.07 -17.13
CA MET D 175 -18.35 34.44 -17.63
C MET D 175 -19.10 34.51 -18.94
N SER D 176 -19.10 33.42 -19.70
CA SER D 176 -19.86 33.44 -20.94
C SER D 176 -21.34 33.49 -20.63
N LEU D 177 -21.82 32.58 -19.79
CA LEU D 177 -23.24 32.60 -19.50
C LEU D 177 -23.54 33.45 -18.29
N GLN D 178 -23.03 34.67 -18.28
CA GLN D 178 -23.44 35.61 -17.27
C GLN D 178 -24.41 36.63 -17.82
N PRO D 179 -25.18 37.28 -16.95
CA PRO D 179 -25.97 38.42 -17.37
C PRO D 179 -25.05 39.55 -17.80
N PRO D 180 -25.36 40.19 -18.93
CA PRO D 180 -24.51 41.27 -19.43
C PRO D 180 -24.65 42.53 -18.59
N SER D 181 -23.53 43.02 -18.07
CA SER D 181 -23.55 44.20 -17.25
C SER D 181 -22.18 44.87 -17.35
N GLU D 182 -22.15 46.16 -17.08
CA GLU D 182 -20.90 46.90 -17.16
C GLU D 182 -19.98 46.62 -15.99
N ASN D 183 -18.79 46.12 -16.28
CA ASN D 183 -17.84 45.64 -15.30
C ASN D 183 -16.48 45.46 -15.96
N PRO D 184 -15.40 45.89 -15.32
CA PRO D 184 -14.07 45.73 -15.94
C PRO D 184 -13.72 44.25 -16.04
N ALA D 185 -13.07 43.88 -17.15
CA ALA D 185 -12.92 42.47 -17.46
C ALA D 185 -11.86 41.87 -16.56
N GLY D 186 -11.34 42.72 -15.68
CA GLY D 186 -10.47 42.28 -14.63
C GLY D 186 -11.33 42.04 -13.41
N THR D 187 -12.30 42.91 -13.18
CA THR D 187 -13.10 42.68 -12.00
C THR D 187 -14.08 41.56 -12.32
N ARG D 188 -14.18 41.22 -13.60
CA ARG D 188 -14.95 40.05 -13.97
C ARG D 188 -14.08 38.83 -14.12
N TYR D 189 -12.76 39.01 -14.19
CA TYR D 189 -11.96 37.81 -14.00
C TYR D 189 -11.79 37.51 -12.54
N LEU D 190 -11.67 38.53 -11.71
CA LEU D 190 -11.51 38.24 -10.31
C LEU D 190 -12.78 37.67 -9.74
N SER D 191 -13.94 38.16 -10.20
CA SER D 191 -15.18 37.57 -9.72
C SER D 191 -15.46 36.19 -10.30
N ALA D 192 -15.11 35.94 -11.55
CA ALA D 192 -15.37 34.61 -12.07
C ALA D 192 -14.41 33.58 -11.49
N PHE D 193 -13.16 34.00 -11.27
CA PHE D 193 -12.19 33.08 -10.69
C PHE D 193 -12.43 32.87 -9.21
N TYR D 194 -12.86 33.92 -8.51
CA TYR D 194 -13.27 33.78 -7.12
C TYR D 194 -14.48 32.87 -6.98
N TRP D 195 -15.43 32.99 -7.90
CA TRP D 195 -16.56 32.09 -7.84
C TRP D 195 -16.16 30.65 -8.10
N THR D 196 -15.35 30.42 -9.13
CA THR D 196 -15.05 29.04 -9.47
C THR D 196 -13.97 28.43 -8.59
N ILE D 197 -13.36 29.21 -7.70
CA ILE D 197 -12.54 28.62 -6.66
C ILE D 197 -13.37 28.38 -5.43
N THR D 198 -14.38 29.23 -5.19
CA THR D 198 -15.29 28.94 -4.11
C THR D 198 -16.01 27.64 -4.40
N THR D 199 -16.20 27.35 -5.68
CA THR D 199 -16.89 26.14 -6.04
C THR D 199 -15.93 24.96 -6.05
N LEU D 200 -14.74 25.16 -6.61
CA LEU D 200 -13.81 24.05 -6.72
C LEU D 200 -13.25 23.64 -5.36
N THR D 201 -13.08 24.59 -4.43
CA THR D 201 -12.55 24.29 -3.12
C THR D 201 -13.56 23.88 -2.06
N THR D 202 -14.75 23.40 -2.44
CA THR D 202 -15.79 23.00 -1.49
C THR D 202 -15.87 23.93 -0.26
N ILE D 203 -15.81 25.23 -0.48
CA ILE D 203 -15.91 26.19 0.60
C ILE D 203 -17.33 26.69 0.76
N GLY D 204 -17.87 27.36 -0.25
CA GLY D 204 -19.25 27.78 -0.31
C GLY D 204 -19.76 28.92 0.52
N TYR D 205 -19.33 30.14 0.19
CA TYR D 205 -19.87 31.31 0.85
C TYR D 205 -21.35 31.50 0.53
N GLY D 206 -21.72 31.42 -0.74
CA GLY D 206 -23.10 31.60 -1.15
C GLY D 206 -23.41 33.04 -1.46
N ASP D 207 -22.37 33.85 -1.64
CA ASP D 207 -22.50 35.27 -1.99
C ASP D 207 -22.88 35.44 -3.45
N ILE D 208 -22.49 34.52 -4.31
CA ILE D 208 -22.99 34.48 -5.67
C ILE D 208 -23.48 33.07 -6.00
N THR D 209 -24.73 33.00 -6.46
CA THR D 209 -25.55 31.80 -6.51
C THR D 209 -26.16 31.78 -7.91
N PRO D 210 -26.72 30.66 -8.35
CA PRO D 210 -27.39 30.66 -9.65
C PRO D 210 -28.67 31.48 -9.55
N SER D 211 -29.10 32.04 -10.68
CA SER D 211 -30.36 32.77 -10.70
C SER D 211 -31.36 32.15 -11.66
N THR D 212 -30.99 31.98 -12.92
CA THR D 212 -31.90 31.42 -13.91
C THR D 212 -31.80 29.91 -13.81
N PRO D 213 -32.76 29.18 -14.41
CA PRO D 213 -32.60 27.72 -14.39
C PRO D 213 -31.40 27.25 -15.21
N THR D 214 -31.09 27.92 -16.31
CA THR D 214 -29.93 27.46 -17.07
C THR D 214 -28.62 27.84 -16.38
N GLN D 215 -28.66 28.77 -15.43
CA GLN D 215 -27.51 28.95 -14.55
C GLN D 215 -27.51 27.87 -13.49
N THR D 216 -28.69 27.40 -13.09
CA THR D 216 -28.66 26.44 -12.02
C THR D 216 -28.17 25.12 -12.57
N VAL D 217 -28.53 24.80 -13.81
CA VAL D 217 -28.02 23.60 -14.46
C VAL D 217 -26.52 23.72 -14.72
N TYR D 218 -26.04 24.89 -15.16
CA TYR D 218 -24.61 25.02 -15.37
C TYR D 218 -23.85 24.93 -14.06
N THR D 219 -24.43 25.45 -12.99
CA THR D 219 -23.78 25.36 -11.70
C THR D 219 -23.80 23.95 -11.17
N ILE D 220 -24.90 23.22 -11.40
CA ILE D 220 -24.96 21.83 -10.98
C ILE D 220 -23.92 20.99 -11.70
N VAL D 221 -23.78 21.22 -13.01
CA VAL D 221 -22.86 20.38 -13.76
C VAL D 221 -21.43 20.75 -13.44
N ILE D 222 -21.17 22.01 -13.16
CA ILE D 222 -19.80 22.29 -12.78
C ILE D 222 -19.56 22.00 -11.33
N GLU D 223 -20.61 21.83 -10.53
CA GLU D 223 -20.41 21.27 -9.22
C GLU D 223 -20.01 19.81 -9.27
N LEU D 224 -20.65 19.03 -10.13
CA LEU D 224 -20.17 17.66 -10.26
C LEU D 224 -18.74 17.59 -10.79
N LEU D 225 -18.40 18.38 -11.81
CA LEU D 225 -17.02 18.32 -12.31
C LEU D 225 -16.04 18.91 -11.30
N GLY D 226 -16.46 19.92 -10.54
CA GLY D 226 -15.56 20.49 -9.55
C GLY D 226 -15.30 19.51 -8.42
N ALA D 227 -16.34 18.82 -7.97
CA ALA D 227 -16.15 17.79 -6.96
C ALA D 227 -15.28 16.66 -7.49
N ALA D 228 -15.45 16.31 -8.77
CA ALA D 228 -14.62 15.25 -9.32
C ALA D 228 -13.16 15.68 -9.44
N MET D 229 -12.94 16.89 -9.94
CA MET D 229 -11.57 17.38 -10.09
C MET D 229 -10.89 17.62 -8.75
N TYR D 230 -11.63 18.10 -7.75
CA TYR D 230 -11.02 18.34 -6.45
C TYR D 230 -10.76 17.03 -5.72
N GLY D 231 -11.60 16.03 -5.94
CA GLY D 231 -11.31 14.70 -5.43
C GLY D 231 -10.08 14.12 -6.11
N LEU D 232 -9.94 14.38 -7.40
CA LEU D 232 -8.77 13.91 -8.13
C LEU D 232 -7.53 14.61 -7.64
N VAL D 233 -7.66 15.87 -7.26
CA VAL D 233 -6.52 16.60 -6.74
C VAL D 233 -6.10 16.03 -5.40
N ILE D 234 -7.06 15.72 -4.54
CA ILE D 234 -6.70 15.14 -3.26
C ILE D 234 -6.10 13.74 -3.43
N GLY D 235 -6.62 12.96 -4.38
CA GLY D 235 -6.06 11.64 -4.60
C GLY D 235 -4.66 11.66 -5.17
N ASN D 236 -4.40 12.56 -6.12
CA ASN D 236 -3.07 12.63 -6.69
C ASN D 236 -2.06 13.24 -5.72
N ILE D 237 -2.49 14.17 -4.87
CA ILE D 237 -1.53 14.70 -3.89
C ILE D 237 -1.20 13.65 -2.85
N ALA D 238 -2.19 12.88 -2.40
CA ALA D 238 -1.89 11.84 -1.44
C ALA D 238 -1.06 10.71 -2.05
N SER D 239 -1.18 10.49 -3.36
CA SER D 239 -0.28 9.52 -3.98
C SER D 239 1.11 10.08 -4.25
N LEU D 240 1.20 11.39 -4.49
CA LEU D 240 2.50 11.97 -4.78
C LEU D 240 3.29 12.10 -3.50
N VAL D 241 2.60 12.31 -2.38
CA VAL D 241 3.37 12.40 -1.15
C VAL D 241 3.45 11.04 -0.50
N SER D 242 2.73 10.04 -1.04
CA SER D 242 2.90 8.70 -0.50
C SER D 242 4.18 8.09 -1.07
N LYS D 243 4.49 8.39 -2.34
CA LYS D 243 5.68 7.83 -2.96
C LYS D 243 6.83 8.83 -3.02
N LEU D 244 6.82 9.84 -2.16
CA LEU D 244 7.81 10.91 -2.22
C LEU D 244 9.14 10.53 -1.58
N ASP D 245 9.09 9.74 -0.51
CA ASP D 245 10.25 9.15 0.14
C ASP D 245 10.25 7.63 -0.02
N ALA D 246 11.18 7.12 -0.81
CA ALA D 246 11.27 5.68 -0.99
C ALA D 246 12.45 5.01 -0.30
N ALA D 247 13.69 5.43 -0.56
CA ALA D 247 14.80 4.77 0.10
C ALA D 247 14.85 5.08 1.59
N LYS D 248 14.37 6.26 1.96
CA LYS D 248 14.45 6.67 3.35
C LYS D 248 13.24 6.20 4.12
N LEU D 249 12.12 6.01 3.42
CA LEU D 249 10.86 5.53 4.04
C LEU D 249 10.99 4.02 4.28
N LEU D 250 11.04 3.24 3.20
CA LEU D 250 11.18 1.76 3.30
C LEU D 250 12.40 1.43 4.17
N HIS D 251 13.54 2.04 3.85
CA HIS D 251 14.80 1.81 4.62
C HIS D 251 14.51 2.05 6.11
N ARG D 252 13.99 3.23 6.44
CA ARG D 252 13.66 3.58 7.84
C ARG D 252 12.77 2.48 8.43
N GLU D 253 11.69 2.13 7.72
CA GLU D 253 10.75 1.06 8.17
C GLU D 253 11.56 -0.20 8.52
N ARG D 254 12.42 -0.65 7.59
CA ARG D 254 13.26 -1.85 7.82
C ARG D 254 13.99 -1.69 9.16
N VAL D 255 14.81 -0.63 9.27
CA VAL D 255 15.57 -0.37 10.53
C VAL D 255 14.57 -0.33 11.69
N GLU D 256 13.50 0.45 11.55
CA GLU D 256 12.45 0.56 12.61
C GLU D 256 11.99 -0.84 13.00
N ARG D 257 11.62 -1.66 12.01
CA ARG D 257 11.17 -3.05 12.26
C ARG D 257 12.20 -3.77 13.14
N VAL D 258 13.39 -3.17 13.28
CA VAL D 258 14.44 -3.74 14.11
C VAL D 258 14.70 -2.92 15.36
N THR D 259 14.11 -1.74 15.48
CA THR D 259 14.25 -1.03 16.74
C THR D 259 13.13 -1.37 17.70
N ALA D 260 11.89 -1.42 17.22
CA ALA D 260 10.84 -1.85 18.12
C ALA D 260 11.00 -3.31 18.48
N PHE D 261 11.76 -4.06 17.69
CA PHE D 261 12.10 -5.39 18.15
C PHE D 261 13.24 -5.38 19.14
N LEU D 262 14.32 -4.64 18.86
CA LEU D 262 15.41 -4.72 19.81
C LEU D 262 15.07 -3.96 21.08
N SER D 263 14.02 -3.14 21.02
CA SER D 263 13.44 -2.61 22.23
C SER D 263 12.52 -3.63 22.86
N TYR D 264 12.03 -4.58 22.05
CA TYR D 264 11.25 -5.66 22.63
C TYR D 264 12.10 -6.64 23.43
N LYS D 265 13.29 -6.96 22.94
CA LYS D 265 14.13 -7.91 23.67
C LYS D 265 14.80 -7.29 24.88
N ARG D 266 14.57 -5.99 25.14
CA ARG D 266 15.08 -5.25 26.29
C ARG D 266 16.59 -5.39 26.27
N ILE D 267 17.21 -4.86 25.25
CA ILE D 267 18.64 -4.99 25.06
C ILE D 267 19.34 -3.80 25.70
N SER D 268 20.63 -3.96 25.97
CA SER D 268 21.35 -2.85 26.57
C SER D 268 21.49 -1.76 25.49
N PRO D 269 21.48 -0.50 25.89
CA PRO D 269 21.54 0.58 24.88
C PRO D 269 22.84 0.74 24.16
N GLU D 270 23.97 0.30 24.70
CA GLU D 270 25.21 0.44 23.95
C GLU D 270 25.22 -0.37 22.67
N LEU D 271 24.86 -1.65 22.73
CA LEU D 271 24.87 -2.35 21.46
C LEU D 271 23.77 -1.89 20.54
N GLN D 272 22.63 -1.47 21.08
CA GLN D 272 21.56 -0.99 20.23
C GLN D 272 21.88 0.33 19.56
N ARG D 273 22.57 1.23 20.25
CA ARG D 273 23.04 2.45 19.62
C ARG D 273 24.10 2.15 18.58
N ARG D 274 24.92 1.14 18.84
CA ARG D 274 25.93 0.78 17.85
C ARG D 274 25.28 0.21 16.61
N ILE D 275 24.19 -0.51 16.79
CA ILE D 275 23.44 -1.03 15.65
C ILE D 275 22.79 0.11 14.90
N ILE D 276 22.26 1.09 15.64
CA ILE D 276 21.63 2.24 15.01
C ILE D 276 22.65 3.08 14.28
N GLU D 277 23.86 3.17 14.81
CA GLU D 277 24.88 3.92 14.09
C GLU D 277 25.37 3.13 12.90
N TYR D 278 25.24 1.81 12.95
CA TYR D 278 25.43 1.01 11.77
C TYR D 278 24.42 1.35 10.68
N PHE D 279 23.15 1.49 11.08
CA PHE D 279 22.14 1.82 10.08
C PHE D 279 22.29 3.25 9.59
N ASP D 280 22.82 4.10 10.46
CA ASP D 280 23.16 5.44 10.03
C ASP D 280 24.30 5.45 9.05
N TYR D 281 25.29 4.60 9.26
CA TYR D 281 26.38 4.50 8.30
C TYR D 281 25.89 3.98 6.95
N LEU D 282 25.08 2.92 6.93
CA LEU D 282 24.69 2.40 5.63
C LEU D 282 23.69 3.29 4.92
N TRP D 283 23.02 4.17 5.67
CA TRP D 283 22.26 5.20 4.99
C TRP D 283 23.21 6.27 4.46
N GLU D 284 24.10 6.76 5.31
CA GLU D 284 24.91 7.91 4.98
C GLU D 284 26.05 7.52 4.08
N THR D 285 26.05 6.27 3.65
CA THR D 285 26.90 5.87 2.56
C THR D 285 26.09 5.53 1.31
N ARG D 286 25.18 4.55 1.35
CA ARG D 286 24.57 4.21 0.07
C ARG D 286 23.08 4.48 0.04
N ARG D 287 22.57 5.35 0.90
CA ARG D 287 21.18 5.77 0.85
C ARG D 287 20.26 4.57 0.94
N GLY D 288 20.62 3.58 1.77
CA GLY D 288 19.73 2.51 2.11
C GLY D 288 19.67 1.41 1.07
N TYR D 289 20.20 1.64 -0.12
CA TYR D 289 19.98 0.70 -1.21
C TYR D 289 21.00 -0.44 -1.19
N GLU D 290 20.54 -1.65 -1.49
CA GLU D 290 21.46 -2.77 -1.50
C GLU D 290 22.04 -2.88 -2.89
N GLU D 291 23.34 -3.13 -2.98
CA GLU D 291 24.00 -3.08 -4.28
C GLU D 291 23.45 -4.17 -5.19
N ARG D 292 23.20 -5.34 -4.61
CA ARG D 292 22.83 -6.52 -5.34
C ARG D 292 21.32 -6.64 -5.53
N GLU D 293 20.56 -5.67 -5.03
CA GLU D 293 19.15 -5.70 -5.37
C GLU D 293 18.81 -4.48 -6.21
N VAL D 294 19.75 -3.56 -6.33
CA VAL D 294 19.58 -2.55 -7.36
C VAL D 294 19.99 -3.17 -8.68
N LEU D 295 21.21 -3.69 -8.78
CA LEU D 295 21.61 -4.35 -10.01
C LEU D 295 21.30 -5.84 -9.99
N LYS D 296 20.08 -6.20 -9.62
CA LYS D 296 19.55 -7.50 -9.98
C LYS D 296 18.42 -7.41 -10.99
N GLU D 297 17.94 -6.20 -11.27
CA GLU D 297 16.87 -5.95 -12.23
C GLU D 297 17.43 -5.62 -13.60
N LEU D 298 18.69 -5.96 -13.83
CA LEU D 298 19.41 -5.76 -15.07
C LEU D 298 19.73 -7.07 -15.74
N PRO D 299 19.95 -7.08 -17.04
CA PRO D 299 20.41 -8.32 -17.68
C PRO D 299 21.91 -8.51 -17.45
N HIS D 300 22.37 -9.70 -17.82
CA HIS D 300 23.77 -10.06 -17.60
C HIS D 300 24.79 -9.17 -18.28
N PRO D 301 24.62 -8.75 -19.54
CA PRO D 301 25.62 -7.84 -20.12
C PRO D 301 25.58 -6.47 -19.50
N LEU D 302 24.38 -6.01 -19.18
CA LEU D 302 24.24 -4.71 -18.55
C LEU D 302 24.71 -4.76 -17.10
N ARG D 303 24.48 -5.88 -16.43
CA ARG D 303 24.97 -6.01 -15.07
C ARG D 303 26.48 -6.07 -15.05
N LEU D 304 27.06 -6.71 -16.05
CA LEU D 304 28.51 -6.71 -16.16
C LEU D 304 29.06 -5.33 -16.44
N ALA D 305 28.38 -4.56 -17.30
CA ALA D 305 28.90 -3.24 -17.61
C ALA D 305 28.76 -2.30 -16.42
N VAL D 306 27.67 -2.41 -15.69
CA VAL D 306 27.49 -1.57 -14.50
C VAL D 306 28.47 -1.94 -13.40
N ALA D 307 28.69 -3.23 -13.15
CA ALA D 307 29.66 -3.57 -12.12
C ALA D 307 31.08 -3.18 -12.51
N MET D 308 31.42 -3.27 -13.80
CA MET D 308 32.75 -2.82 -14.18
C MET D 308 32.87 -1.30 -14.09
N GLU D 309 31.79 -0.58 -14.38
CA GLU D 309 31.87 0.85 -14.27
C GLU D 309 31.86 1.28 -12.82
N ILE D 310 31.20 0.55 -11.95
CA ILE D 310 31.19 0.97 -10.57
C ILE D 310 32.53 0.66 -9.96
N HIS D 311 32.96 -0.58 -10.07
CA HIS D 311 34.25 -0.97 -9.53
C HIS D 311 35.36 -0.94 -10.57
N GLY D 312 35.54 0.16 -11.28
CA GLY D 312 36.54 0.18 -12.33
C GLY D 312 37.90 0.49 -11.73
N ASP D 313 38.00 1.62 -11.05
CA ASP D 313 39.27 1.93 -10.43
C ASP D 313 39.30 1.34 -9.04
N VAL D 314 38.45 0.34 -8.83
CA VAL D 314 38.36 -0.43 -7.61
C VAL D 314 38.95 -1.78 -7.89
N ILE D 315 38.66 -2.30 -9.09
CA ILE D 315 39.11 -3.62 -9.44
C ILE D 315 40.51 -3.41 -9.97
N GLU D 316 40.86 -2.14 -10.19
CA GLU D 316 42.21 -1.65 -10.43
C GLU D 316 42.91 -1.16 -9.18
N LYS D 317 42.17 -0.80 -8.10
CA LYS D 317 42.87 -0.48 -6.86
C LYS D 317 43.88 -1.55 -6.49
N VAL D 318 43.66 -2.78 -6.97
CA VAL D 318 44.41 -3.91 -6.45
C VAL D 318 45.78 -3.93 -7.11
N ALA D 319 46.77 -4.44 -6.39
CA ALA D 319 48.02 -4.86 -7.00
C ALA D 319 47.89 -6.24 -7.62
N LEU D 320 46.66 -6.71 -7.83
CA LEU D 320 46.39 -8.11 -8.13
C LEU D 320 45.64 -8.34 -9.42
N PHE D 321 44.73 -7.47 -9.82
CA PHE D 321 43.97 -7.70 -11.04
C PHE D 321 44.47 -6.86 -12.18
N LYS D 322 45.58 -6.19 -12.00
CA LYS D 322 46.16 -5.39 -13.05
C LYS D 322 47.04 -6.31 -13.89
N GLY D 323 46.89 -6.24 -15.20
CA GLY D 323 47.49 -7.21 -16.09
C GLY D 323 46.70 -8.51 -16.22
N ALA D 324 45.58 -8.64 -15.51
CA ALA D 324 44.73 -9.81 -15.62
C ALA D 324 43.90 -9.71 -16.90
N GLY D 325 43.14 -10.76 -17.21
CA GLY D 325 42.35 -10.73 -18.42
C GLY D 325 41.15 -9.82 -18.25
N GLU D 326 40.60 -9.38 -19.38
CA GLU D 326 39.40 -8.48 -19.39
C GLU D 326 38.20 -9.27 -18.86
N GLU D 327 37.95 -10.45 -19.44
CA GLU D 327 36.83 -11.32 -19.01
C GLU D 327 37.04 -11.71 -17.55
N PHE D 328 38.28 -12.06 -17.19
CA PHE D 328 38.62 -12.44 -15.79
C PHE D 328 38.12 -11.34 -14.85
N ILE D 329 38.49 -10.08 -15.13
CA ILE D 329 38.06 -8.92 -14.29
C ILE D 329 36.53 -8.97 -14.16
N ARG D 330 35.83 -9.06 -15.30
CA ARG D 330 34.35 -9.13 -15.31
C ARG D 330 33.90 -10.25 -14.36
N ASP D 331 34.45 -11.46 -14.58
CA ASP D 331 34.11 -12.63 -13.72
C ASP D 331 34.33 -12.25 -12.26
N ILE D 332 35.51 -11.71 -11.94
CA ILE D 332 35.84 -11.28 -10.55
C ILE D 332 34.71 -10.36 -10.05
N ILE D 333 34.46 -9.27 -10.78
CA ILE D 333 33.36 -8.32 -10.41
C ILE D 333 32.07 -9.14 -10.26
N LEU D 334 31.69 -9.86 -11.31
CA LEU D 334 30.47 -10.71 -11.29
C LEU D 334 30.53 -11.61 -10.04
N HIS D 335 31.63 -11.52 -9.28
CA HIS D 335 31.81 -12.31 -8.09
C HIS D 335 32.30 -11.54 -6.87
N LEU D 336 32.35 -10.21 -6.90
CA LEU D 336 32.76 -9.47 -5.72
C LEU D 336 31.66 -9.37 -4.67
N GLU D 337 32.00 -9.63 -3.42
CA GLU D 337 30.98 -9.64 -2.38
C GLU D 337 31.29 -8.60 -1.31
N PRO D 338 30.36 -7.71 -1.01
CA PRO D 338 30.63 -6.64 -0.04
C PRO D 338 30.32 -7.10 1.38
N VAL D 339 31.17 -6.74 2.34
CA VAL D 339 30.82 -6.97 3.74
C VAL D 339 31.17 -5.69 4.49
N ILE D 340 30.47 -5.43 5.60
CA ILE D 340 30.67 -4.19 6.34
C ILE D 340 30.97 -4.44 7.80
N TYR D 341 32.13 -3.99 8.25
CA TYR D 341 32.58 -4.12 9.63
C TYR D 341 32.55 -2.74 10.28
N GLY D 342 31.97 -2.67 11.46
CA GLY D 342 31.90 -1.41 12.15
C GLY D 342 33.25 -1.07 12.76
N PRO D 343 33.37 0.12 13.29
CA PRO D 343 34.65 0.55 13.85
C PRO D 343 35.03 -0.20 15.10
N GLY D 344 36.11 -0.96 15.03
CA GLY D 344 36.57 -1.75 16.15
C GLY D 344 36.22 -3.22 16.09
N GLU D 345 35.48 -3.66 15.09
CA GLU D 345 35.13 -5.07 15.01
C GLU D 345 36.36 -5.92 14.72
N TYR D 346 36.31 -7.18 15.14
CA TYR D 346 37.37 -8.12 14.79
C TYR D 346 36.93 -8.80 13.52
N ILE D 347 37.67 -8.62 12.43
CA ILE D 347 37.34 -9.37 11.24
C ILE D 347 38.08 -10.69 11.25
N ILE D 348 39.38 -10.61 11.46
CA ILE D 348 40.24 -11.77 11.55
C ILE D 348 41.14 -11.72 12.78
N ARG D 349 41.16 -12.81 13.52
CA ARG D 349 42.10 -13.02 14.61
C ARG D 349 43.17 -13.98 14.13
N ALA D 350 44.42 -13.63 14.37
CA ALA D 350 45.55 -14.42 13.89
C ALA D 350 45.58 -15.72 14.66
N GLY D 351 45.58 -16.83 13.91
CA GLY D 351 45.54 -18.15 14.49
C GLY D 351 44.22 -18.86 14.26
N GLU D 352 43.26 -18.19 13.64
CA GLU D 352 41.99 -18.82 13.32
C GLU D 352 42.21 -19.73 12.11
N MET D 353 41.18 -20.46 11.70
CA MET D 353 41.34 -21.26 10.49
C MET D 353 41.44 -20.42 9.21
N GLY D 354 40.40 -19.69 8.87
CA GLY D 354 40.48 -18.76 7.74
C GLY D 354 40.34 -19.45 6.40
N SER D 355 39.52 -18.90 5.51
CA SER D 355 39.32 -19.54 4.20
C SER D 355 39.50 -18.53 3.07
N ASP D 356 39.01 -17.32 3.29
CA ASP D 356 38.68 -16.38 2.24
C ASP D 356 39.53 -15.12 2.34
N VAL D 357 39.69 -14.45 1.21
CA VAL D 357 40.55 -13.28 1.11
C VAL D 357 39.65 -12.06 1.17
N TYR D 358 40.19 -10.97 1.68
CA TYR D 358 39.38 -9.79 1.85
C TYR D 358 40.04 -8.63 1.14
N PHE D 359 39.24 -7.86 0.44
CA PHE D 359 39.68 -6.64 -0.22
C PHE D 359 38.98 -5.45 0.40
N ILE D 360 39.78 -4.49 0.86
CA ILE D 360 39.19 -3.29 1.45
C ILE D 360 38.78 -2.35 0.35
N ASN D 361 37.56 -1.84 0.44
CA ASN D 361 37.10 -0.88 -0.53
C ASN D 361 36.99 0.53 0.03
N ARG D 362 36.37 0.68 1.20
CA ARG D 362 36.09 2.04 1.64
C ARG D 362 36.71 2.38 2.99
N GLY D 363 36.53 1.52 4.00
CA GLY D 363 36.96 1.90 5.32
C GLY D 363 38.43 1.63 5.58
N SER D 364 38.80 1.68 6.85
CA SER D 364 40.13 1.35 7.30
C SER D 364 40.10 0.07 8.13
N VAL D 365 41.29 -0.45 8.43
CA VAL D 365 41.44 -1.64 9.24
C VAL D 365 42.85 -1.64 9.81
N GLU D 366 43.11 -2.45 10.82
CA GLU D 366 44.47 -2.54 11.31
C GLU D 366 44.87 -4.00 11.39
N VAL D 367 46.18 -4.22 11.29
CA VAL D 367 46.80 -5.54 11.25
C VAL D 367 47.63 -5.77 12.50
N LEU D 368 47.34 -6.86 13.20
CA LEU D 368 47.99 -7.21 14.44
C LEU D 368 48.63 -8.58 14.29
N SER D 369 49.60 -8.86 15.15
CA SER D 369 50.27 -10.15 15.15
C SER D 369 49.41 -11.19 15.82
N ALA D 370 49.96 -12.40 15.94
CA ALA D 370 49.18 -13.53 16.41
C ALA D 370 48.83 -13.38 17.89
N ASP D 371 49.69 -12.73 18.65
CA ASP D 371 49.43 -12.44 20.05
C ASP D 371 48.63 -11.16 20.22
N GLU D 372 48.42 -10.46 19.11
CA GLU D 372 47.70 -9.19 19.07
C GLU D 372 48.39 -8.18 19.98
N LYS D 373 49.71 -8.25 20.01
CA LYS D 373 50.58 -7.36 20.75
C LYS D 373 51.47 -6.53 19.85
N THR D 374 52.07 -7.17 18.86
CA THR D 374 52.97 -6.54 17.91
C THR D 374 52.18 -6.21 16.65
N ARG D 375 52.12 -4.93 16.32
CA ARG D 375 51.40 -4.47 15.15
C ARG D 375 52.21 -4.68 13.88
N TYR D 376 51.66 -5.46 12.95
CA TYR D 376 52.34 -5.65 11.67
C TYR D 376 52.25 -4.39 10.83
N ALA D 377 51.04 -4.00 10.50
CA ALA D 377 50.75 -2.85 9.67
C ALA D 377 49.33 -2.40 9.96
N ILE D 378 48.83 -1.45 9.17
CA ILE D 378 47.47 -0.95 9.28
C ILE D 378 47.00 -0.72 7.86
N LEU D 379 45.88 -1.33 7.49
CA LEU D 379 45.40 -1.26 6.12
C LEU D 379 44.26 -0.24 5.99
N SER D 380 44.02 0.14 4.74
CA SER D 380 43.07 1.19 4.41
C SER D 380 42.29 0.73 3.20
N GLU D 381 41.54 1.63 2.58
CA GLU D 381 40.71 1.20 1.46
C GLU D 381 41.59 0.93 0.26
N GLY D 382 41.16 -0.02 -0.57
CA GLY D 382 41.98 -0.40 -1.69
C GLY D 382 42.91 -1.56 -1.40
N GLN D 383 43.22 -1.79 -0.13
CA GLN D 383 44.17 -2.83 0.24
C GLN D 383 43.42 -4.13 0.54
N PHE D 384 44.11 -5.13 1.07
CA PHE D 384 43.54 -6.46 1.10
C PHE D 384 44.19 -7.35 2.15
N PHE D 385 43.41 -8.29 2.69
CA PHE D 385 43.92 -9.29 3.62
C PHE D 385 43.25 -10.62 3.32
N GLY D 386 43.69 -11.64 4.04
CA GLY D 386 43.24 -13.01 3.91
C GLY D 386 43.74 -13.69 2.68
N GLU D 387 44.83 -13.20 2.10
CA GLU D 387 45.33 -13.82 0.90
C GLU D 387 46.02 -15.14 1.18
N MET D 388 46.48 -15.36 2.41
CA MET D 388 47.15 -16.62 2.75
C MET D 388 46.12 -17.60 3.32
N ALA D 389 45.00 -17.72 2.61
CA ALA D 389 43.98 -18.72 2.93
C ALA D 389 43.41 -19.44 1.73
N LEU D 390 43.54 -18.84 0.55
CA LEU D 390 43.03 -19.48 -0.67
C LEU D 390 43.92 -20.59 -1.17
N ILE D 391 45.22 -20.34 -1.38
CA ILE D 391 46.01 -21.40 -1.97
C ILE D 391 46.36 -22.45 -0.93
N LEU D 392 46.15 -22.13 0.34
CA LEU D 392 46.68 -22.93 1.42
C LEU D 392 45.64 -23.02 2.53
N ARG D 393 45.69 -24.13 3.25
CA ARG D 393 44.83 -24.39 4.40
C ARG D 393 45.55 -24.07 5.70
N ALA D 394 46.31 -22.99 5.69
CA ALA D 394 47.03 -22.45 6.82
C ALA D 394 46.12 -21.59 7.70
N PRO D 395 46.49 -21.42 8.96
CA PRO D 395 45.74 -20.52 9.84
C PRO D 395 46.20 -19.07 9.66
N ARG D 396 45.36 -18.17 10.16
CA ARG D 396 45.62 -16.75 10.04
C ARG D 396 47.01 -16.34 10.53
N THR D 397 47.60 -15.41 9.79
CA THR D 397 48.95 -14.91 10.02
C THR D 397 48.98 -13.54 10.65
N ALA D 398 47.83 -12.87 10.77
CA ALA D 398 47.82 -11.57 11.39
C ALA D 398 46.42 -11.32 11.92
N THR D 399 46.33 -10.48 12.95
CA THR D 399 45.03 -10.20 13.55
C THR D 399 44.45 -8.92 12.94
N VAL D 400 43.23 -9.03 12.45
CA VAL D 400 42.61 -7.94 11.71
C VAL D 400 41.46 -7.30 12.47
N ARG D 401 41.71 -6.15 13.08
CA ARG D 401 40.67 -5.43 13.79
C ARG D 401 40.17 -4.32 12.88
N ALA D 402 38.86 -4.10 12.87
CA ALA D 402 38.38 -2.98 12.11
C ALA D 402 38.75 -1.69 12.81
N ARG D 403 38.77 -0.60 12.05
CA ARG D 403 39.05 0.68 12.65
C ARG D 403 37.86 1.63 12.52
N ALA D 404 37.35 1.81 11.30
CA ALA D 404 36.08 2.47 11.06
C ALA D 404 35.11 1.51 10.40
N PHE D 405 33.97 2.01 9.95
CA PHE D 405 33.07 1.19 9.14
C PHE D 405 33.78 0.89 7.83
N CYS D 406 33.65 -0.35 7.34
CA CYS D 406 34.61 -0.79 6.35
C CYS D 406 34.14 -0.80 4.90
N ASP D 407 32.96 -1.36 4.60
CA ASP D 407 32.55 -1.56 3.22
C ASP D 407 33.63 -2.33 2.46
N LEU D 408 33.87 -3.55 2.89
CA LEU D 408 34.96 -4.37 2.38
C LEU D 408 34.46 -5.59 1.63
N TYR D 409 35.20 -5.95 0.60
CA TYR D 409 34.86 -7.05 -0.29
C TYR D 409 35.61 -8.30 0.07
N ARG D 410 34.90 -9.42 -0.03
CA ARG D 410 35.43 -10.73 0.31
C ARG D 410 35.23 -11.63 -0.88
N LEU D 411 36.04 -12.69 -0.92
CA LEU D 411 36.01 -13.64 -2.01
C LEU D 411 35.94 -15.07 -1.51
N ASP D 412 34.89 -15.79 -1.89
CA ASP D 412 34.73 -17.13 -1.38
C ASP D 412 35.80 -18.02 -1.99
N LYS D 413 36.03 -19.17 -1.36
CA LYS D 413 37.05 -20.07 -1.87
C LYS D 413 36.66 -20.83 -3.14
N GLU D 414 35.44 -21.35 -3.23
CA GLU D 414 35.12 -22.13 -4.44
C GLU D 414 35.10 -21.28 -5.70
N THR D 415 34.54 -20.08 -5.64
CA THR D 415 34.55 -19.28 -6.85
C THR D 415 35.95 -18.83 -7.21
N PHE D 416 36.73 -18.45 -6.20
CA PHE D 416 38.10 -18.02 -6.46
C PHE D 416 38.98 -19.13 -6.99
N ASP D 417 38.94 -20.32 -6.40
CA ASP D 417 39.77 -21.36 -6.97
C ASP D 417 39.22 -21.92 -8.27
N ARG D 418 37.95 -21.63 -8.58
CA ARG D 418 37.44 -22.06 -9.86
C ARG D 418 37.89 -21.12 -10.96
N ILE D 419 37.85 -19.82 -10.71
CA ILE D 419 38.28 -18.91 -11.75
C ILE D 419 39.74 -18.53 -11.58
N LEU D 420 40.43 -19.14 -10.61
CA LEU D 420 41.88 -19.07 -10.54
C LEU D 420 42.57 -20.26 -11.16
N SER D 421 41.89 -21.40 -11.29
CA SER D 421 42.63 -22.52 -11.84
C SER D 421 42.88 -22.28 -13.31
N ARG D 422 41.97 -21.59 -13.96
CA ARG D 422 42.02 -21.31 -15.38
C ARG D 422 42.74 -20.01 -15.71
N TYR D 423 43.22 -19.27 -14.71
CA TYR D 423 44.11 -18.14 -14.96
C TYR D 423 45.50 -18.31 -14.37
N PRO D 424 46.52 -18.50 -15.22
CA PRO D 424 47.84 -18.86 -14.68
C PRO D 424 48.56 -17.64 -14.14
N GLU D 425 48.34 -16.49 -14.77
CA GLU D 425 49.11 -15.29 -14.47
C GLU D 425 48.73 -14.70 -13.12
N ILE D 426 47.46 -14.79 -12.73
CA ILE D 426 47.12 -14.33 -11.40
C ILE D 426 47.50 -15.37 -10.35
N ALA D 427 47.56 -16.64 -10.72
CA ALA D 427 48.08 -17.63 -9.79
C ALA D 427 49.58 -17.42 -9.54
N ALA D 428 50.23 -16.70 -10.46
CA ALA D 428 51.59 -16.28 -10.16
C ALA D 428 51.60 -14.92 -9.50
N GLN D 429 50.59 -14.09 -9.77
CA GLN D 429 50.56 -12.80 -9.11
C GLN D 429 50.34 -13.01 -7.63
N ILE D 430 49.58 -14.05 -7.29
CA ILE D 430 49.30 -14.37 -5.90
C ILE D 430 50.36 -15.25 -5.25
N GLN D 431 51.21 -15.92 -6.04
CA GLN D 431 52.18 -16.76 -5.33
C GLN D 431 53.26 -15.90 -4.68
#